data_7LOF
# 
_entry.id   7LOF 
# 
_audit_conform.dict_name       mmcif_pdbx.dic 
_audit_conform.dict_version    5.380 
_audit_conform.dict_location   http://mmcif.pdb.org/dictionaries/ascii/mmcif_pdbx.dic 
# 
loop_
_database_2.database_id 
_database_2.database_code 
_database_2.pdbx_database_accession 
_database_2.pdbx_DOI 
PDB   7LOF         pdb_00007lof 10.2210/pdb7lof/pdb 
WWPDB D_1000254733 ?            ?                   
# 
_pdbx_database_status.status_code                     REL 
_pdbx_database_status.status_code_sf                  REL 
_pdbx_database_status.status_code_mr                  ? 
_pdbx_database_status.entry_id                        7LOF 
_pdbx_database_status.recvd_initial_deposition_date   2021-02-10 
_pdbx_database_status.SG_entry                        N 
_pdbx_database_status.deposit_site                    RCSB 
_pdbx_database_status.process_site                    RCSB 
_pdbx_database_status.status_code_cs                  ? 
_pdbx_database_status.status_code_nmr_data            ? 
_pdbx_database_status.methods_development_category    ? 
_pdbx_database_status.pdb_format_compatible           Y 
# 
loop_
_audit_author.name 
_audit_author.pdbx_ordinal 
_audit_author.identifier_ORCID 
'Kamenik, A.S.'  1 ? 
'Singh, I.'      2 ? 
'Lak, P.'        3 ? 
'Balius, T.E.'   4 ? 
'Liedl, K.R.'    5 ? 
'Shoichet, B.K.' 6 ? 
# 
_citation.abstract                  ? 
_citation.abstract_id_CAS           ? 
_citation.book_id_ISBN              ? 
_citation.book_publisher            ? 
_citation.book_publisher_city       ? 
_citation.book_title                ? 
_citation.coordinate_linkage        ? 
_citation.country                   US 
_citation.database_id_Medline       ? 
_citation.details                   ? 
_citation.id                        primary 
_citation.journal_abbrev            Proc.Natl.Acad.Sci.USA 
_citation.journal_id_ASTM           PNASA6 
_citation.journal_id_CSD            0040 
_citation.journal_id_ISSN           1091-6490 
_citation.journal_full              ? 
_citation.journal_issue             ? 
_citation.journal_volume            118 
_citation.language                  ? 
_citation.page_first                ? 
_citation.page_last                 ? 
_citation.title                     'Energy penalties enhance flexible receptor docking in a model cavity.' 
_citation.year                      2021 
_citation.database_id_CSD           ? 
_citation.pdbx_database_id_DOI      10.1073/pnas.2106195118 
_citation.pdbx_database_id_PubMed   34475217 
_citation.pdbx_database_id_patent   ? 
_citation.unpublished_flag          ? 
# 
loop_
_citation_author.citation_id 
_citation_author.name 
_citation_author.ordinal 
_citation_author.identifier_ORCID 
primary 'Kamenik, A.S.'  1 0000-0001-8657-0036 
primary 'Singh, I.'      2 ?                   
primary 'Lak, P.'        3 ?                   
primary 'Balius, T.E.'   4 0000-0002-6811-4667 
primary 'Liedl, K.R.'    5 ?                   
primary 'Shoichet, B.K.' 6 0000-0002-6098-7367 
# 
_cell.angle_alpha                  90.000 
_cell.angle_alpha_esd              ? 
_cell.angle_beta                   90.000 
_cell.angle_beta_esd               ? 
_cell.angle_gamma                  120.000 
_cell.angle_gamma_esd              ? 
_cell.entry_id                     7LOF 
_cell.details                      ? 
_cell.formula_units_Z              ? 
_cell.length_a                     60.181 
_cell.length_a_esd                 ? 
_cell.length_b                     60.181 
_cell.length_b_esd                 ? 
_cell.length_c                     96.346 
_cell.length_c_esd                 ? 
_cell.volume                       ? 
_cell.volume_esd                   ? 
_cell.Z_PDB                        6 
_cell.reciprocal_angle_alpha       ? 
_cell.reciprocal_angle_beta        ? 
_cell.reciprocal_angle_gamma       ? 
_cell.reciprocal_angle_alpha_esd   ? 
_cell.reciprocal_angle_beta_esd    ? 
_cell.reciprocal_angle_gamma_esd   ? 
_cell.reciprocal_length_a          ? 
_cell.reciprocal_length_b          ? 
_cell.reciprocal_length_c          ? 
_cell.reciprocal_length_a_esd      ? 
_cell.reciprocal_length_b_esd      ? 
_cell.reciprocal_length_c_esd      ? 
_cell.pdbx_unique_axis             ? 
# 
_symmetry.entry_id                         7LOF 
_symmetry.cell_setting                     ? 
_symmetry.Int_Tables_number                154 
_symmetry.space_group_name_Hall            ? 
_symmetry.space_group_name_H-M             'P 32 2 1' 
_symmetry.pdbx_full_space_group_name_H-M   ? 
# 
loop_
_entity.id 
_entity.type 
_entity.src_method 
_entity.pdbx_description 
_entity.formula_weight 
_entity.pdbx_number_of_molecules 
_entity.pdbx_ec 
_entity.pdbx_mutation 
_entity.pdbx_fragment 
_entity.details 
1 polymer     man Lysozyme                                 19691.541 1   3.2.1.17 L99A ? ? 
2 non-polymer syn 2-butylthiophene                         140.246   1   ?        ?    ? ? 
3 non-polymer syn BETA-MERCAPTOETHANOL                     78.133    1   ?        ?    ? ? 
4 non-polymer syn 2-AMINO-2-HYDROXYMETHYL-PROPANE-1,3-DIOL 122.143   1   ?        ?    ? ? 
5 water       nat water                                    18.015    116 ?        ?    ? ? 
# 
_entity_name_com.entity_id   1 
_entity_name_com.name        'Endolysin,Lysis protein,Muramidase' 
# 
_entity_poly.entity_id                      1 
_entity_poly.type                           'polypeptide(L)' 
_entity_poly.nstd_linkage                   no 
_entity_poly.nstd_monomer                   no 
_entity_poly.pdbx_seq_one_letter_code       
;MNIFEMLRIDEGLRLKIYKDTEGYYTIGIGHLLTKSPSLNAAKSELDKAIGRNCNGVITKDEAEKLFNQDVDAAVRGILR
NAKLKPVYDSLDAVRRCAAINMVFQMGETGVAGFTNSLRMLQQKRWDEAAVNLAKSRWYNQTPNRAKRVITTFRTGTWDA
YKNLLEHHHHHH
;
_entity_poly.pdbx_seq_one_letter_code_can   
;MNIFEMLRIDEGLRLKIYKDTEGYYTIGIGHLLTKSPSLNAAKSELDKAIGRNCNGVITKDEAEKLFNQDVDAAVRGILR
NAKLKPVYDSLDAVRRCAAINMVFQMGETGVAGFTNSLRMLQQKRWDEAAVNLAKSRWYNQTPNRAKRVITTFRTGTWDA
YKNLLEHHHHHH
;
_entity_poly.pdbx_strand_id                 A 
_entity_poly.pdbx_target_identifier         ? 
# 
loop_
_entity_poly_seq.entity_id 
_entity_poly_seq.num 
_entity_poly_seq.mon_id 
_entity_poly_seq.hetero 
1 1   MET n 
1 2   ASN n 
1 3   ILE n 
1 4   PHE n 
1 5   GLU n 
1 6   MET n 
1 7   LEU n 
1 8   ARG n 
1 9   ILE n 
1 10  ASP n 
1 11  GLU n 
1 12  GLY n 
1 13  LEU n 
1 14  ARG n 
1 15  LEU n 
1 16  LYS n 
1 17  ILE n 
1 18  TYR n 
1 19  LYS n 
1 20  ASP n 
1 21  THR n 
1 22  GLU n 
1 23  GLY n 
1 24  TYR n 
1 25  TYR n 
1 26  THR n 
1 27  ILE n 
1 28  GLY n 
1 29  ILE n 
1 30  GLY n 
1 31  HIS n 
1 32  LEU n 
1 33  LEU n 
1 34  THR n 
1 35  LYS n 
1 36  SER n 
1 37  PRO n 
1 38  SER n 
1 39  LEU n 
1 40  ASN n 
1 41  ALA n 
1 42  ALA n 
1 43  LYS n 
1 44  SER n 
1 45  GLU n 
1 46  LEU n 
1 47  ASP n 
1 48  LYS n 
1 49  ALA n 
1 50  ILE n 
1 51  GLY n 
1 52  ARG n 
1 53  ASN n 
1 54  CYS n 
1 55  ASN n 
1 56  GLY n 
1 57  VAL n 
1 58  ILE n 
1 59  THR n 
1 60  LYS n 
1 61  ASP n 
1 62  GLU n 
1 63  ALA n 
1 64  GLU n 
1 65  LYS n 
1 66  LEU n 
1 67  PHE n 
1 68  ASN n 
1 69  GLN n 
1 70  ASP n 
1 71  VAL n 
1 72  ASP n 
1 73  ALA n 
1 74  ALA n 
1 75  VAL n 
1 76  ARG n 
1 77  GLY n 
1 78  ILE n 
1 79  LEU n 
1 80  ARG n 
1 81  ASN n 
1 82  ALA n 
1 83  LYS n 
1 84  LEU n 
1 85  LYS n 
1 86  PRO n 
1 87  VAL n 
1 88  TYR n 
1 89  ASP n 
1 90  SER n 
1 91  LEU n 
1 92  ASP n 
1 93  ALA n 
1 94  VAL n 
1 95  ARG n 
1 96  ARG n 
1 97  CYS n 
1 98  ALA n 
1 99  ALA n 
1 100 ILE n 
1 101 ASN n 
1 102 MET n 
1 103 VAL n 
1 104 PHE n 
1 105 GLN n 
1 106 MET n 
1 107 GLY n 
1 108 GLU n 
1 109 THR n 
1 110 GLY n 
1 111 VAL n 
1 112 ALA n 
1 113 GLY n 
1 114 PHE n 
1 115 THR n 
1 116 ASN n 
1 117 SER n 
1 118 LEU n 
1 119 ARG n 
1 120 MET n 
1 121 LEU n 
1 122 GLN n 
1 123 GLN n 
1 124 LYS n 
1 125 ARG n 
1 126 TRP n 
1 127 ASP n 
1 128 GLU n 
1 129 ALA n 
1 130 ALA n 
1 131 VAL n 
1 132 ASN n 
1 133 LEU n 
1 134 ALA n 
1 135 LYS n 
1 136 SER n 
1 137 ARG n 
1 138 TRP n 
1 139 TYR n 
1 140 ASN n 
1 141 GLN n 
1 142 THR n 
1 143 PRO n 
1 144 ASN n 
1 145 ARG n 
1 146 ALA n 
1 147 LYS n 
1 148 ARG n 
1 149 VAL n 
1 150 ILE n 
1 151 THR n 
1 152 THR n 
1 153 PHE n 
1 154 ARG n 
1 155 THR n 
1 156 GLY n 
1 157 THR n 
1 158 TRP n 
1 159 ASP n 
1 160 ALA n 
1 161 TYR n 
1 162 LYS n 
1 163 ASN n 
1 164 LEU n 
1 165 LEU n 
1 166 GLU n 
1 167 HIS n 
1 168 HIS n 
1 169 HIS n 
1 170 HIS n 
1 171 HIS n 
1 172 HIS n 
# 
_entity_src_gen.entity_id                          1 
_entity_src_gen.pdbx_src_id                        1 
_entity_src_gen.pdbx_alt_source_flag               sample 
_entity_src_gen.pdbx_seq_type                      'Biological sequence' 
_entity_src_gen.pdbx_beg_seq_num                   1 
_entity_src_gen.pdbx_end_seq_num                   172 
_entity_src_gen.gene_src_common_name               'Bacteriophage T4' 
_entity_src_gen.gene_src_genus                     ? 
_entity_src_gen.pdbx_gene_src_gene                 'e, T4Tp126' 
_entity_src_gen.gene_src_species                   ? 
_entity_src_gen.gene_src_strain                    ? 
_entity_src_gen.gene_src_tissue                    ? 
_entity_src_gen.gene_src_tissue_fraction           ? 
_entity_src_gen.gene_src_details                   ? 
_entity_src_gen.pdbx_gene_src_fragment             ? 
_entity_src_gen.pdbx_gene_src_scientific_name      'Enterobacteria phage T4' 
_entity_src_gen.pdbx_gene_src_ncbi_taxonomy_id     10665 
_entity_src_gen.pdbx_gene_src_variant              ? 
_entity_src_gen.pdbx_gene_src_cell_line            ? 
_entity_src_gen.pdbx_gene_src_atcc                 ? 
_entity_src_gen.pdbx_gene_src_organ                ? 
_entity_src_gen.pdbx_gene_src_organelle            ? 
_entity_src_gen.pdbx_gene_src_cell                 ? 
_entity_src_gen.pdbx_gene_src_cellular_location    ? 
_entity_src_gen.host_org_common_name               ? 
_entity_src_gen.pdbx_host_org_scientific_name      
;Escherichia coli 'BL21-Gold(DE3)pLysS AG'
;
_entity_src_gen.pdbx_host_org_ncbi_taxonomy_id     866768 
_entity_src_gen.host_org_genus                     ? 
_entity_src_gen.pdbx_host_org_gene                 ? 
_entity_src_gen.pdbx_host_org_organ                ? 
_entity_src_gen.host_org_species                   ? 
_entity_src_gen.pdbx_host_org_tissue               ? 
_entity_src_gen.pdbx_host_org_tissue_fraction      ? 
_entity_src_gen.pdbx_host_org_strain               ? 
_entity_src_gen.pdbx_host_org_variant              ? 
_entity_src_gen.pdbx_host_org_cell_line            ? 
_entity_src_gen.pdbx_host_org_atcc                 ? 
_entity_src_gen.pdbx_host_org_culture_collection   ? 
_entity_src_gen.pdbx_host_org_cell                 ? 
_entity_src_gen.pdbx_host_org_organelle            ? 
_entity_src_gen.pdbx_host_org_cellular_location    ? 
_entity_src_gen.pdbx_host_org_vector_type          ? 
_entity_src_gen.pdbx_host_org_vector               ? 
_entity_src_gen.host_org_details                   ? 
_entity_src_gen.expression_system_id               ? 
_entity_src_gen.plasmid_name                       ? 
_entity_src_gen.plasmid_details                    ? 
_entity_src_gen.pdbx_description                   ? 
# 
_struct_ref.id                         1 
_struct_ref.db_name                    UNP 
_struct_ref.db_code                    D9IEF7_BPT4 
_struct_ref.pdbx_db_accession          D9IEF7 
_struct_ref.pdbx_db_isoform            ? 
_struct_ref.entity_id                  1 
_struct_ref.pdbx_seq_one_letter_code   
;MNIFEMLRIDEGLRLKIYKDTEGYYTIGIGHLLTKSPSLNAAKSELDKAIGRNCNGVITKDEAEKLFNQDVDAAVRGILR
NAKLKPVYDSLDAVRRCALINMVFQMGETGVAGFTNSLRMLQQKRWDEAAVNLAKSRWYNQTPNRAKRVITTFRTGTWDA
YKNL
;
_struct_ref.pdbx_align_begin           1 
# 
_struct_ref_seq.align_id                      1 
_struct_ref_seq.ref_id                        1 
_struct_ref_seq.pdbx_PDB_id_code              7LOF 
_struct_ref_seq.pdbx_strand_id                A 
_struct_ref_seq.seq_align_beg                 1 
_struct_ref_seq.pdbx_seq_align_beg_ins_code   ? 
_struct_ref_seq.seq_align_end                 164 
_struct_ref_seq.pdbx_seq_align_end_ins_code   ? 
_struct_ref_seq.pdbx_db_accession             D9IEF7 
_struct_ref_seq.db_align_beg                  1 
_struct_ref_seq.pdbx_db_align_beg_ins_code    ? 
_struct_ref_seq.db_align_end                  164 
_struct_ref_seq.pdbx_db_align_end_ins_code    ? 
_struct_ref_seq.pdbx_auth_seq_align_beg       1 
_struct_ref_seq.pdbx_auth_seq_align_end       164 
# 
loop_
_struct_ref_seq_dif.align_id 
_struct_ref_seq_dif.pdbx_pdb_id_code 
_struct_ref_seq_dif.mon_id 
_struct_ref_seq_dif.pdbx_pdb_strand_id 
_struct_ref_seq_dif.seq_num 
_struct_ref_seq_dif.pdbx_pdb_ins_code 
_struct_ref_seq_dif.pdbx_seq_db_name 
_struct_ref_seq_dif.pdbx_seq_db_accession_code 
_struct_ref_seq_dif.db_mon_id 
_struct_ref_seq_dif.pdbx_seq_db_seq_num 
_struct_ref_seq_dif.details 
_struct_ref_seq_dif.pdbx_auth_seq_num 
_struct_ref_seq_dif.pdbx_ordinal 
1 7LOF ALA A 99  ? UNP D9IEF7 LEU 99 'engineered mutation' 99  1 
1 7LOF LEU A 165 ? UNP D9IEF7 ?   ?  'expression tag'      165 2 
1 7LOF GLU A 166 ? UNP D9IEF7 ?   ?  'expression tag'      166 3 
1 7LOF HIS A 167 ? UNP D9IEF7 ?   ?  'expression tag'      167 4 
1 7LOF HIS A 168 ? UNP D9IEF7 ?   ?  'expression tag'      168 5 
1 7LOF HIS A 169 ? UNP D9IEF7 ?   ?  'expression tag'      169 6 
1 7LOF HIS A 170 ? UNP D9IEF7 ?   ?  'expression tag'      170 7 
1 7LOF HIS A 171 ? UNP D9IEF7 ?   ?  'expression tag'      171 8 
1 7LOF HIS A 172 ? UNP D9IEF7 ?   ?  'expression tag'      172 9 
# 
loop_
_chem_comp.id 
_chem_comp.type 
_chem_comp.mon_nstd_flag 
_chem_comp.name 
_chem_comp.pdbx_synonyms 
_chem_comp.formula 
_chem_comp.formula_weight 
ALA 'L-peptide linking' y ALANINE                                  ?             'C3 H7 N O2'     89.093  
ARG 'L-peptide linking' y ARGININE                                 ?             'C6 H15 N4 O2 1' 175.209 
ASN 'L-peptide linking' y ASPARAGINE                               ?             'C4 H8 N2 O3'    132.118 
ASP 'L-peptide linking' y 'ASPARTIC ACID'                          ?             'C4 H7 N O4'     133.103 
BME non-polymer         . BETA-MERCAPTOETHANOL                     ?             'C2 H6 O S'      78.133  
CYS 'L-peptide linking' y CYSTEINE                                 ?             'C3 H7 N O2 S'   121.158 
GLN 'L-peptide linking' y GLUTAMINE                                ?             'C5 H10 N2 O3'   146.144 
GLU 'L-peptide linking' y 'GLUTAMIC ACID'                          ?             'C5 H9 N O4'     147.129 
GLY 'peptide linking'   y GLYCINE                                  ?             'C2 H5 N O2'     75.067  
HIS 'L-peptide linking' y HISTIDINE                                ?             'C6 H10 N3 O2 1' 156.162 
HOH non-polymer         . WATER                                    ?             'H2 O'           18.015  
ILE 'L-peptide linking' y ISOLEUCINE                               ?             'C6 H13 N O2'    131.173 
LEU 'L-peptide linking' y LEUCINE                                  ?             'C6 H13 N O2'    131.173 
LYS 'L-peptide linking' y LYSINE                                   ?             'C6 H15 N2 O2 1' 147.195 
MET 'L-peptide linking' y METHIONINE                               ?             'C5 H11 N O2 S'  149.211 
PHE 'L-peptide linking' y PHENYLALANINE                            ?             'C9 H11 N O2'    165.189 
PRO 'L-peptide linking' y PROLINE                                  ?             'C5 H9 N O2'     115.130 
SER 'L-peptide linking' y SERINE                                   ?             'C3 H7 N O3'     105.093 
THR 'L-peptide linking' y THREONINE                                ?             'C4 H9 N O3'     119.119 
TRP 'L-peptide linking' y TRYPTOPHAN                               ?             'C11 H12 N2 O2'  204.225 
TRS non-polymer         . 2-AMINO-2-HYDROXYMETHYL-PROPANE-1,3-DIOL 'TRIS BUFFER' 'C4 H12 N O3 1'  122.143 
TYR 'L-peptide linking' y TYROSINE                                 ?             'C9 H11 N O3'    181.189 
VAL 'L-peptide linking' y VALINE                                   ?             'C5 H11 N O2'    117.146 
Y8G non-polymer         . 2-butylthiophene                         ?             'C8 H12 S'       140.246 
# 
_exptl.absorpt_coefficient_mu     ? 
_exptl.absorpt_correction_T_max   ? 
_exptl.absorpt_correction_T_min   ? 
_exptl.absorpt_correction_type    ? 
_exptl.absorpt_process_details    ? 
_exptl.entry_id                   7LOF 
_exptl.crystals_number            1 
_exptl.details                    ? 
_exptl.method                     'X-RAY DIFFRACTION' 
_exptl.method_details             ? 
# 
_exptl_crystal.colour                      ? 
_exptl_crystal.density_diffrn              ? 
_exptl_crystal.density_Matthews            2.56 
_exptl_crystal.density_method              ? 
_exptl_crystal.density_percent_sol         51.91 
_exptl_crystal.description                 ? 
_exptl_crystal.F_000                       ? 
_exptl_crystal.id                          1 
_exptl_crystal.preparation                 ? 
_exptl_crystal.size_max                    ? 
_exptl_crystal.size_mid                    ? 
_exptl_crystal.size_min                    ? 
_exptl_crystal.size_rad                    ? 
_exptl_crystal.colour_lustre               ? 
_exptl_crystal.colour_modifier             ? 
_exptl_crystal.colour_primary              ? 
_exptl_crystal.density_meas                ? 
_exptl_crystal.density_meas_esd            ? 
_exptl_crystal.density_meas_gt             ? 
_exptl_crystal.density_meas_lt             ? 
_exptl_crystal.density_meas_temp           ? 
_exptl_crystal.density_meas_temp_esd       ? 
_exptl_crystal.density_meas_temp_gt        ? 
_exptl_crystal.density_meas_temp_lt        ? 
_exptl_crystal.pdbx_crystal_image_url      ? 
_exptl_crystal.pdbx_crystal_image_format   ? 
_exptl_crystal.pdbx_mosaicity              ? 
_exptl_crystal.pdbx_mosaicity_esd          ? 
# 
_exptl_crystal_grow.apparatus       ? 
_exptl_crystal_grow.atmosphere      ? 
_exptl_crystal_grow.crystal_id      1 
_exptl_crystal_grow.details         ? 
_exptl_crystal_grow.method          'VAPOR DIFFUSION, HANGING DROP' 
_exptl_crystal_grow.method_ref      ? 
_exptl_crystal_grow.pH              8.0 
_exptl_crystal_grow.pressure        ? 
_exptl_crystal_grow.pressure_esd    ? 
_exptl_crystal_grow.seeding         ? 
_exptl_crystal_grow.seeding_ref     ? 
_exptl_crystal_grow.temp            294 
_exptl_crystal_grow.temp_details    ? 
_exptl_crystal_grow.temp_esd        ? 
_exptl_crystal_grow.time            ? 
_exptl_crystal_grow.pdbx_details    'Isopropanol, PEG 4000, Tris-Cl pH 8.0, Beta-mercaptoethanol,  2-hyrdoxyethyl disulfide' 
_exptl_crystal_grow.pdbx_pH_range   ? 
# 
_diffrn.ambient_environment              ? 
_diffrn.ambient_temp                     100 
_diffrn.ambient_temp_details             ? 
_diffrn.ambient_temp_esd                 ? 
_diffrn.crystal_id                       1 
_diffrn.crystal_support                  ? 
_diffrn.crystal_treatment                ? 
_diffrn.details                          ? 
_diffrn.id                               1 
_diffrn.ambient_pressure                 ? 
_diffrn.ambient_pressure_esd             ? 
_diffrn.ambient_pressure_gt              ? 
_diffrn.ambient_pressure_lt              ? 
_diffrn.ambient_temp_gt                  ? 
_diffrn.ambient_temp_lt                  ? 
_diffrn.pdbx_serial_crystal_experiment   N 
# 
_diffrn_detector.details                      ? 
_diffrn_detector.detector                     PIXEL 
_diffrn_detector.diffrn_id                    1 
_diffrn_detector.type                         'DECTRIS PILATUS3 S 6M' 
_diffrn_detector.area_resol_mean              ? 
_diffrn_detector.dtime                        ? 
_diffrn_detector.pdbx_frames_total            ? 
_diffrn_detector.pdbx_collection_time_total   ? 
_diffrn_detector.pdbx_collection_date         2020-11-24 
_diffrn_detector.pdbx_frequency               ? 
# 
_diffrn_radiation.collimation                      ? 
_diffrn_radiation.diffrn_id                        1 
_diffrn_radiation.filter_edge                      ? 
_diffrn_radiation.inhomogeneity                    ? 
_diffrn_radiation.monochromator                    M 
_diffrn_radiation.polarisn_norm                    ? 
_diffrn_radiation.polarisn_ratio                   ? 
_diffrn_radiation.probe                            ? 
_diffrn_radiation.type                             ? 
_diffrn_radiation.xray_symbol                      ? 
_diffrn_radiation.wavelength_id                    1 
_diffrn_radiation.pdbx_monochromatic_or_laue_m_l   M 
_diffrn_radiation.pdbx_wavelength_list             ? 
_diffrn_radiation.pdbx_wavelength                  ? 
_diffrn_radiation.pdbx_diffrn_protocol             'SINGLE WAVELENGTH' 
_diffrn_radiation.pdbx_analyzer                    ? 
_diffrn_radiation.pdbx_scattering_type             x-ray 
# 
_diffrn_radiation_wavelength.id           1 
_diffrn_radiation_wavelength.wavelength   0.95386 
_diffrn_radiation_wavelength.wt           1.0 
# 
_diffrn_source.current                     ? 
_diffrn_source.details                     ? 
_diffrn_source.diffrn_id                   1 
_diffrn_source.power                       ? 
_diffrn_source.size                        ? 
_diffrn_source.source                      SYNCHROTRON 
_diffrn_source.target                      ? 
_diffrn_source.type                        'ALS BEAMLINE 8.3.1' 
_diffrn_source.voltage                     ? 
_diffrn_source.take-off_angle              ? 
_diffrn_source.pdbx_wavelength_list        0.95386 
_diffrn_source.pdbx_wavelength             ? 
_diffrn_source.pdbx_synchrotron_beamline   8.3.1 
_diffrn_source.pdbx_synchrotron_site       ALS 
# 
_reflns.B_iso_Wilson_estimate            13.740 
_reflns.entry_id                         7LOF 
_reflns.data_reduction_details           ? 
_reflns.data_reduction_method            ? 
_reflns.d_resolution_high                1.050 
_reflns.d_resolution_low                 96.350 
_reflns.details                          ? 
_reflns.limit_h_max                      ? 
_reflns.limit_h_min                      ? 
_reflns.limit_k_max                      ? 
_reflns.limit_k_min                      ? 
_reflns.limit_l_max                      ? 
_reflns.limit_l_min                      ? 
_reflns.number_all                       ? 
_reflns.number_obs                       91365 
_reflns.observed_criterion               ? 
_reflns.observed_criterion_F_max         ? 
_reflns.observed_criterion_F_min         ? 
_reflns.observed_criterion_I_max         ? 
_reflns.observed_criterion_I_min         ? 
_reflns.observed_criterion_sigma_F       ? 
_reflns.observed_criterion_sigma_I       ? 
_reflns.percent_possible_obs             96.700 
_reflns.R_free_details                   ? 
_reflns.Rmerge_F_all                     ? 
_reflns.Rmerge_F_obs                     ? 
_reflns.Friedel_coverage                 ? 
_reflns.number_gt                        ? 
_reflns.threshold_expression             ? 
_reflns.pdbx_redundancy                  18.500 
_reflns.pdbx_Rmerge_I_obs                0.058 
_reflns.pdbx_Rmerge_I_all                ? 
_reflns.pdbx_Rsym_value                  ? 
_reflns.pdbx_netI_over_av_sigmaI         ? 
_reflns.pdbx_netI_over_sigmaI            20.200 
_reflns.pdbx_res_netI_over_av_sigmaI_2   ? 
_reflns.pdbx_res_netI_over_sigmaI_2      ? 
_reflns.pdbx_chi_squared                 ? 
_reflns.pdbx_scaling_rejects             1 
_reflns.pdbx_d_res_high_opt              ? 
_reflns.pdbx_d_res_low_opt               ? 
_reflns.pdbx_d_res_opt_method            ? 
_reflns.phase_calculation_details        ? 
_reflns.pdbx_Rrim_I_all                  0.060 
_reflns.pdbx_Rpim_I_all                  0.014 
_reflns.pdbx_d_opt                       ? 
_reflns.pdbx_number_measured_all         1693515 
_reflns.pdbx_diffrn_id                   1 
_reflns.pdbx_ordinal                     1 
_reflns.pdbx_CC_half                     1.000 
_reflns.pdbx_CC_star                     ? 
_reflns.pdbx_R_split                     ? 
# 
loop_
_reflns_shell.d_res_high 
_reflns_shell.d_res_low 
_reflns_shell.meanI_over_sigI_all 
_reflns_shell.meanI_over_sigI_obs 
_reflns_shell.number_measured_all 
_reflns_shell.number_measured_obs 
_reflns_shell.number_possible 
_reflns_shell.number_unique_all 
_reflns_shell.number_unique_obs 
_reflns_shell.percent_possible_all 
_reflns_shell.percent_possible_obs 
_reflns_shell.Rmerge_F_all 
_reflns_shell.Rmerge_F_obs 
_reflns_shell.Rmerge_I_all 
_reflns_shell.Rmerge_I_obs 
_reflns_shell.meanI_over_sigI_gt 
_reflns_shell.meanI_over_uI_all 
_reflns_shell.meanI_over_uI_gt 
_reflns_shell.number_measured_gt 
_reflns_shell.number_unique_gt 
_reflns_shell.percent_possible_gt 
_reflns_shell.Rmerge_F_gt 
_reflns_shell.Rmerge_I_gt 
_reflns_shell.pdbx_redundancy 
_reflns_shell.pdbx_Rsym_value 
_reflns_shell.pdbx_chi_squared 
_reflns_shell.pdbx_netI_over_sigmaI_all 
_reflns_shell.pdbx_netI_over_sigmaI_obs 
_reflns_shell.pdbx_Rrim_I_all 
_reflns_shell.pdbx_Rpim_I_all 
_reflns_shell.pdbx_rejects 
_reflns_shell.pdbx_ordinal 
_reflns_shell.pdbx_diffrn_id 
_reflns_shell.pdbx_CC_half 
_reflns_shell.pdbx_CC_star 
_reflns_shell.pdbx_R_split 
1.050 1.070  ? ? 42043 ? ? ? 3469 74.800 ? ? ? ? 2.112 ? ? ? ? ? ? ? ? 12.100 ? ? ? 1.100  2.206 0.611 ? 1 1 0.382 ? ? 
5.750 96.350 ? ? 12579 ? ? ? 682  99.900 ? ? ? ? 0.030 ? ? ? ? ? ? ? ? 18.400 ? ? ? 63.300 0.031 0.007 ? 2 1 1.000 ? ? 
# 
_refine.aniso_B[1][1]                            ? 
_refine.aniso_B[1][2]                            ? 
_refine.aniso_B[1][3]                            ? 
_refine.aniso_B[2][2]                            ? 
_refine.aniso_B[2][3]                            ? 
_refine.aniso_B[3][3]                            ? 
_refine.B_iso_max                                42.280 
_refine.B_iso_mean                               16.1430 
_refine.B_iso_min                                7.690 
_refine.correlation_coeff_Fo_to_Fc               ? 
_refine.correlation_coeff_Fo_to_Fc_free          ? 
_refine.details                                  ? 
_refine.diff_density_max                         ? 
_refine.diff_density_max_esd                     ? 
_refine.diff_density_min                         ? 
_refine.diff_density_min_esd                     ? 
_refine.diff_density_rms                         ? 
_refine.diff_density_rms_esd                     ? 
_refine.entry_id                                 7LOF 
_refine.pdbx_refine_id                           'X-RAY DIFFRACTION' 
_refine.ls_abs_structure_details                 ? 
_refine.ls_abs_structure_Flack                   ? 
_refine.ls_abs_structure_Flack_esd               ? 
_refine.ls_abs_structure_Rogers                  ? 
_refine.ls_abs_structure_Rogers_esd              ? 
_refine.ls_d_res_high                            1.0500 
_refine.ls_d_res_low                             52.1180 
_refine.ls_extinction_coef                       ? 
_refine.ls_extinction_coef_esd                   ? 
_refine.ls_extinction_expression                 ? 
_refine.ls_extinction_method                     ? 
_refine.ls_goodness_of_fit_all                   ? 
_refine.ls_goodness_of_fit_all_esd               ? 
_refine.ls_goodness_of_fit_obs                   ? 
_refine.ls_goodness_of_fit_obs_esd               ? 
_refine.ls_hydrogen_treatment                    ? 
_refine.ls_matrix_type                           ? 
_refine.ls_number_constraints                    ? 
_refine.ls_number_parameters                     ? 
_refine.ls_number_reflns_all                     ? 
_refine.ls_number_reflns_obs                     91306 
_refine.ls_number_reflns_R_free                  4713 
_refine.ls_number_reflns_R_work                  86593 
_refine.ls_number_restraints                     ? 
_refine.ls_percent_reflns_obs                    96.4300 
_refine.ls_percent_reflns_R_free                 5.1600 
_refine.ls_R_factor_all                          ? 
_refine.ls_R_factor_obs                          0.1976 
_refine.ls_R_factor_R_free                       0.2006 
_refine.ls_R_factor_R_free_error                 ? 
_refine.ls_R_factor_R_free_error_details         ? 
_refine.ls_R_factor_R_work                       0.1975 
_refine.ls_R_Fsqd_factor_obs                     ? 
_refine.ls_R_I_factor_obs                        ? 
_refine.ls_redundancy_reflns_all                 ? 
_refine.ls_redundancy_reflns_obs                 ? 
_refine.ls_restrained_S_all                      ? 
_refine.ls_restrained_S_obs                      ? 
_refine.ls_shift_over_esd_max                    ? 
_refine.ls_shift_over_esd_mean                   ? 
_refine.ls_structure_factor_coef                 ? 
_refine.ls_weighting_details                     ? 
_refine.ls_weighting_scheme                      ? 
_refine.ls_wR_factor_all                         ? 
_refine.ls_wR_factor_obs                         ? 
_refine.ls_wR_factor_R_free                      ? 
_refine.ls_wR_factor_R_work                      ? 
_refine.occupancy_max                            ? 
_refine.occupancy_min                            ? 
_refine.solvent_model_details                    'FLAT BULK SOLVENT MODEL' 
_refine.solvent_model_param_bsol                 ? 
_refine.solvent_model_param_ksol                 ? 
_refine.pdbx_R_complete                          ? 
_refine.ls_R_factor_gt                           ? 
_refine.ls_goodness_of_fit_gt                    ? 
_refine.ls_goodness_of_fit_ref                   ? 
_refine.ls_shift_over_su_max                     ? 
_refine.ls_shift_over_su_max_lt                  ? 
_refine.ls_shift_over_su_mean                    ? 
_refine.ls_shift_over_su_mean_lt                 ? 
_refine.pdbx_ls_sigma_I                          ? 
_refine.pdbx_ls_sigma_F                          1.340 
_refine.pdbx_ls_sigma_Fsqd                       ? 
_refine.pdbx_data_cutoff_high_absF               ? 
_refine.pdbx_data_cutoff_high_rms_absF           ? 
_refine.pdbx_data_cutoff_low_absF                ? 
_refine.pdbx_isotropic_thermal_model             ? 
_refine.pdbx_ls_cross_valid_method               THROUGHOUT 
_refine.pdbx_method_to_determine_struct          'MOLECULAR REPLACEMENT' 
_refine.pdbx_starting_model                      4W57 
_refine.pdbx_stereochemistry_target_values       ML 
_refine.pdbx_R_Free_selection_details            ? 
_refine.pdbx_stereochem_target_val_spec_case     ? 
_refine.pdbx_overall_ESU_R                       ? 
_refine.pdbx_overall_ESU_R_Free                  ? 
_refine.pdbx_solvent_vdw_probe_radii             1.1100 
_refine.pdbx_solvent_ion_probe_radii             ? 
_refine.pdbx_solvent_shrinkage_radii             0.9000 
_refine.pdbx_real_space_R                        ? 
_refine.pdbx_density_correlation                 ? 
_refine.pdbx_pd_number_of_powder_patterns        ? 
_refine.pdbx_pd_number_of_points                 ? 
_refine.pdbx_pd_meas_number_of_points            ? 
_refine.pdbx_pd_proc_ls_prof_R_factor            ? 
_refine.pdbx_pd_proc_ls_prof_wR_factor           ? 
_refine.pdbx_pd_Marquardt_correlation_coeff      ? 
_refine.pdbx_pd_Fsqrd_R_factor                   ? 
_refine.pdbx_pd_ls_matrix_band_width             ? 
_refine.pdbx_overall_phase_error                 20.7000 
_refine.pdbx_overall_SU_R_free_Cruickshank_DPI   ? 
_refine.pdbx_overall_SU_R_free_Blow_DPI          ? 
_refine.pdbx_overall_SU_R_Blow_DPI               ? 
_refine.pdbx_TLS_residual_ADP_flag               ? 
_refine.pdbx_diffrn_id                           1 
_refine.overall_SU_B                             ? 
_refine.overall_SU_ML                            0.1000 
_refine.overall_SU_R_Cruickshank_DPI             ? 
_refine.overall_SU_R_free                        ? 
_refine.overall_FOM_free_R_set                   ? 
_refine.overall_FOM_work_R_set                   ? 
_refine.pdbx_average_fsc_overall                 ? 
_refine.pdbx_average_fsc_work                    ? 
_refine.pdbx_average_fsc_free                    ? 
# 
_refine_hist.pdbx_refine_id                   'X-RAY DIFFRACTION' 
_refine_hist.cycle_id                         final 
_refine_hist.details                          ? 
_refine_hist.d_res_high                       1.0500 
_refine_hist.d_res_low                        52.1180 
_refine_hist.number_atoms_solvent             117 
_refine_hist.number_atoms_total               1426 
_refine_hist.number_reflns_all                ? 
_refine_hist.number_reflns_obs                ? 
_refine_hist.number_reflns_R_free             ? 
_refine_hist.number_reflns_R_work             ? 
_refine_hist.R_factor_all                     ? 
_refine_hist.R_factor_obs                     ? 
_refine_hist.R_factor_R_free                  ? 
_refine_hist.R_factor_R_work                  ? 
_refine_hist.pdbx_number_residues_total       163 
_refine_hist.pdbx_B_iso_mean_ligand           17.48 
_refine_hist.pdbx_B_iso_mean_solvent          22.77 
_refine_hist.pdbx_number_atoms_protein        1288 
_refine_hist.pdbx_number_atoms_nucleic_acid   0 
_refine_hist.pdbx_number_atoms_ligand         21 
_refine_hist.pdbx_number_atoms_lipid          ? 
_refine_hist.pdbx_number_atoms_carb           ? 
_refine_hist.pdbx_pseudo_atom_details         ? 
# 
loop_
_refine_ls_restr.pdbx_refine_id 
_refine_ls_restr.criterion 
_refine_ls_restr.dev_ideal 
_refine_ls_restr.dev_ideal_target 
_refine_ls_restr.number 
_refine_ls_restr.rejects 
_refine_ls_restr.type 
_refine_ls_restr.weight 
_refine_ls_restr.pdbx_restraint_function 
'X-RAY DIFFRACTION' ? 0.004 ? 1345 ? f_bond_d           ? ? 
'X-RAY DIFFRACTION' ? 0.793 ? 1809 ? f_angle_d          ? ? 
'X-RAY DIFFRACTION' ? 0.068 ? 198  ? f_chiral_restr     ? ? 
'X-RAY DIFFRACTION' ? 0.005 ? 231  ? f_plane_restr      ? ? 
'X-RAY DIFFRACTION' ? 6.795 ? 813  ? f_dihedral_angle_d ? ? 
# 
loop_
_refine_ls_shell.pdbx_refine_id 
_refine_ls_shell.d_res_high 
_refine_ls_shell.d_res_low 
_refine_ls_shell.number_reflns_all 
_refine_ls_shell.number_reflns_obs 
_refine_ls_shell.number_reflns_R_free 
_refine_ls_shell.number_reflns_R_work 
_refine_ls_shell.percent_reflns_obs 
_refine_ls_shell.percent_reflns_R_free 
_refine_ls_shell.R_factor_all 
_refine_ls_shell.R_factor_obs 
_refine_ls_shell.R_factor_R_free 
_refine_ls_shell.R_factor_R_free_error 
_refine_ls_shell.R_factor_R_work 
_refine_ls_shell.redundancy_reflns_all 
_refine_ls_shell.redundancy_reflns_obs 
_refine_ls_shell.wR_factor_all 
_refine_ls_shell.wR_factor_obs 
_refine_ls_shell.wR_factor_R_free 
_refine_ls_shell.wR_factor_R_work 
_refine_ls_shell.pdbx_R_complete 
_refine_ls_shell.pdbx_total_number_of_bins_used 
_refine_ls_shell.pdbx_phase_error 
_refine_ls_shell.pdbx_fsc_work 
_refine_ls_shell.pdbx_fsc_free 
'X-RAY DIFFRACTION' 1.0500 1.0620  . . 123 2147 73.0000  . . . 0.3025 0.0000 0.3211 . . . . . . . . . . . 
'X-RAY DIFFRACTION' 1.0620 1.0745  . . 131 2327 77.0000  . . . 0.3221 0.0000 0.3026 . . . . . . . . . . . 
'X-RAY DIFFRACTION' 1.0745 1.0876  . . 147 2546 88.0000  . . . 0.3129 0.0000 0.2856 . . . . . . . . . . . 
'X-RAY DIFFRACTION' 1.0876 1.1013  . . 132 2796 94.0000  . . . 0.2823 0.0000 0.2697 . . . . . . . . . . . 
'X-RAY DIFFRACTION' 1.1013 1.1158  . . 125 2896 96.0000  . . . 0.2713 0.0000 0.2490 . . . . . . . . . . . 
'X-RAY DIFFRACTION' 1.1158 1.1311  . . 143 2861 97.0000  . . . 0.2439 0.0000 0.2344 . . . . . . . . . . . 
'X-RAY DIFFRACTION' 1.1311 1.1473  . . 147 2895 97.0000  . . . 0.2262 0.0000 0.2241 . . . . . . . . . . . 
'X-RAY DIFFRACTION' 1.1473 1.1644  . . 143 2885 97.0000  . . . 0.2268 0.0000 0.2169 . . . . . . . . . . . 
'X-RAY DIFFRACTION' 1.1644 1.1826  . . 114 2917 97.0000  . . . 0.2203 0.0000 0.2161 . . . . . . . . . . . 
'X-RAY DIFFRACTION' 1.1826 1.2020  . . 159 2901 97.0000  . . . 0.2056 0.0000 0.2078 . . . . . . . . . . . 
'X-RAY DIFFRACTION' 1.2020 1.2227  . . 159 2883 98.0000  . . . 0.1895 0.0000 0.2007 . . . . . . . . . . . 
'X-RAY DIFFRACTION' 1.2227 1.2450  . . 171 2892 98.0000  . . . 0.2249 0.0000 0.2030 . . . . . . . . . . . 
'X-RAY DIFFRACTION' 1.2450 1.2689  . . 153 2894 98.0000  . . . 0.2130 0.0000 0.2001 . . . . . . . . . . . 
'X-RAY DIFFRACTION' 1.2689 1.2948  . . 161 2922 98.0000  . . . 0.1913 0.0000 0.1944 . . . . . . . . . . . 
'X-RAY DIFFRACTION' 1.2948 1.3230  . . 204 2851 98.0000  . . . 0.2075 0.0000 0.1946 . . . . . . . . . . . 
'X-RAY DIFFRACTION' 1.3230 1.3537  . . 191 2911 98.0000  . . . 0.1909 0.0000 0.1873 . . . . . . . . . . . 
'X-RAY DIFFRACTION' 1.3537 1.3876  . . 160 2925 99.0000  . . . 0.1786 0.0000 0.1908 . . . . . . . . . . . 
'X-RAY DIFFRACTION' 1.3876 1.4251  . . 174 2943 99.0000  . . . 0.1872 0.0000 0.1889 . . . . . . . . . . . 
'X-RAY DIFFRACTION' 1.4251 1.4671  . . 174 2946 99.0000  . . . 0.2230 0.0000 0.1876 . . . . . . . . . . . 
'X-RAY DIFFRACTION' 1.4671 1.5144  . . 156 2951 99.0000  . . . 0.1978 0.0000 0.1833 . . . . . . . . . . . 
'X-RAY DIFFRACTION' 1.5144 1.5685  . . 151 2939 99.0000  . . . 0.1804 0.0000 0.1843 . . . . . . . . . . . 
'X-RAY DIFFRACTION' 1.5685 1.6314  . . 192 2986 99.0000  . . . 0.1889 0.0000 0.1756 . . . . . . . . . . . 
'X-RAY DIFFRACTION' 1.6314 1.7056  . . 141 2969 99.0000  . . . 0.2187 0.0000 0.1858 . . . . . . . . . . . 
'X-RAY DIFFRACTION' 1.7056 1.7955  . . 173 2982 99.0000  . . . 0.1875 0.0000 0.1830 . . . . . . . . . . . 
'X-RAY DIFFRACTION' 1.7955 1.9080  . . 175 2974 100.0000 . . . 0.1838 0.0000 0.1906 . . . . . . . . . . . 
'X-RAY DIFFRACTION' 1.9080 2.0554  . . 173 3023 100.0000 . . . 0.1858 0.0000 0.1851 . . . . . . . . . . . 
'X-RAY DIFFRACTION' 2.0554 2.2622  . . 154 3043 100.0000 . . . 0.1924 0.0000 0.1854 . . . . . . . . . . . 
'X-RAY DIFFRACTION' 2.2622 2.5895  . . 151 3076 100.0000 . . . 0.2138 0.0000 0.1996 . . . . . . . . . . . 
'X-RAY DIFFRACTION' 2.5895 3.2625  . . 148 3097 100.0000 . . . 0.2317 0.0000 0.2102 . . . . . . . . . . . 
'X-RAY DIFFRACTION' 3.2625 52.1180 . . 188 3215 100.0000 . . . 0.1819 0.0000 0.1966 . . . . . . . . . . . 
# 
_struct.entry_id                     7LOF 
_struct.title                        'T4 lysozyme mutant L99A in complex with 2-butylthiophene' 
_struct.pdbx_model_details           ? 
_struct.pdbx_formula_weight          ? 
_struct.pdbx_formula_weight_method   ? 
_struct.pdbx_model_type_details      ? 
_struct.pdbx_CASP_flag               N 
# 
_struct_keywords.entry_id        7LOF 
_struct_keywords.text            'mutant, lysozyme, small molecule, L99A, complex, PROTEIN BINDING, HYDROLASE' 
_struct_keywords.pdbx_keywords   'PROTEIN BINDING,HYDROLASE' 
# 
loop_
_struct_asym.id 
_struct_asym.pdbx_blank_PDB_chainid_flag 
_struct_asym.pdbx_modified 
_struct_asym.entity_id 
_struct_asym.details 
A N N 1 ? 
B N N 2 ? 
C N N 3 ? 
D N N 4 ? 
E N N 5 ? 
# 
loop_
_struct_conf.conf_type_id 
_struct_conf.id 
_struct_conf.pdbx_PDB_helix_id 
_struct_conf.beg_label_comp_id 
_struct_conf.beg_label_asym_id 
_struct_conf.beg_label_seq_id 
_struct_conf.pdbx_beg_PDB_ins_code 
_struct_conf.end_label_comp_id 
_struct_conf.end_label_asym_id 
_struct_conf.end_label_seq_id 
_struct_conf.pdbx_end_PDB_ins_code 
_struct_conf.beg_auth_comp_id 
_struct_conf.beg_auth_asym_id 
_struct_conf.beg_auth_seq_id 
_struct_conf.end_auth_comp_id 
_struct_conf.end_auth_asym_id 
_struct_conf.end_auth_seq_id 
_struct_conf.pdbx_PDB_helix_class 
_struct_conf.details 
_struct_conf.pdbx_PDB_helix_length 
HELX_P HELX_P1  AA1 ASN A 2   ? GLY A 12  ? ASN A 2   GLY A 12  1 ? 11 
HELX_P HELX_P2  AA2 SER A 38  ? GLY A 51  ? SER A 38  GLY A 51  1 ? 14 
HELX_P HELX_P3  AA3 THR A 59  ? ASN A 81  ? THR A 59  ASN A 81  1 ? 23 
HELX_P HELX_P4  AA4 LYS A 83  ? LEU A 91  ? LYS A 83  LEU A 91  1 ? 9  
HELX_P HELX_P5  AA5 ASP A 92  ? VAL A 111 ? ASP A 92  VAL A 111 1 ? 20 
HELX_P HELX_P6  AA6 PHE A 114 ? GLN A 123 ? PHE A 114 GLN A 123 1 ? 10 
HELX_P HELX_P7  AA7 ARG A 125 ? LYS A 135 ? ARG A 125 LYS A 135 1 ? 11 
HELX_P HELX_P8  AA8 SER A 136 ? THR A 142 ? SER A 136 THR A 142 1 ? 7  
HELX_P HELX_P9  AA9 THR A 142 ? GLY A 156 ? THR A 142 GLY A 156 1 ? 15 
HELX_P HELX_P10 AB1 TRP A 158 ? ASN A 163 ? TRP A 158 ASN A 163 1 ? 6  
# 
_struct_conf_type.id          HELX_P 
_struct_conf_type.criteria    ? 
_struct_conf_type.reference   ? 
# 
_struct_sheet.id               AA1 
_struct_sheet.type             ? 
_struct_sheet.number_strands   3 
_struct_sheet.details          ? 
# 
loop_
_struct_sheet_order.sheet_id 
_struct_sheet_order.range_id_1 
_struct_sheet_order.range_id_2 
_struct_sheet_order.offset 
_struct_sheet_order.sense 
AA1 1 2 ? anti-parallel 
AA1 2 3 ? anti-parallel 
# 
loop_
_struct_sheet_range.sheet_id 
_struct_sheet_range.id 
_struct_sheet_range.beg_label_comp_id 
_struct_sheet_range.beg_label_asym_id 
_struct_sheet_range.beg_label_seq_id 
_struct_sheet_range.pdbx_beg_PDB_ins_code 
_struct_sheet_range.end_label_comp_id 
_struct_sheet_range.end_label_asym_id 
_struct_sheet_range.end_label_seq_id 
_struct_sheet_range.pdbx_end_PDB_ins_code 
_struct_sheet_range.beg_auth_comp_id 
_struct_sheet_range.beg_auth_asym_id 
_struct_sheet_range.beg_auth_seq_id 
_struct_sheet_range.end_auth_comp_id 
_struct_sheet_range.end_auth_asym_id 
_struct_sheet_range.end_auth_seq_id 
AA1 1 ARG A 14 ? LYS A 19 ? ARG A 14 LYS A 19 
AA1 2 TYR A 25 ? GLY A 28 ? TYR A 25 GLY A 28 
AA1 3 HIS A 31 ? THR A 34 ? HIS A 31 THR A 34 
# 
loop_
_pdbx_struct_sheet_hbond.sheet_id 
_pdbx_struct_sheet_hbond.range_id_1 
_pdbx_struct_sheet_hbond.range_id_2 
_pdbx_struct_sheet_hbond.range_1_label_atom_id 
_pdbx_struct_sheet_hbond.range_1_label_comp_id 
_pdbx_struct_sheet_hbond.range_1_label_asym_id 
_pdbx_struct_sheet_hbond.range_1_label_seq_id 
_pdbx_struct_sheet_hbond.range_1_PDB_ins_code 
_pdbx_struct_sheet_hbond.range_1_auth_atom_id 
_pdbx_struct_sheet_hbond.range_1_auth_comp_id 
_pdbx_struct_sheet_hbond.range_1_auth_asym_id 
_pdbx_struct_sheet_hbond.range_1_auth_seq_id 
_pdbx_struct_sheet_hbond.range_2_label_atom_id 
_pdbx_struct_sheet_hbond.range_2_label_comp_id 
_pdbx_struct_sheet_hbond.range_2_label_asym_id 
_pdbx_struct_sheet_hbond.range_2_label_seq_id 
_pdbx_struct_sheet_hbond.range_2_PDB_ins_code 
_pdbx_struct_sheet_hbond.range_2_auth_atom_id 
_pdbx_struct_sheet_hbond.range_2_auth_comp_id 
_pdbx_struct_sheet_hbond.range_2_auth_asym_id 
_pdbx_struct_sheet_hbond.range_2_auth_seq_id 
AA1 1 2 N TYR A 18 ? N TYR A 18 O THR A 26 ? O THR A 26 
AA1 2 3 N TYR A 25 ? N TYR A 25 O LEU A 33 ? O LEU A 33 
# 
loop_
_struct_site.id 
_struct_site.pdbx_evidence_code 
_struct_site.pdbx_auth_asym_id 
_struct_site.pdbx_auth_comp_id 
_struct_site.pdbx_auth_seq_id 
_struct_site.pdbx_auth_ins_code 
_struct_site.pdbx_num_residues 
_struct_site.details 
AC1 Software A Y8G 201 ? 5 'binding site for residue Y8G A 201' 
AC2 Software A BME 202 ? 7 'binding site for residue BME A 202' 
AC3 Software A TRS 203 ? 5 'binding site for residue TRS A 203' 
# 
loop_
_struct_site_gen.id 
_struct_site_gen.site_id 
_struct_site_gen.pdbx_num_res 
_struct_site_gen.label_comp_id 
_struct_site_gen.label_asym_id 
_struct_site_gen.label_seq_id 
_struct_site_gen.pdbx_auth_ins_code 
_struct_site_gen.auth_comp_id 
_struct_site_gen.auth_asym_id 
_struct_site_gen.auth_seq_id 
_struct_site_gen.label_atom_id 
_struct_site_gen.label_alt_id 
_struct_site_gen.symmetry 
_struct_site_gen.details 
1  AC1 5 LEU A 84  ? LEU A 84  . ? 1_555 ? 
2  AC1 5 TYR A 88  ? TYR A 88  . ? 1_555 ? 
3  AC1 5 ALA A 99  ? ALA A 99  . ? 1_555 ? 
4  AC1 5 VAL A 111 ? VAL A 111 . ? 1_555 ? 
5  AC1 5 LEU A 118 ? LEU A 118 . ? 1_555 ? 
6  AC2 7 GLY A 30  ? GLY A 30  . ? 1_555 ? 
7  AC2 7 LEU A 32  ? LEU A 32  . ? 1_555 ? 
8  AC2 7 ASP A 70  ? ASP A 70  . ? 1_555 ? 
9  AC2 7 PHE A 104 ? PHE A 104 . ? 1_555 ? 
10 AC2 7 TRS D .   ? TRS A 203 . ? 1_555 ? 
11 AC2 7 HOH E .   ? HOH A 357 . ? 1_555 ? 
12 AC2 7 HOH E .   ? HOH A 380 . ? 1_555 ? 
13 AC3 5 GLU A 11  ? GLU A 11  . ? 1_555 ? 
14 AC3 5 GLY A 30  ? GLY A 30  . ? 1_555 ? 
15 AC3 5 GLN A 105 ? GLN A 105 . ? 1_555 ? 
16 AC3 5 BME C .   ? BME A 202 . ? 1_555 ? 
17 AC3 5 HOH E .   ? HOH A 307 . ? 1_555 ? 
# 
_atom_sites.entry_id                    7LOF 
_atom_sites.Cartn_transf_matrix[1][1]   ? 
_atom_sites.Cartn_transf_matrix[1][2]   ? 
_atom_sites.Cartn_transf_matrix[1][3]   ? 
_atom_sites.Cartn_transf_matrix[2][1]   ? 
_atom_sites.Cartn_transf_matrix[2][2]   ? 
_atom_sites.Cartn_transf_matrix[2][3]   ? 
_atom_sites.Cartn_transf_matrix[3][1]   ? 
_atom_sites.Cartn_transf_matrix[3][2]   ? 
_atom_sites.Cartn_transf_matrix[3][3]   ? 
_atom_sites.Cartn_transf_vector[1]      ? 
_atom_sites.Cartn_transf_vector[2]      ? 
_atom_sites.Cartn_transf_vector[3]      ? 
_atom_sites.fract_transf_matrix[1][1]   0.01484050 
_atom_sites.fract_transf_matrix[1][2]   0.01014430 
_atom_sites.fract_transf_matrix[1][3]   0.00670986 
_atom_sites.fract_transf_matrix[2][1]   0.01534277 
_atom_sites.fract_transf_matrix[2][2]   0.00304949 
_atom_sites.fract_transf_matrix[2][3]   -0.01111040 
_atom_sites.fract_transf_matrix[3][1]   -0.00433509 
_atom_sites.fract_transf_matrix[3][2]   0.00871882 
_atom_sites.fract_transf_matrix[3][3]   -0.00359343 
_atom_sites.fract_transf_vector[1]      0.223241 
_atom_sites.fract_transf_vector[2]      -0.315011 
_atom_sites.fract_transf_vector[3]      -0.100070 
_atom_sites.solution_primary            ? 
_atom_sites.solution_secondary          ? 
_atom_sites.solution_hydrogens          ? 
_atom_sites.special_details             ? 
# 
loop_
_atom_type.symbol 
C 
N 
O 
S 
# 
loop_
_atom_site.group_PDB 
_atom_site.id 
_atom_site.type_symbol 
_atom_site.label_atom_id 
_atom_site.label_alt_id 
_atom_site.label_comp_id 
_atom_site.label_asym_id 
_atom_site.label_entity_id 
_atom_site.label_seq_id 
_atom_site.pdbx_PDB_ins_code 
_atom_site.Cartn_x 
_atom_site.Cartn_y 
_atom_site.Cartn_z 
_atom_site.occupancy 
_atom_site.B_iso_or_equiv 
_atom_site.pdbx_formal_charge 
_atom_site.auth_seq_id 
_atom_site.auth_comp_id 
_atom_site.auth_asym_id 
_atom_site.auth_atom_id 
_atom_site.pdbx_PDB_model_num 
ATOM   1    N N   . MET A 1 1   ? -7.563  -8.355  -13.007 1.00 22.70 ? 1   MET A N   1 
ATOM   2    C CA  . MET A 1 1   ? -6.800  -7.697  -11.952 1.00 17.96 ? 1   MET A CA  1 
ATOM   3    C C   . MET A 1 1   ? -7.326  -7.947  -10.540 1.00 15.06 ? 1   MET A C   1 
ATOM   4    O O   . MET A 1 1   ? -8.506  -8.240  -10.328 1.00 15.36 ? 1   MET A O   1 
ATOM   5    C CB  . MET A 1 1   ? -6.567  -6.216  -12.251 1.00 27.16 ? 1   MET A CB  1 
ATOM   6    C CG  . MET A 1 1   ? -5.503  -5.578  -11.356 1.00 22.42 ? 1   MET A CG  1 
ATOM   7    S SD  . MET A 1 1   ? -4.662  -4.240  -12.169 1.00 39.82 ? 1   MET A SD  1 
ATOM   8    C CE  . MET A 1 1   ? -5.916  -3.935  -13.390 1.00 34.64 ? 1   MET A CE  1 
ATOM   9    N N   . ASN A 1 2   ? -6.393  -7.911  -9.593  1.00 13.34 ? 2   ASN A N   1 
ATOM   10   C CA  . ASN A 1 2   ? -6.653  -8.160  -8.188  1.00 12.75 ? 2   ASN A CA  1 
ATOM   11   C C   . ASN A 1 2   ? -5.621  -7.359  -7.403  1.00 11.29 ? 2   ASN A C   1 
ATOM   12   O O   . ASN A 1 2   ? -4.722  -6.745  -7.981  1.00 11.46 ? 2   ASN A O   1 
ATOM   13   C CB  . ASN A 1 2   ? -6.602  -9.668  -7.875  1.00 13.03 ? 2   ASN A CB  1 
ATOM   14   C CG  . ASN A 1 2   ? -5.251  -10.279 -8.198  1.00 12.03 ? 2   ASN A CG  1 
ATOM   15   O OD1 . ASN A 1 2   ? -4.225  -9.827  -7.685  1.00 13.02 ? 2   ASN A OD1 1 
ATOM   16   N ND2 . ASN A 1 2   ? -5.239  -11.319 -9.031  1.00 14.06 ? 2   ASN A ND2 1 
ATOM   17   N N   . ILE A 1 3   ? -5.746  -7.375  -6.079  1.00 11.41 ? 3   ILE A N   1 
ATOM   18   C CA  . ILE A 1 3   ? -4.892  -6.536  -5.242  1.00 11.18 ? 3   ILE A CA  1 
ATOM   19   C C   . ILE A 1 3   ? -3.421  -6.904  -5.406  1.00 11.01 ? 3   ILE A C   1 
ATOM   20   O O   . ILE A 1 3   ? -2.538  -6.038  -5.347  1.00 11.06 ? 3   ILE A O   1 
ATOM   21   C CB  . ILE A 1 3   ? -5.350  -6.584  -3.769  1.00 11.53 ? 3   ILE A CB  1 
ATOM   22   C CG1 . ILE A 1 3   ? -4.483  -5.682  -2.890  1.00 11.89 ? 3   ILE A CG1 1 
ATOM   23   C CG2 . ILE A 1 3   ? -5.334  -8.003  -3.218  1.00 13.56 ? 3   ILE A CG2 1 
ATOM   24   C CD1 . ILE A 1 3   ? -4.454  -4.224  -3.309  1.00 11.93 ? 3   ILE A CD1 1 
ATOM   25   N N   . PHE A 1 4   ? -3.123  -8.195  -5.589  1.00 11.34 ? 4   PHE A N   1 
ATOM   26   C CA  . PHE A 1 4   ? -1.729  -8.604  -5.744  1.00 11.92 ? 4   PHE A CA  1 
ATOM   27   C C   . PHE A 1 4   ? -1.130  -8.044  -7.027  1.00 11.87 ? 4   PHE A C   1 
ATOM   28   O O   . PHE A 1 4   ? -0.014  -7.513  -7.019  1.00 12.48 ? 4   PHE A O   1 
ATOM   29   C CB  . PHE A 1 4   ? -1.603  -10.127 -5.677  1.00 12.81 ? 4   PHE A CB  1 
ATOM   30   C CG  . PHE A 1 4   ? -2.006  -10.688 -4.353  1.00 12.25 ? 4   PHE A CG  1 
ATOM   31   C CD1 . PHE A 1 4   ? -1.110  -10.740 -3.298  1.00 15.27 ? 4   PHE A CD1 1 
ATOM   32   C CD2 . PHE A 1 4   ? -3.292  -11.135 -4.145  1.00 13.91 ? 4   PHE A CD2 1 
ATOM   33   C CE1 . PHE A 1 4   ? -1.500  -11.248 -2.063  1.00 16.96 ? 4   PHE A CE1 1 
ATOM   34   C CE2 . PHE A 1 4   ? -3.682  -11.638 -2.918  1.00 17.02 ? 4   PHE A CE2 1 
ATOM   35   C CZ  . PHE A 1 4   ? -2.785  -11.693 -1.880  1.00 17.16 ? 4   PHE A CZ  1 
ATOM   36   N N   . GLU A 1 5   ? -1.857  -8.153  -8.144  1.00 12.37 ? 5   GLU A N   1 
ATOM   37   C CA  . GLU A 1 5   ? -1.352  -7.603  -9.401  1.00 13.19 ? 5   GLU A CA  1 
ATOM   38   C C   . GLU A 1 5   ? -1.215  -6.087  -9.322  1.00 11.80 ? 5   GLU A C   1 
ATOM   39   O O   . GLU A 1 5   ? -0.241  -5.514  -9.825  1.00 12.49 ? 5   GLU A O   1 
ATOM   40   C CB  . GLU A 1 5   ? -2.273  -7.988  -10.563 1.00 13.91 ? 5   GLU A CB  1 
ATOM   41   C CG  . GLU A 1 5   ? -2.324  -9.472  -10.874 1.00 17.37 ? 5   GLU A CG  1 
ATOM   42   C CD  . GLU A 1 5   ? -3.134  -9.786  -12.120 1.00 24.70 ? 5   GLU A CD  1 
ATOM   43   O OE1 . GLU A 1 5   ? -3.648  -8.845  -12.766 1.00 31.52 ? 5   GLU A OE1 1 
ATOM   44   O OE2 . GLU A 1 5   ? -3.253  -10.983 -12.461 1.00 32.99 ? 5   GLU A OE2 1 
ATOM   45   N N   . MET A 1 6   ? -2.194  -5.425  -8.705  1.00 11.86 ? 6   MET A N   1 
ATOM   46   C CA  . MET A 1 6   ? -2.177  -3.971  -8.576  1.00 10.94 ? 6   MET A CA  1 
ATOM   47   C C   . MET A 1 6   ? -0.948  -3.505  -7.810  1.00 10.59 ? 6   MET A C   1 
ATOM   48   O O   . MET A 1 6   ? -0.196  -2.639  -8.270  1.00 11.47 ? 6   MET A O   1 
ATOM   49   C CB  . MET A 1 6   ? -3.453  -3.542  -7.860  1.00 11.37 ? 6   MET A CB  1 
ATOM   50   C CG  . MET A 1 6   ? -3.625  -2.053  -7.735  1.00 11.55 ? 6   MET A CG  1 
ATOM   51   S SD  . MET A 1 6   ? -4.856  -1.704  -6.466  1.00 11.20 ? 6   MET A SD  1 
ATOM   52   C CE  . MET A 1 6   ? -5.430  -0.068  -6.962  1.00 12.77 ? 6   MET A CE  1 
ATOM   53   N N   . LEU A 1 7   ? -0.718  -4.086  -6.632  1.00 11.22 ? 7   LEU A N   1 
ATOM   54   C CA  . LEU A 1 7   ? 0.427   -3.674  -5.832  1.00 11.11 ? 7   LEU A CA  1 
ATOM   55   C C   . LEU A 1 7   ? 1.744   -4.127  -6.450  1.00 12.05 ? 7   LEU A C   1 
ATOM   56   O O   . LEU A 1 7   ? 2.758   -3.440  -6.301  1.00 12.63 ? 7   LEU A O   1 
ATOM   57   C CB  . LEU A 1 7   ? 0.282   -4.181  -4.398  1.00 11.52 ? 7   LEU A CB  1 
ATOM   58   C CG  . LEU A 1 7   ? -0.576  -3.287  -3.504  1.00 11.59 ? 7   LEU A CG  1 
ATOM   59   C CD1 . LEU A 1 7   ? -0.931  -4.012  -2.215  1.00 12.20 ? 7   LEU A CD1 1 
ATOM   60   C CD2 . LEU A 1 7   ? 0.128   -1.970  -3.204  1.00 12.00 ? 7   LEU A CD2 1 
ATOM   61   N N   . ARG A 1 8   ? 1.763   -5.260  -7.153  1.00 12.22 ? 8   ARG A N   1 
ATOM   62   C CA  . ARG A 1 8   ? 2.991   -5.654  -7.839  1.00 13.47 ? 8   ARG A CA  1 
ATOM   63   C C   . ARG A 1 8   ? 3.378   -4.626  -8.895  1.00 13.45 ? 8   ARG A C   1 
ATOM   64   O O   . ARG A 1 8   ? 4.562   -4.301  -9.058  1.00 14.03 ? 8   ARG A O   1 
ATOM   65   C CB  . ARG A 1 8   ? 2.814   -7.042  -8.455  1.00 14.11 ? 8   ARG A CB  1 
ATOM   66   C CG  . ARG A 1 8   ? 3.924   -7.490  -9.388  1.00 15.75 ? 8   ARG A CG  1 
ATOM   67   C CD  . ARG A 1 8   ? 5.274   -7.600  -8.696  1.00 17.50 ? 8   ARG A CD  1 
ATOM   68   N NE  . ARG A 1 8   ? 6.298   -8.038  -9.642  1.00 19.00 ? 8   ARG A NE  1 
ATOM   69   C CZ  . ARG A 1 8   ? 6.906   -7.236  -10.508 1.00 20.24 ? 8   ARG A CZ  1 
ATOM   70   N NH1 . ARG A 1 8   ? 6.605   -5.947  -10.547 1.00 20.61 ? 8   ARG A NH1 1 
ATOM   71   N NH2 . ARG A 1 8   ? 7.818   -7.726  -11.340 1.00 24.89 ? 8   ARG A NH2 1 
ATOM   72   N N   . ILE A 1 9   ? 2.386   -4.079  -9.602  1.00 13.23 ? 9   ILE A N   1 
ATOM   73   C CA  . ILE A 1 9   ? 2.647   -2.993  -10.547 1.00 14.14 ? 9   ILE A CA  1 
ATOM   74   C C   . ILE A 1 9   ? 3.178   -1.763  -9.821  1.00 13.43 ? 9   ILE A C   1 
ATOM   75   O O   . ILE A 1 9   ? 4.175   -1.157  -10.235 1.00 14.46 ? 9   ILE A O   1 
ATOM   76   C CB  . ILE A 1 9   ? 1.380   -2.673  -11.362 1.00 13.87 ? 9   ILE A CB  1 
ATOM   77   C CG1 . ILE A 1 9   ? 1.082   -3.805  -12.350 1.00 15.65 ? 9   ILE A CG1 1 
ATOM   78   C CG2 . ILE A 1 9   ? 1.515   -1.326  -12.076 1.00 16.19 ? 9   ILE A CG2 1 
ATOM   79   C CD1 . ILE A 1 9   ? -0.348  -3.809  -12.877 1.00 16.29 ? 9   ILE A CD1 1 
ATOM   80   N N   . ASP A 1 10  ? 2.522   -1.375  -8.726  1.00 11.95 ? 10  ASP A N   1 
ATOM   81   C CA  . ASP A 1 10  ? 2.885   -0.135  -8.048  1.00 11.40 ? 10  ASP A CA  1 
ATOM   82   C C   . ASP A 1 10  ? 4.220   -0.242  -7.322  1.00 12.22 ? 10  ASP A C   1 
ATOM   83   O O   . ASP A 1 10  ? 4.934   0.757   -7.205  1.00 13.82 ? 10  ASP A O   1 
ATOM   84   C CB  . ASP A 1 10  ? 1.793   0.263   -7.060  1.00 11.92 ? 10  ASP A CB  1 
ATOM   85   C CG  . ASP A 1 10  ? 0.575   0.857   -7.744  1.00 11.70 ? 10  ASP A CG  1 
ATOM   86   O OD1 . ASP A 1 10  ? 0.725   1.428   -8.847  1.00 12.31 ? 10  ASP A OD1 1 
ATOM   87   O OD2 . ASP A 1 10  ? -0.538  0.754   -7.167  1.00 12.35 ? 10  ASP A OD2 1 
ATOM   88   N N   . GLU A 1 11  ? 4.578   -1.429  -6.835  1.00 11.83 ? 11  GLU A N   1 
ATOM   89   C CA  . GLU A 1 11  ? 5.772   -1.581  -6.011  1.00 11.99 ? 11  GLU A CA  1 
ATOM   90   C C   . GLU A 1 11  ? 6.971   -2.161  -6.748  1.00 12.17 ? 11  GLU A C   1 
ATOM   91   O O   . GLU A 1 11  ? 8.106   -1.981  -6.288  1.00 14.52 ? 11  GLU A O   1 
ATOM   92   C CB  . GLU A 1 11  ? 5.480   -2.458  -4.783  1.00 12.37 ? 11  GLU A CB  1 
ATOM   93   C CG  . GLU A 1 11  ? 4.366   -1.931  -3.892  1.00 13.06 ? 11  GLU A CG  1 
ATOM   94   C CD  . GLU A 1 11  ? 4.757   -0.705  -3.098  1.00 12.80 ? 11  GLU A CD  1 
ATOM   95   O OE1 . GLU A 1 11  ? 5.975   -0.422  -2.953  1.00 14.82 ? 11  GLU A OE1 1 
ATOM   96   O OE2 . GLU A 1 11  ? 3.837   -0.010  -2.609  1.00 14.78 ? 11  GLU A OE2 1 
ATOM   97   N N   . GLY A 1 12  ? 6.763   -2.855  -7.850  1.00 12.75 ? 12  GLY A N   1 
ATOM   98   C CA  . GLY A 1 12  ? 7.863   -3.529  -8.511  1.00 13.83 ? 12  GLY A CA  1 
ATOM   99   C C   . GLY A 1 12  ? 8.326   -4.749  -7.722  1.00 13.47 ? 12  GLY A C   1 
ATOM   100  O O   . GLY A 1 12  ? 7.705   -5.185  -6.752  1.00 13.72 ? 12  GLY A O   1 
ATOM   101  N N   . LEU A 1 13  ? 9.461   -5.294  -8.156  1.00 13.63 ? 13  LEU A N   1 
ATOM   102  C CA  . LEU A 1 13  ? 10.069  -6.440  -7.491  1.00 14.87 ? 13  LEU A CA  1 
ATOM   103  C C   . LEU A 1 13  ? 11.577  -6.277  -7.531  1.00 15.79 ? 13  LEU A C   1 
ATOM   104  O O   . LEU A 1 13  ? 12.163  -6.190  -8.615  1.00 16.67 ? 13  LEU A O   1 
ATOM   105  C CB  . LEU A 1 13  ? 9.667   -7.741  -8.182  1.00 16.57 ? 13  LEU A CB  1 
ATOM   106  C CG  . LEU A 1 13  ? 10.438  -8.979  -7.733  1.00 18.21 ? 13  LEU A CG  1 
ATOM   107  C CD1 . LEU A 1 13  ? 10.120  -9.306  -6.291  1.00 17.52 ? 13  LEU A CD1 1 
ATOM   108  C CD2 . LEU A 1 13  ? 10.130  -10.159 -8.641  1.00 21.42 ? 13  LEU A CD2 1 
ATOM   109  N N   . ARG A 1 14  ? 12.201  -6.239  -6.355  1.00 14.38 ? 14  ARG A N   1 
ATOM   110  C CA  . ARG A 1 14  ? 13.651  -6.144  -6.234  1.00 15.13 ? 14  ARG A CA  1 
ATOM   111  C C   . ARG A 1 14  ? 14.109  -7.145  -5.182  1.00 14.64 ? 14  ARG A C   1 
ATOM   112  O O   . ARG A 1 14  ? 13.555  -7.188  -4.079  1.00 15.61 ? 14  ARG A O   1 
ATOM   113  C CB  . ARG A 1 14  ? 14.054  -4.721  -5.832  1.00 17.67 ? 14  ARG A CB  1 
ATOM   114  C CG  . ARG A 1 14  ? 14.145  -3.755  -7.016  1.00 20.39 ? 14  ARG A CG  1 
ATOM   115  C CD  . ARG A 1 14  ? 14.113  -2.293  -6.577  1.00 23.00 ? 14  ARG A CD  1 
ATOM   116  N NE  . ARG A 1 14  ? 12.758  -1.812  -6.318  1.00 24.95 ? 14  ARG A NE  1 
ATOM   117  C CZ  . ARG A 1 14  ? 12.416  -0.529  -6.298  1.00 25.43 ? 14  ARG A CZ  1 
ATOM   118  N NH1 . ARG A 1 14  ? 13.330  0.410   -6.514  1.00 27.19 ? 14  ARG A NH1 1 
ATOM   119  N NH2 . ARG A 1 14  ? 11.159  -0.182  -6.052  1.00 26.73 ? 14  ARG A NH2 1 
ATOM   120  N N   . LEU A 1 15  ? 15.117  -7.956  -5.511  1.00 13.65 ? 15  LEU A N   1 
ATOM   121  C CA  . LEU A 1 15  ? 15.532  -9.048  -4.638  1.00 14.50 ? 15  LEU A CA  1 
ATOM   122  C C   . LEU A 1 15  ? 16.650  -8.665  -3.680  1.00 14.02 ? 15  LEU A C   1 
ATOM   123  O O   . LEU A 1 15  ? 17.016  -9.477  -2.825  1.00 16.07 ? 15  LEU A O   1 
ATOM   124  C CB  . LEU A 1 15  ? 15.935  -10.264 -5.476  1.00 16.61 ? 15  LEU A CB  1 
ATOM   125  C CG  . LEU A 1 15  ? 14.825  -10.839 -6.358  1.00 17.53 ? 15  LEU A CG  1 
ATOM   126  C CD1 . LEU A 1 15  ? 15.307  -12.124 -7.017  1.00 21.05 ? 15  LEU A CD1 1 
ATOM   127  C CD2 . LEU A 1 15  ? 13.546  -11.086 -5.569  1.00 18.42 ? 15  LEU A CD2 1 
ATOM   128  N N   . LYS A 1 16  ? 17.196  -7.461  -3.794  1.00 14.84 ? 16  LYS A N   1 
ATOM   129  C CA  . LYS A 1 16  ? 18.211  -6.954  -2.887  1.00 15.07 ? 16  LYS A CA  1 
ATOM   130  C C   . LYS A 1 16  ? 17.668  -5.721  -2.181  1.00 13.06 ? 16  LYS A C   1 
ATOM   131  O O   . LYS A 1 16  ? 16.837  -4.990  -2.735  1.00 13.98 ? 16  LYS A O   1 
ATOM   132  C CB  . LYS A 1 16  ? 19.500  -6.589  -3.644  1.00 17.47 ? 16  LYS A CB  1 
ATOM   133  C CG  . LYS A 1 16  ? 20.719  -6.438  -2.751  1.00 25.32 ? 16  LYS A CG  1 
ATOM   134  C CD  . LYS A 1 16  ? 21.805  -5.600  -3.410  1.00 27.49 ? 16  LYS A CD  1 
ATOM   135  C CE  . LYS A 1 16  ? 21.632  -4.133  -3.063  1.00 28.34 ? 16  LYS A CE  1 
ATOM   136  N NZ  . LYS A 1 16  ? 21.462  -3.937  -1.600  1.00 24.33 ? 16  LYS A NZ  1 
ATOM   137  N N   . ILE A 1 17  ? 18.157  -5.472  -0.964  1.00 13.46 ? 17  ILE A N   1 
ATOM   138  C CA  . ILE A 1 17  ? 17.714  -4.309  -0.202  1.00 12.86 ? 17  ILE A CA  1 
ATOM   139  C C   . ILE A 1 17  ? 17.863  -3.060  -1.051  1.00 12.85 ? 17  ILE A C   1 
ATOM   140  O O   . ILE A 1 17  ? 18.899  -2.838  -1.692  1.00 14.98 ? 17  ILE A O   1 
ATOM   141  C CB  . ILE A 1 17  ? 18.508  -4.195  1.111   1.00 13.69 ? 17  ILE A CB  1 
ATOM   142  C CG1 . ILE A 1 17  ? 18.139  -5.334  2.058   1.00 13.60 ? 17  ILE A CG1 1 
ATOM   143  C CG2 . ILE A 1 17  ? 18.249  -2.850  1.773   1.00 14.92 ? 17  ILE A CG2 1 
ATOM   144  C CD1 . ILE A 1 17  ? 18.902  -5.302  3.372   1.00 15.07 ? 17  ILE A CD1 1 
ATOM   145  N N   . TYR A 1 18  ? 16.810  -2.248  -1.071  1.00 12.54 ? 18  TYR A N   1 
ATOM   146  C CA  . TYR A 1 18  ? 16.765  -0.988  -1.788  1.00 14.61 ? 18  TYR A CA  1 
ATOM   147  C C   . TYR A 1 18  ? 16.167  0.056   -0.859  1.00 13.64 ? 18  TYR A C   1 
ATOM   148  O O   . TYR A 1 18  ? 15.804  -0.234  0.284   1.00 14.00 ? 18  TYR A O   1 
ATOM   149  C CB  . TYR A 1 18  ? 15.988  -1.112  -3.109  1.00 15.45 ? 18  TYR A CB  1 
ATOM   150  C CG  . TYR A 1 18  ? 14.501  -1.444  -3.013  1.00 14.18 ? 18  TYR A CG  1 
ATOM   151  C CD1 . TYR A 1 18  ? 14.057  -2.755  -2.898  1.00 14.84 ? 18  TYR A CD1 1 
ATOM   152  C CD2 . TYR A 1 18  ? 13.538  -0.442  -3.103  1.00 14.74 ? 18  TYR A CD2 1 
ATOM   153  C CE1 . TYR A 1 18  ? 12.708  -3.054  -2.842  1.00 13.71 ? 18  TYR A CE1 1 
ATOM   154  C CE2 . TYR A 1 18  ? 12.181  -0.744  -3.044  1.00 14.78 ? 18  TYR A CE2 1 
ATOM   155  C CZ  . TYR A 1 18  ? 11.772  -2.050  -2.920  1.00 14.29 ? 18  TYR A CZ  1 
ATOM   156  O OH  . TYR A 1 18  ? 10.430  -2.374  -2.870  1.00 14.50 ? 18  TYR A OH  1 
ATOM   157  N N   . LYS A 1 19  ? 16.060  1.282   -1.345  1.00 15.44 ? 19  LYS A N   1 
ATOM   158  C CA  . LYS A 1 19  ? 15.416  2.339   -0.586  1.00 15.72 ? 19  LYS A CA  1 
ATOM   159  C C   . LYS A 1 19  ? 14.111  2.726   -1.262  1.00 15.06 ? 19  LYS A C   1 
ATOM   160  O O   . LYS A 1 19  ? 14.041  2.823   -2.493  1.00 16.42 ? 19  LYS A O   1 
ATOM   161  C CB  . LYS A 1 19  ? 16.319  3.562   -0.468  1.00 16.91 ? 19  LYS A CB  1 
ATOM   162  C CG  . LYS A 1 19  ? 17.480  3.376   0.492   1.00 17.31 ? 19  LYS A CG  1 
ATOM   163  C CD  . LYS A 1 19  ? 18.277  4.657   0.611   1.00 18.73 ? 19  LYS A CD  1 
ATOM   164  C CE  . LYS A 1 19  ? 19.410  4.514   1.602   1.00 18.68 ? 19  LYS A CE  1 
ATOM   165  N NZ  . LYS A 1 19  ? 20.190  5.774   1.701   1.00 20.53 ? 19  LYS A NZ  1 
ATOM   166  N N   . ASP A 1 20  ? 13.079  2.930   -0.455  1.00 14.64 ? 20  ASP A N   1 
ATOM   167  C CA  . ASP A 1 20  ? 11.789  3.346   -0.983  1.00 14.75 ? 20  ASP A CA  1 
ATOM   168  C C   . ASP A 1 20  ? 11.829  4.832   -1.335  1.00 14.92 ? 20  ASP A C   1 
ATOM   169  O O   . ASP A 1 20  ? 12.869  5.489   -1.253  1.00 14.57 ? 20  ASP A O   1 
ATOM   170  C CB  . ASP A 1 20  ? 10.660  2.920   -0.046  1.00 15.12 ? 20  ASP A CB  1 
ATOM   171  C CG  . ASP A 1 20  ? 10.576  3.757   1.223   1.00 14.02 ? 20  ASP A CG  1 
ATOM   172  O OD1 . ASP A 1 20  ? 11.319  4.747   1.383   1.00 14.58 ? 20  ASP A OD1 1 
ATOM   173  O OD2 . ASP A 1 20  ? 9.734   3.410   2.081   1.00 16.88 ? 20  ASP A OD2 1 
ATOM   174  N N   . THR A 1 21  ? 10.679  5.387   -1.715  1.00 14.00 ? 21  THR A N   1 
ATOM   175  C CA  . THR A 1 21  ? 10.646  6.780   -2.146  1.00 14.05 ? 21  THR A CA  1 
ATOM   176  C C   . THR A 1 21  ? 10.939  7.746   -1.006  1.00 14.34 ? 21  THR A C   1 
ATOM   177  O O   . THR A 1 21  ? 11.279  8.907   -1.272  1.00 16.31 ? 21  THR A O   1 
ATOM   178  C CB  . THR A 1 21  ? 9.302   7.104   -2.811  1.00 17.33 ? 21  THR A CB  1 
ATOM   179  O OG1 . THR A 1 21  ? 8.254   7.022   -1.842  1.00 21.67 ? 21  THR A OG1 1 
ATOM   180  C CG2 . THR A 1 21  ? 9.003   6.128   -3.939  1.00 19.41 ? 21  THR A CG2 1 
ATOM   181  N N   . GLU A 1 22  ? 10.802  7.311   0.245   1.00 14.10 ? 22  GLU A N   1 
ATOM   182  C CA  . GLU A 1 22  ? 11.117  8.130   1.405   1.00 14.71 ? 22  GLU A CA  1 
ATOM   183  C C   . GLU A 1 22  ? 12.541  7.920   1.895   1.00 15.26 ? 22  GLU A C   1 
ATOM   184  O O   . GLU A 1 22  ? 12.946  8.566   2.865   1.00 17.39 ? 22  GLU A O   1 
ATOM   185  C CB  . GLU A 1 22  ? 10.137  7.844   2.552   1.00 16.03 ? 22  GLU A CB  1 
ATOM   186  C CG  . GLU A 1 22  ? 8.667   8.047   2.188   1.00 18.85 ? 22  GLU A CG  1 
ATOM   187  C CD  . GLU A 1 22  ? 8.259   9.509   2.094   1.00 20.44 ? 22  GLU A CD  1 
ATOM   188  O OE1 . GLU A 1 22  ? 9.026   10.391  2.533   1.00 21.52 ? 22  GLU A OE1 1 
ATOM   189  O OE2 . GLU A 1 22  ? 7.159   9.776   1.564   1.00 24.35 ? 22  GLU A OE2 1 
ATOM   190  N N   . GLY A 1 23  ? 13.300  7.035   1.253   1.00 14.76 ? 23  GLY A N   1 
ATOM   191  C CA  . GLY A 1 23  ? 14.664  6.755   1.647   1.00 15.56 ? 23  GLY A CA  1 
ATOM   192  C C   . GLY A 1 23  ? 14.840  5.630   2.643   1.00 14.39 ? 23  GLY A C   1 
ATOM   193  O O   . GLY A 1 23  ? 15.940  5.484   3.188   1.00 16.46 ? 23  GLY A O   1 
ATOM   194  N N   . TYR A 1 24  ? 13.811  4.819   2.887   1.00 13.42 ? 24  TYR A N   1 
ATOM   195  C CA  . TYR A 1 24  ? 13.858  3.787   3.915   1.00 13.67 ? 24  TYR A CA  1 
ATOM   196  C C   . TYR A 1 24  ? 14.188  2.435   3.301   1.00 12.34 ? 24  TYR A C   1 
ATOM   197  O O   . TYR A 1 24  ? 13.706  2.093   2.219   1.00 11.98 ? 24  TYR A O   1 
ATOM   198  C CB  . TYR A 1 24  ? 12.508  3.673   4.620   1.00 14.40 ? 24  TYR A CB  1 
ATOM   199  C CG  . TYR A 1 24  ? 12.104  4.904   5.399   1.00 16.69 ? 24  TYR A CG  1 
ATOM   200  C CD1 . TYR A 1 24  ? 13.014  5.561   6.213   1.00 18.64 ? 24  TYR A CD1 1 
ATOM   201  C CD2 . TYR A 1 24  ? 10.810  5.405   5.322   1.00 18.64 ? 24  TYR A CD2 1 
ATOM   202  C CE1 . TYR A 1 24  ? 12.648  6.685   6.934   1.00 20.82 ? 24  TYR A CE1 1 
ATOM   203  C CE2 . TYR A 1 24  ? 10.434  6.528   6.041   1.00 20.06 ? 24  TYR A CE2 1 
ATOM   204  C CZ  . TYR A 1 24  ? 11.359  7.162   6.840   1.00 21.69 ? 24  TYR A CZ  1 
ATOM   205  O OH  . TYR A 1 24  ? 10.993  8.280   7.557   1.00 24.98 ? 24  TYR A OH  1 
ATOM   206  N N   . TYR A 1 25  ? 14.983  1.642   4.021   1.00 12.85 ? 25  TYR A N   1 
ATOM   207  C CA  . TYR A 1 25  ? 15.377  0.322   3.534   1.00 12.48 ? 25  TYR A CA  1 
ATOM   208  C C   . TYR A 1 25  ? 14.174  -0.604  3.380   1.00 11.15 ? 25  TYR A C   1 
ATOM   209  O O   . TYR A 1 25  ? 13.366  -0.760  4.304   1.00 12.28 ? 25  TYR A O   1 
ATOM   210  C CB  . TYR A 1 25  ? 16.396  -0.295  4.490   1.00 12.63 ? 25  TYR A CB  1 
ATOM   211  C CG  . TYR A 1 25  ? 17.741  0.389   4.449   1.00 13.22 ? 25  TYR A CG  1 
ATOM   212  C CD1 . TYR A 1 25  ? 18.451  0.487   3.262   1.00 14.29 ? 25  TYR A CD1 1 
ATOM   213  C CD2 . TYR A 1 25  ? 18.299  0.948   5.591   1.00 14.96 ? 25  TYR A CD2 1 
ATOM   214  C CE1 . TYR A 1 25  ? 19.692  1.108   3.215   1.00 16.43 ? 25  TYR A CE1 1 
ATOM   215  C CE2 . TYR A 1 25  ? 19.547  1.570   5.551   1.00 17.21 ? 25  TYR A CE2 1 
ATOM   216  C CZ  . TYR A 1 25  ? 20.229  1.647   4.358   1.00 16.99 ? 25  TYR A CZ  1 
ATOM   217  O OH  . TYR A 1 25  ? 21.463  2.269   4.309   1.00 21.32 ? 25  TYR A OH  1 
ATOM   218  N N   . THR A 1 26  ? 14.103  -1.248  2.219   1.00 11.05 ? 26  THR A N   1 
ATOM   219  C CA  . THR A 1 26  ? 12.954  -2.000  1.743   1.00 11.17 ? 26  THR A CA  1 
ATOM   220  C C   . THR A 1 26  ? 13.505  -3.173  0.939   1.00 11.28 ? 26  THR A C   1 
ATOM   221  O O   . THR A 1 26  ? 14.664  -3.155  0.518   1.00 11.82 ? 26  THR A O   1 
ATOM   222  C CB  . THR A 1 26  ? 12.113  -1.059  0.856   1.00 11.99 ? 26  THR A CB  1 
ATOM   223  O OG1 . THR A 1 26  ? 11.759  0.094   1.621   1.00 12.64 ? 26  THR A OG1 1 
ATOM   224  C CG2 . THR A 1 26  ? 10.824  -1.699  0.356   1.00 12.72 ? 26  THR A CG2 1 
ATOM   225  N N   . ILE A 1 27  ? 12.683  -4.199  0.719   1.00 11.47 ? 27  ILE A N   1 
ATOM   226  C CA  . ILE A 1 27  ? 13.070  -5.305  -0.153  1.00 11.43 ? 27  ILE A CA  1 
ATOM   227  C C   . ILE A 1 27  ? 11.822  -5.905  -0.784  1.00 11.05 ? 27  ILE A C   1 
ATOM   228  O O   . ILE A 1 27  ? 10.696  -5.695  -0.320  1.00 11.35 ? 27  ILE A O   1 
ATOM   229  C CB  . ILE A 1 27  ? 13.887  -6.376  0.608   1.00 12.55 ? 27  ILE A CB  1 
ATOM   230  C CG1 . ILE A 1 27  ? 14.699  -7.263  -0.358  1.00 13.17 ? 27  ILE A CG1 1 
ATOM   231  C CG2 . ILE A 1 27  ? 12.972  -7.185  1.503   1.00 13.93 ? 27  ILE A CG2 1 
ATOM   232  C CD1 . ILE A 1 27  ? 15.799  -8.055  0.313   1.00 14.26 ? 27  ILE A CD1 1 
ATOM   233  N N   . GLY A 1 28  ? 12.028  -6.652  -1.862  1.00 11.57 ? 28  GLY A N   1 
ATOM   234  C CA  . GLY A 1 28  ? 10.951  -7.447  -2.419  1.00 12.15 ? 28  GLY A CA  1 
ATOM   235  C C   . GLY A 1 28  ? 9.942   -6.590  -3.153  1.00 11.12 ? 28  GLY A C   1 
ATOM   236  O O   . GLY A 1 28  ? 10.301  -5.736  -3.973  1.00 12.60 ? 28  GLY A O   1 
ATOM   237  N N   . ILE A 1 29  ? 8.665   -6.846  -2.872  1.00 11.41 ? 29  ILE A N   1 
ATOM   238  C CA  . ILE A 1 29  ? 7.556   -6.088  -3.440  1.00 11.35 ? 29  ILE A CA  1 
ATOM   239  C C   . ILE A 1 29  ? 7.131   -5.057  -2.400  1.00 10.77 ? 29  ILE A C   1 
ATOM   240  O O   . ILE A 1 29  ? 6.078   -5.175  -1.763  1.00 11.65 ? 29  ILE A O   1 
ATOM   241  C CB  . ILE A 1 29  ? 6.418   -7.033  -3.869  1.00 11.45 ? 29  ILE A CB  1 
ATOM   242  C CG1 . ILE A 1 29  ? 6.967   -8.127  -4.796  1.00 13.23 ? 29  ILE A CG1 1 
ATOM   243  C CG2 . ILE A 1 29  ? 5.313   -6.264  -4.553  1.00 12.17 ? 29  ILE A CG2 1 
ATOM   244  C CD1 . ILE A 1 29  ? 6.027   -9.290  -5.038  1.00 14.10 ? 29  ILE A CD1 1 
ATOM   245  N N   . GLY A 1 30  ? 7.988   -4.064  -2.186  1.00 11.66 ? 30  GLY A N   1 
ATOM   246  C CA  . GLY A 1 30  ? 7.671   -2.989  -1.267  1.00 12.18 ? 30  GLY A CA  1 
ATOM   247  C C   . GLY A 1 30  ? 7.609   -3.355  0.201   1.00 11.83 ? 30  GLY A C   1 
ATOM   248  O O   . GLY A 1 30  ? 6.859   -2.726  0.952   1.00 12.14 ? 30  GLY A O   1 
ATOM   249  N N   . HIS A 1 31  ? 8.401   -4.325  0.652   1.00 11.55 ? 31  HIS A N   1 
ATOM   250  C CA  . HIS A 1 31  ? 8.399   -4.685  2.067   1.00 11.64 ? 31  HIS A CA  1 
ATOM   251  C C   . HIS A 1 31  ? 9.335   -3.763  2.840   1.00 11.46 ? 31  HIS A C   1 
ATOM   252  O O   . HIS A 1 31  ? 10.558  -3.883  2.735   1.00 11.41 ? 31  HIS A O   1 
ATOM   253  C CB  . HIS A 1 31  ? 8.836   -6.131  2.254   1.00 13.01 ? 31  HIS A CB  1 
ATOM   254  C CG  . HIS A 1 31  ? 8.839   -6.547  3.684   1.00 12.60 ? 31  HIS A CG  1 
ATOM   255  N ND1 . HIS A 1 31  ? 7.697   -6.979  4.324   1.00 15.10 ? 31  HIS A ND1 1 
ATOM   256  C CD2 . HIS A 1 31  ? 9.824   -6.564  4.613   1.00 14.96 ? 31  HIS A CD2 1 
ATOM   257  C CE1 . HIS A 1 31  ? 7.983   -7.254  5.585   1.00 15.46 ? 31  HIS A CE1 1 
ATOM   258  N NE2 . HIS A 1 31  ? 9.266   -7.013  5.786   1.00 16.02 ? 31  HIS A NE2 1 
ATOM   259  N N   . LEU A 1 32  ? 8.773   -2.859  3.642   1.00 12.31 ? 32  LEU A N   1 
ATOM   260  C CA  . LEU A 1 32  ? 9.592   -1.990  4.481   1.00 12.23 ? 32  LEU A CA  1 
ATOM   261  C C   . LEU A 1 32  ? 10.340  -2.814  5.523   1.00 12.14 ? 32  LEU A C   1 
ATOM   262  O O   . LEU A 1 32  ? 9.742   -3.628  6.232   1.00 13.83 ? 32  LEU A O   1 
ATOM   263  C CB  . LEU A 1 32  ? 8.703   -0.965  5.188   1.00 14.10 ? 32  LEU A CB  1 
ATOM   264  C CG  . LEU A 1 32  ? 9.372   -0.096  6.257   1.00 15.07 ? 32  LEU A CG  1 
ATOM   265  C CD1 . LEU A 1 32  ? 10.404  0.849   5.644   1.00 16.87 ? 32  LEU A CD1 1 
ATOM   266  C CD2 . LEU A 1 32  ? 8.334   0.690   7.049   1.00 18.63 ? 32  LEU A CD2 1 
ATOM   267  N N   . LEU A 1 33  ? 11.648  -2.588  5.633   1.00 12.19 ? 33  LEU A N   1 
ATOM   268  C CA  . LEU A 1 33  ? 12.449  -3.269  6.644   1.00 12.23 ? 33  LEU A CA  1 
ATOM   269  C C   . LEU A 1 33  ? 12.630  -2.433  7.902   1.00 13.66 ? 33  LEU A C   1 
ATOM   270  O O   . LEU A 1 33  ? 12.414  -2.927  9.012   1.00 15.34 ? 33  LEU A O   1 
ATOM   271  C CB  . LEU A 1 33  ? 13.812  -3.658  6.064   1.00 12.81 ? 33  LEU A CB  1 
ATOM   272  C CG  . LEU A 1 33  ? 13.740  -4.780  5.033   1.00 12.89 ? 33  LEU A CG  1 
ATOM   273  C CD1 . LEU A 1 33  ? 15.047  -4.883  4.255   1.00 13.76 ? 33  LEU A CD1 1 
ATOM   274  C CD2 . LEU A 1 33  ? 13.404  -6.117  5.708   1.00 13.30 ? 33  LEU A CD2 1 
ATOM   275  N N   . THR A 1 34  ? 13.006  -1.167  7.751   1.00 14.17 ? 34  THR A N   1 
ATOM   276  C CA  . THR A 1 34  ? 13.215  -0.310  8.906   1.00 14.72 ? 34  THR A CA  1 
ATOM   277  C C   . THR A 1 34  ? 13.267  1.131   8.438   1.00 15.14 ? 34  THR A C   1 
ATOM   278  O O   . THR A 1 34  ? 13.617  1.410   7.291   1.00 15.64 ? 34  THR A O   1 
ATOM   279  C CB  . THR A 1 34  ? 14.518  -0.659  9.638   1.00 15.48 ? 34  THR A CB  1 
ATOM   280  O OG1 . THR A 1 34  ? 14.664  0.190   10.783  1.00 16.58 ? 34  THR A OG1 1 
ATOM   281  C CG2 . THR A 1 34  ? 15.722  -0.471  8.721   1.00 16.32 ? 34  THR A CG2 1 
ATOM   282  N N   . LYS A 1 35  ? 12.923  2.042   9.342   1.00 16.19 ? 35  LYS A N   1 
ATOM   283  C CA  . LYS A 1 35  ? 13.152  3.459   9.112   1.00 17.34 ? 35  LYS A CA  1 
ATOM   284  C C   . LYS A 1 35  ? 14.491  3.923   9.659   1.00 18.53 ? 35  LYS A C   1 
ATOM   285  O O   . LYS A 1 35  ? 14.852  5.092   9.481   1.00 18.89 ? 35  LYS A O   1 
ATOM   286  C CB  . LYS A 1 35  ? 11.998  4.288   9.684   1.00 19.46 ? 35  LYS A CB  1 
ATOM   287  C CG  . LYS A 1 35  ? 10.691  4.025   8.955   1.00 17.74 ? 35  LYS A CG  1 
ATOM   288  C CD  . LYS A 1 35  ? 9.552   4.905   9.443   1.00 22.17 ? 35  LYS A CD  1 
ATOM   289  C CE  . LYS A 1 35  ? 8.282   4.595   8.665   1.00 24.77 ? 35  LYS A CE  1 
ATOM   290  N NZ  . LYS A 1 35  ? 7.163   5.509   9.024   1.00 27.05 ? 35  LYS A NZ  1 
ATOM   291  N N   . SER A 1 36  ? 15.247  3.025   10.288  1.00 18.28 ? 36  SER A N   1 
ATOM   292  C CA  . SER A 1 36  ? 16.559  3.367   10.802  1.00 17.98 ? 36  SER A CA  1 
ATOM   293  C C   . SER A 1 36  ? 17.536  3.578   9.646   1.00 18.68 ? 36  SER A C   1 
ATOM   294  O O   . SER A 1 36  ? 17.464  2.888   8.626   1.00 17.52 ? 36  SER A O   1 
ATOM   295  C CB  . SER A 1 36  ? 17.079  2.238   11.686  1.00 19.86 ? 36  SER A CB  1 
ATOM   296  O OG  . SER A 1 36  ? 18.486  2.318   11.845  1.00 21.20 ? 36  SER A OG  1 
ATOM   297  N N   . PRO A 1 37  ? 18.472  4.523   9.786   1.00 19.79 ? 37  PRO A N   1 
ATOM   298  C CA  . PRO A 1 37  ? 19.497  4.698   8.748   1.00 19.46 ? 37  PRO A CA  1 
ATOM   299  C C   . PRO A 1 37  ? 20.536  3.588   8.711   1.00 19.01 ? 37  PRO A C   1 
ATOM   300  O O   . PRO A 1 37  ? 21.399  3.603   7.826   1.00 20.79 ? 37  PRO A O   1 
ATOM   301  C CB  . PRO A 1 37  ? 20.140  6.045   9.116   1.00 23.21 ? 37  PRO A CB  1 
ATOM   302  C CG  . PRO A 1 37  ? 19.917  6.169   10.580  1.00 23.34 ? 37  PRO A CG  1 
ATOM   303  C CD  . PRO A 1 37  ? 18.571  5.548   10.840  1.00 21.88 ? 37  PRO A CD  1 
ATOM   304  N N   . SER A 1 38  ? 20.467  2.613   9.614   1.00 17.64 ? 38  SER A N   1 
ATOM   305  C CA  . SER A 1 38  ? 21.480  1.570   9.715   1.00 17.98 ? 38  SER A CA  1 
ATOM   306  C C   . SER A 1 38  ? 21.141  0.418   8.774   1.00 16.79 ? 38  SER A C   1 
ATOM   307  O O   . SER A 1 38  ? 20.112  -0.250  8.942   1.00 16.00 ? 38  SER A O   1 
ATOM   308  C CB  . SER A 1 38  ? 21.558  1.061   11.151  1.00 20.06 ? 38  SER A CB  1 
ATOM   309  O OG  . SER A 1 38  ? 22.273  -0.160  11.213  1.00 19.25 ? 38  SER A OG  1 
ATOM   310  N N   . LEU A 1 39  ? 22.015  0.174   7.795   1.00 16.84 ? 39  LEU A N   1 
ATOM   311  C CA  . LEU A 1 39  ? 21.837  -0.984  6.924   1.00 16.93 ? 39  LEU A CA  1 
ATOM   312  C C   . LEU A 1 39  ? 21.912  -2.288  7.709   1.00 14.81 ? 39  LEU A C   1 
ATOM   313  O O   . LEU A 1 39  ? 21.216  -3.257  7.376   1.00 14.93 ? 39  LEU A O   1 
ATOM   314  C CB  . LEU A 1 39  ? 22.884  -0.969  5.808   1.00 17.38 ? 39  LEU A CB  1 
ATOM   315  C CG  . LEU A 1 39  ? 22.852  -2.139  4.821   1.00 15.85 ? 39  LEU A CG  1 
ATOM   316  C CD1 . LEU A 1 39  ? 21.496  -2.244  4.132   1.00 16.80 ? 39  LEU A CD1 1 
ATOM   317  C CD2 . LEU A 1 39  ? 23.980  -2.009  3.801   1.00 19.49 ? 39  LEU A CD2 1 
ATOM   318  N N   . ASN A 1 40  ? 22.751  -2.341  8.745   1.00 16.00 ? 40  ASN A N   1 
ATOM   319  C CA  . ASN A 1 40  ? 22.802  -3.542  9.570   1.00 15.34 ? 40  ASN A CA  1 
ATOM   320  C C   . ASN A 1 40  ? 21.459  -3.798  10.245  1.00 14.94 ? 40  ASN A C   1 
ATOM   321  O O   . ASN A 1 40  ? 21.011  -4.948  10.331  1.00 14.65 ? 40  ASN A O   1 
ATOM   322  C CB  . ASN A 1 40  ? 23.915  -3.425  10.611  1.00 18.12 ? 40  ASN A CB  1 
ATOM   323  C CG  . ASN A 1 40  ? 25.291  -3.674  10.027  1.00 19.66 ? 40  ASN A CG  1 
ATOM   324  O OD1 . ASN A 1 40  ? 25.432  -4.249  8.948   1.00 22.88 ? 40  ASN A OD1 1 
ATOM   325  N ND2 . ASN A 1 40  ? 26.320  -3.240  10.747  1.00 27.20 ? 40  ASN A ND2 1 
ATOM   326  N N   . ALA A 1 41  ? 20.798  -2.741  10.723  1.00 15.47 ? 41  ALA A N   1 
ATOM   327  C CA  . ALA A 1 41  ? 19.470  -2.918  11.307  1.00 15.25 ? 41  ALA A CA  1 
ATOM   328  C C   . ALA A 1 41  ? 18.491  -3.469  10.282  1.00 13.83 ? 41  ALA A C   1 
ATOM   329  O O   . ALA A 1 41  ? 17.668  -4.336  10.603  1.00 13.83 ? 41  ALA A O   1 
ATOM   330  C CB  . ALA A 1 41  ? 18.955  -1.603  11.889  1.00 16.91 ? 41  ALA A CB  1 
ATOM   331  N N   . ALA A 1 42  ? 18.562  -2.974  9.041   1.00 13.40 ? 42  ALA A N   1 
ATOM   332  C CA  . ALA A 1 42  ? 17.703  -3.493  7.982   1.00 13.01 ? 42  ALA A CA  1 
ATOM   333  C C   . ALA A 1 42  ? 17.995  -4.958  7.701   1.00 12.20 ? 42  ALA A C   1 
ATOM   334  O O   . ALA A 1 42  ? 17.071  -5.753  7.481   1.00 12.96 ? 42  ALA A O   1 
ATOM   335  C CB  . ALA A 1 42  ? 17.902  -2.675  6.710   1.00 13.76 ? 42  ALA A CB  1 
ATOM   336  N N   . LYS A 1 43  ? 19.279  -5.329  7.688   1.00 12.89 ? 43  LYS A N   1 
ATOM   337  C CA  . LYS A 1 43  ? 19.649  -6.720  7.437   1.00 13.14 ? 43  LYS A CA  1 
ATOM   338  C C   . LYS A 1 43  ? 19.157  -7.637  8.548   1.00 12.93 ? 43  LYS A C   1 
ATOM   339  O O   . LYS A 1 43  ? 18.720  -8.763  8.285   1.00 13.30 ? 43  LYS A O   1 
ATOM   340  C CB  . LYS A 1 43  ? 21.164  -6.838  7.266   1.00 13.87 ? 43  LYS A CB  1 
ATOM   341  C CG  . LYS A 1 43  ? 21.655  -6.308  5.923   1.00 13.94 ? 43  LYS A CG  1 
ATOM   342  C CD  . LYS A 1 43  ? 23.166  -6.337  5.833   1.00 17.76 ? 43  LYS A CD  1 
ATOM   343  C CE  . LYS A 1 43  ? 23.625  -5.969  4.437   1.00 18.92 ? 43  LYS A CE  1 
ATOM   344  N NZ  . LYS A 1 43  ? 25.109  -6.046  4.321   1.00 21.93 ? 43  LYS A NZ  1 
ATOM   345  N N   . SER A 1 44  ? 19.206  -7.171  9.796   1.00 13.36 ? 44  SER A N   1 
ATOM   346  C CA  . SER A 1 44  ? 18.658  -7.966  10.890  1.00 13.60 ? 44  SER A CA  1 
ATOM   347  C C   . SER A 1 44  ? 17.159  -8.167  10.717  1.00 12.88 ? 44  SER A C   1 
ATOM   348  O O   . SER A 1 44  ? 16.646  -9.282  10.874  1.00 13.61 ? 44  SER A O   1 
ATOM   349  C CB  . SER A 1 44  ? 18.957  -7.299  12.230  1.00 15.90 ? 44  SER A CB  1 
ATOM   350  O OG  . SER A 1 44  ? 20.340  -7.341  12.527  1.00 18.68 ? 44  SER A OG  1 
ATOM   351  N N   . GLU A 1 45  ? 16.437  -7.094  10.394  1.00 12.81 ? 45  GLU A N   1 
ATOM   352  C CA  . GLU A 1 45  ? 15.006  -7.233  10.152  1.00 13.14 ? 45  GLU A CA  1 
ATOM   353  C C   . GLU A 1 45  ? 14.736  -8.226  9.034   1.00 12.52 ? 45  GLU A C   1 
ATOM   354  O O   . GLU A 1 45  ? 13.806  -9.036  9.123   1.00 13.25 ? 45  GLU A O   1 
ATOM   355  C CB  . GLU A 1 45  ? 14.387  -5.878  9.808   1.00 13.72 ? 45  GLU A CB  1 
ATOM   356  C CG  . GLU A 1 45  ? 14.304  -4.919  10.982  1.00 13.90 ? 45  GLU A CG  1 
ATOM   357  C CD  . GLU A 1 45  ? 13.517  -5.504  12.144  1.00 14.09 ? 45  GLU A CD  1 
ATOM   358  O OE1 . GLU A 1 45  ? 12.324  -5.839  11.967  1.00 15.73 ? 45  GLU A OE1 1 
ATOM   359  O OE2 . GLU A 1 45  ? 14.103  -5.660  13.238  1.00 16.43 ? 45  GLU A OE2 1 
ATOM   360  N N   . LEU A 1 46  ? 15.540  -8.184  7.970   1.00 12.16 ? 46  LEU A N   1 
ATOM   361  C CA  . LEU A 1 46  ? 15.332  -9.104  6.859   1.00 12.32 ? 46  LEU A CA  1 
ATOM   362  C C   . LEU A 1 46  ? 15.523  -10.550 7.304   1.00 11.55 ? 46  LEU A C   1 
ATOM   363  O O   . LEU A 1 46  ? 14.703  -11.422 6.999   1.00 12.58 ? 46  LEU A O   1 
ATOM   364  C CB  . LEU A 1 46  ? 16.285  -8.756  5.722   1.00 12.42 ? 46  LEU A CB  1 
ATOM   365  C CG  . LEU A 1 46  ? 16.179  -9.669  4.502   1.00 12.34 ? 46  LEU A CG  1 
ATOM   366  C CD1 . LEU A 1 46  ? 14.790  -9.605  3.884   1.00 13.48 ? 46  LEU A CD1 1 
ATOM   367  C CD2 . LEU A 1 46  ? 17.230  -9.325  3.467   1.00 14.02 ? 46  LEU A CD2 1 
ATOM   368  N N   . ASP A 1 47  ? 16.606  -10.821 8.032   1.00 12.16 ? 47  ASP A N   1 
ATOM   369  C CA  . ASP A 1 47  ? 16.862  -12.187 8.471   1.00 12.42 ? 47  ASP A CA  1 
ATOM   370  C C   . ASP A 1 47  ? 15.741  -12.695 9.367   1.00 12.38 ? 47  ASP A C   1 
ATOM   371  O O   . ASP A 1 47  ? 15.320  -13.851 9.252   1.00 13.31 ? 47  ASP A O   1 
ATOM   372  C CB  . ASP A 1 47  ? 18.206  -12.258 9.189   1.00 14.07 ? 47  ASP A CB  1 
ATOM   373  C CG  . ASP A 1 47  ? 19.379  -12.015 8.258   1.00 15.46 ? 47  ASP A CG  1 
ATOM   374  O OD1 . ASP A 1 47  ? 19.183  -11.952 7.030   1.00 16.54 ? 47  ASP A OD1 1 
ATOM   375  O OD2 . ASP A 1 47  ? 20.519  -11.896 8.761   1.00 18.86 ? 47  ASP A OD2 1 
ATOM   376  N N   . LYS A 1 48  ? 15.248  -11.842 10.265  1.00 12.39 ? 48  LYS A N   1 
ATOM   377  C CA  . LYS A 1 48  ? 14.116  -12.197 11.118  1.00 12.67 ? 48  LYS A CA  1 
ATOM   378  C C   . LYS A 1 48  ? 12.866  -12.498 10.291  1.00 12.18 ? 48  LYS A C   1 
ATOM   379  O O   . LYS A 1 48  ? 12.132  -13.458 10.569  1.00 12.31 ? 48  LYS A O   1 
ATOM   380  C CB  . LYS A 1 48  ? 13.876  -11.044 12.100  1.00 14.17 ? 48  LYS A CB  1 
ATOM   381  C CG  . LYS A 1 48  ? 12.648  -11.156 12.973  1.00 14.78 ? 48  LYS A CG  1 
ATOM   382  C CD  . LYS A 1 48  ? 12.708  -10.171 14.141  1.00 15.92 ? 48  LYS A CD  1 
ATOM   383  C CE  . LYS A 1 48  ? 12.818  -8.713  13.699  1.00 15.63 ? 48  LYS A CE  1 
ATOM   384  N NZ  . LYS A 1 48  ? 11.522  -8.128  13.276  1.00 15.38 ? 48  LYS A NZ  1 
ATOM   385  N N   . ALA A 1 49  ? 12.626  -11.703 9.244   1.00 11.69 ? 49  ALA A N   1 
ATOM   386  C CA  . ALA A 1 49  ? 11.420  -11.871 8.439   1.00 12.40 ? 49  ALA A CA  1 
ATOM   387  C C   . ALA A 1 49  ? 11.466  -13.147 7.613   1.00 11.61 ? 49  ALA A C   1 
ATOM   388  O O   . ALA A 1 49  ? 10.432  -13.792 7.401   1.00 12.35 ? 49  ALA A O   1 
ATOM   389  C CB  . ALA A 1 49  ? 11.244  -10.667 7.517   1.00 13.07 ? 49  ALA A CB  1 
ATOM   390  N N   . ILE A 1 50  ? 12.647  -13.507 7.106   1.00 12.50 ? 50  ILE A N   1 
ATOM   391  C CA  . ILE A 1 50  ? 12.792  -14.656 6.212   1.00 13.11 ? 50  ILE A CA  1 
ATOM   392  C C   . ILE A 1 50  ? 13.078  -15.944 6.980   1.00 13.59 ? 50  ILE A C   1 
ATOM   393  O O   . ILE A 1 50  ? 12.723  -17.034 6.517   1.00 14.57 ? 50  ILE A O   1 
ATOM   394  C CB  . ILE A 1 50  ? 13.892  -14.382 5.163   1.00 13.88 ? 50  ILE A CB  1 
ATOM   395  C CG1 . ILE A 1 50  ? 13.615  -13.080 4.415   1.00 15.60 ? 50  ILE A CG1 1 
ATOM   396  C CG2 . ILE A 1 50  ? 14.046  -15.557 4.177   1.00 16.27 ? 50  ILE A CG2 1 
ATOM   397  C CD1 . ILE A 1 50  ? 12.350  -13.109 3.601   1.00 17.84 ? 50  ILE A CD1 1 
ATOM   398  N N   . GLY A 1 51  ? 13.719  -15.845 8.139   1.00 13.16 ? 51  GLY A N   1 
ATOM   399  C CA  . GLY A 1 51  ? 14.089  -17.017 8.905   1.00 13.89 ? 51  GLY A CA  1 
ATOM   400  C C   . GLY A 1 51  ? 15.417  -17.633 8.532   1.00 15.34 ? 51  GLY A C   1 
ATOM   401  O O   . GLY A 1 51  ? 15.640  -18.816 8.825   1.00 17.43 ? 51  GLY A O   1 
ATOM   402  N N   . ARG A 1 52  ? 16.302  -16.878 7.888   1.00 14.84 ? 52  ARG A N   1 
ATOM   403  C CA  . ARG A 1 52  ? 17.641  -17.354 7.568   1.00 16.44 ? 52  ARG A CA  1 
ATOM   404  C C   . ARG A 1 52  ? 18.534  -16.135 7.418   1.00 14.91 ? 52  ARG A C   1 
ATOM   405  O O   . ARG A 1 52  ? 18.058  -15.003 7.345   1.00 14.93 ? 52  ARG A O   1 
ATOM   406  C CB  . ARG A 1 52  ? 17.646  -18.203 6.296   1.00 16.77 ? 52  ARG A CB  1 
ATOM   407  C CG  . ARG A 1 52  ? 17.368  -17.402 5.033   1.00 15.83 ? 52  ARG A CG  1 
ATOM   408  C CD  . ARG A 1 52  ? 17.342  -18.264 3.768   1.00 17.73 ? 52  ARG A CD  1 
ATOM   409  N NE  . ARG A 1 52  ? 17.018  -17.433 2.611   1.00 16.16 ? 52  ARG A NE  1 
ATOM   410  C CZ  . ARG A 1 52  ? 17.908  -16.729 1.920   1.00 15.53 ? 52  ARG A CZ  1 
ATOM   411  N NH1 . ARG A 1 52  ? 19.195  -16.770 2.245   1.00 18.12 ? 52  ARG A NH1 1 
ATOM   412  N NH2 . ARG A 1 52  ? 17.514  -15.975 0.898   1.00 17.48 ? 52  ARG A NH2 1 
ATOM   413  N N   . ASN A 1 53  ? 19.839  -16.379 7.375   1.00 15.52 ? 53  ASN A N   1 
ATOM   414  C CA  . ASN A 1 53  ? 20.823  -15.315 7.192   1.00 15.34 ? 53  ASN A CA  1 
ATOM   415  C C   . ASN A 1 53  ? 20.906  -14.986 5.706   1.00 15.73 ? 53  ASN A C   1 
ATOM   416  O O   . ASN A 1 53  ? 21.467  -15.758 4.924   1.00 16.97 ? 53  ASN A O   1 
ATOM   417  C CB  . ASN A 1 53  ? 22.168  -15.809 7.714   1.00 18.79 ? 53  ASN A CB  1 
ATOM   418  C CG  . ASN A 1 53  ? 23.187  -14.698 7.880   1.00 23.15 ? 53  ASN A CG  1 
ATOM   419  O OD1 . ASN A 1 53  ? 23.230  -13.753 7.099   1.00 25.82 ? 53  ASN A OD1 1 
ATOM   420  N ND2 . ASN A 1 53  ? 24.027  -14.819 8.903   1.00 30.70 ? 53  ASN A ND2 1 
ATOM   421  N N   . CYS A 1 54  ? 20.350  -13.838 5.311   1.00 15.16 ? 54  CYS A N   1 
ATOM   422  C CA  . CYS A 1 54  ? 20.144  -13.516 3.904   1.00 16.01 ? 54  CYS A CA  1 
ATOM   423  C C   . CYS A 1 54  ? 21.219  -12.629 3.303   1.00 15.27 ? 54  CYS A C   1 
ATOM   424  O O   . CYS A 1 54  ? 21.298  -12.541 2.073   1.00 16.74 ? 54  CYS A O   1 
ATOM   425  C CB  . CYS A 1 54  ? 18.815  -12.773 3.722   1.00 16.09 ? 54  CYS A CB  1 
ATOM   426  S SG  . CYS A 1 54  ? 17.375  -13.754 4.073   1.00 16.08 ? 54  CYS A SG  1 
ATOM   427  N N   . ASN A 1 55  ? 21.972  -11.899 4.114   1.00 16.48 ? 55  ASN A N   1 
ATOM   428  C CA  . ASN A 1 55  ? 22.986  -10.991 3.581   1.00 19.96 ? 55  ASN A CA  1 
ATOM   429  C C   . ASN A 1 55  ? 22.371  -9.888  2.709   1.00 18.37 ? 55  ASN A C   1 
ATOM   430  O O   . ASN A 1 55  ? 23.030  -9.358  1.818   1.00 20.82 ? 55  ASN A O   1 
ATOM   431  C CB  . ASN A 1 55  ? 24.062  -11.777 2.814   1.00 24.31 ? 55  ASN A CB  1 
ATOM   432  C CG  . ASN A 1 55  ? 25.325  -10.976 2.546   1.00 22.87 ? 55  ASN A CG  1 
ATOM   433  O OD1 . ASN A 1 55  ? 25.666  -10.056 3.289   1.00 27.11 ? 55  ASN A OD1 1 
ATOM   434  N ND2 . ASN A 1 55  ? 26.025  -11.327 1.470   1.00 23.91 ? 55  ASN A ND2 1 
ATOM   435  N N   . GLY A 1 56  ? 21.100  -9.542  2.927   1.00 15.23 ? 56  GLY A N   1 
ATOM   436  C CA  . GLY A 1 56  ? 20.468  -8.494  2.143   1.00 15.22 ? 56  GLY A CA  1 
ATOM   437  C C   . GLY A 1 56  ? 19.872  -8.926  0.822   1.00 13.80 ? 56  GLY A C   1 
ATOM   438  O O   . GLY A 1 56  ? 19.485  -8.052  0.031   1.00 14.38 ? 56  GLY A O   1 
ATOM   439  N N   . VAL A 1 57  ? 19.759  -10.227 0.558   1.00 14.34 ? 57  VAL A N   1 
ATOM   440  C CA  . VAL A 1 57  ? 19.286  -10.734 -0.723  1.00 14.12 ? 57  VAL A CA  1 
ATOM   441  C C   . VAL A 1 57  ? 18.295  -11.861 -0.470  1.00 14.26 ? 57  VAL A C   1 
ATOM   442  O O   . VAL A 1 57  ? 18.542  -12.733 0.371   1.00 14.95 ? 57  VAL A O   1 
ATOM   443  C CB  . VAL A 1 57  ? 20.461  -11.249 -1.584  1.00 16.78 ? 57  VAL A CB  1 
ATOM   444  C CG1 . VAL A 1 57  ? 19.958  -11.805 -2.903  1.00 19.61 ? 57  VAL A CG1 1 
ATOM   445  C CG2 . VAL A 1 57  ? 21.490  -10.157 -1.818  1.00 18.81 ? 57  VAL A CG2 1 
ATOM   446  N N   . ILE A 1 58  ? 17.188  -11.869 -1.219  1.00 14.45 ? 58  ILE A N   1 
ATOM   447  C CA  . ILE A 1 58  ? 16.169  -12.906 -1.098  1.00 13.65 ? 58  ILE A CA  1 
ATOM   448  C C   . ILE A 1 58  ? 15.856  -13.491 -2.473  1.00 14.21 ? 58  ILE A C   1 
ATOM   449  O O   . ILE A 1 58  ? 16.266  -12.961 -3.506  1.00 15.44 ? 58  ILE A O   1 
ATOM   450  C CB  . ILE A 1 58  ? 14.885  -12.402 -0.402  1.00 13.21 ? 58  ILE A CB  1 
ATOM   451  C CG1 . ILE A 1 58  ? 14.222  -11.271 -1.200  1.00 13.32 ? 58  ILE A CG1 1 
ATOM   452  C CG2 . ILE A 1 58  ? 15.198  -11.974 1.024   1.00 15.10 ? 58  ILE A CG2 1 
ATOM   453  C CD1 . ILE A 1 58  ? 12.899  -10.790 -0.595  1.00 14.02 ? 58  ILE A CD1 1 
ATOM   454  N N   . THR A 1 59  ? 15.118  -14.599 -2.468  1.00 15.44 ? 59  THR A N   1 
ATOM   455  C CA  . THR A 1 59  ? 14.627  -15.209 -3.695  1.00 16.06 ? 59  THR A CA  1 
ATOM   456  C C   . THR A 1 59  ? 13.263  -14.633 -4.074  1.00 15.40 ? 59  THR A C   1 
ATOM   457  O O   . THR A 1 59  ? 12.578  -13.990 -3.272  1.00 14.45 ? 59  THR A O   1 
ATOM   458  C CB  . THR A 1 59  ? 14.491  -16.726 -3.536  1.00 16.39 ? 59  THR A CB  1 
ATOM   459  O OG1 . THR A 1 59  ? 13.428  -17.006 -2.619  1.00 16.94 ? 59  THR A OG1 1 
ATOM   460  C CG2 . THR A 1 59  ? 15.796  -17.360 -3.037  1.00 18.47 ? 59  THR A CG2 1 
ATOM   461  N N   . LYS A 1 60  ? 12.860  -14.886 -5.320  1.00 16.75 ? 60  LYS A N   1 
ATOM   462  C CA  . LYS A 1 60  ? 11.536  -14.457 -5.765  1.00 16.45 ? 60  LYS A CA  1 
ATOM   463  C C   . LYS A 1 60  ? 10.433  -15.107 -4.938  1.00 15.68 ? 60  LYS A C   1 
ATOM   464  O O   . LYS A 1 60  ? 9.454   -14.444 -4.571  1.00 14.82 ? 60  LYS A O   1 
ATOM   465  C CB  . LYS A 1 60  ? 11.358  -14.755 -7.253  1.00 18.67 ? 60  LYS A CB  1 
ATOM   466  C CG  . LYS A 1 60  ? 10.083  -14.178 -7.855  1.00 20.25 ? 60  LYS A CG  1 
ATOM   467  C CD  . LYS A 1 60  ? 10.143  -14.215 -9.375  1.00 24.77 ? 60  LYS A CD  1 
ATOM   468  C CE  . LYS A 1 60  ? 8.848   -13.720 -10.002 1.00 28.85 ? 60  LYS A CE  1 
ATOM   469  N NZ  . LYS A 1 60  ? 7.724   -14.679 -9.806  1.00 30.24 ? 60  LYS A NZ  1 
ATOM   470  N N   . ASP A 1 61  ? 10.569  -16.404 -4.639  1.00 16.41 ? 61  ASP A N   1 
ATOM   471  C CA  . ASP A 1 61  ? 9.583   -17.074 -3.795  1.00 15.42 ? 61  ASP A CA  1 
ATOM   472  C C   . ASP A 1 61  ? 9.461   -16.385 -2.444  1.00 14.17 ? 61  ASP A C   1 
ATOM   473  O O   . ASP A 1 61  ? 8.349   -16.190 -1.935  1.00 14.37 ? 61  ASP A O   1 
ATOM   474  C CB  . ASP A 1 61  ? 9.997   -18.526 -3.570  1.00 17.85 ? 61  ASP A CB  1 
ATOM   475  C CG  . ASP A 1 61  ? 9.691   -19.424 -4.749  1.00 19.76 ? 61  ASP A CG  1 
ATOM   476  O OD1 . ASP A 1 61  ? 9.082   -18.964 -5.738  1.00 24.06 ? 61  ASP A OD1 1 
ATOM   477  O OD2 . ASP A 1 61  ? 10.094  -20.607 -4.686  1.00 22.04 ? 61  ASP A OD2 1 
ATOM   478  N N   . GLU A 1 62  ? 10.596  -16.031 -1.837  1.00 14.42 ? 62  GLU A N   1 
ATOM   479  C CA  . GLU A 1 62  ? 10.567  -15.354 -0.546  1.00 14.07 ? 62  GLU A CA  1 
ATOM   480  C C   . GLU A 1 62  ? 9.913   -13.983 -0.661  1.00 12.75 ? 62  GLU A C   1 
ATOM   481  O O   . GLU A 1 62  ? 9.114   -13.594 0.201   1.00 12.81 ? 62  GLU A O   1 
ATOM   482  C CB  . GLU A 1 62  ? 11.985  -15.241 0.012   1.00 13.37 ? 62  GLU A CB  1 
ATOM   483  C CG  . GLU A 1 62  ? 12.544  -16.580 0.483   1.00 14.58 ? 62  GLU A CG  1 
ATOM   484  C CD  . GLU A 1 62  ? 14.042  -16.577 0.744   1.00 14.35 ? 62  GLU A CD  1 
ATOM   485  O OE1 . GLU A 1 62  ? 14.759  -15.674 0.283   1.00 15.86 ? 62  GLU A OE1 1 
ATOM   486  O OE2 . GLU A 1 62  ? 14.518  -17.520 1.413   1.00 16.75 ? 62  GLU A OE2 1 
ATOM   487  N N   . ALA A 1 63  ? 10.239  -13.237 -1.720  1.00 12.85 ? 63  ALA A N   1 
ATOM   488  C CA  . ALA A 1 63  ? 9.602   -11.941 -1.924  1.00 12.71 ? 63  ALA A CA  1 
ATOM   489  C C   . ALA A 1 63  ? 8.091   -12.085 -2.053  1.00 12.65 ? 63  ALA A C   1 
ATOM   490  O O   . ALA A 1 63  ? 7.330   -11.279 -1.504  1.00 12.12 ? 63  ALA A O   1 
ATOM   491  C CB  . ALA A 1 63  ? 10.188  -11.261 -3.160  1.00 14.01 ? 63  ALA A CB  1 
ATOM   492  N N   . GLU A 1 64  ? 7.634   -13.108 -2.771  1.00 12.58 ? 64  GLU A N   1 
ATOM   493  C CA  . GLU A 1 64  ? 6.201   -13.288 -2.963  1.00 12.58 ? 64  GLU A CA  1 
ATOM   494  C C   . GLU A 1 64  ? 5.509   -13.719 -1.681  1.00 12.61 ? 64  GLU A C   1 
ATOM   495  O O   . GLU A 1 64  ? 4.360   -13.323 -1.433  1.00 12.51 ? 64  GLU A O   1 
ATOM   496  C CB  . GLU A 1 64  ? 5.957   -14.259 -4.116  1.00 14.85 ? 64  GLU A CB  1 
ATOM   497  C CG  . GLU A 1 64  ? 6.319   -13.614 -5.442  1.00 16.53 ? 64  GLU A CG  1 
ATOM   498  C CD  . GLU A 1 64  ? 6.395   -14.570 -6.614  1.00 18.68 ? 64  GLU A CD  1 
ATOM   499  O OE1 . GLU A 1 64  ? 6.465   -15.797 -6.398  1.00 21.78 ? 64  GLU A OE1 1 
ATOM   500  O OE2 . GLU A 1 64  ? 6.392   -14.074 -7.762  1.00 24.93 ? 64  GLU A OE2 1 
ATOM   501  N N   . LYS A 1 65  ? 6.193   -14.507 -0.847  1.00 12.41 ? 65  LYS A N   1 
ATOM   502  C CA  . LYS A 1 65  ? 5.607   -14.897 0.429   1.00 13.22 ? 65  LYS A CA  1 
ATOM   503  C C   . LYS A 1 65  ? 5.497   -13.705 1.371   1.00 12.58 ? 65  LYS A C   1 
ATOM   504  O O   . LYS A 1 65  ? 4.464   -13.511 2.020   1.00 12.48 ? 65  LYS A O   1 
ATOM   505  C CB  . LYS A 1 65  ? 6.401   -16.035 1.073   1.00 14.98 ? 65  LYS A CB  1 
ATOM   506  C CG  . LYS A 1 65  ? 5.813   -16.471 2.409   1.00 17.79 ? 65  LYS A CG  1 
ATOM   507  C CD  . LYS A 1 65  ? 6.235   -17.876 2.794   1.00 19.03 ? 65  LYS A CD  1 
ATOM   508  C CE  . LYS A 1 65  ? 5.467   -18.380 4.005   1.00 20.32 ? 65  LYS A CE  1 
ATOM   509  N NZ  . LYS A 1 65  ? 6.169   -19.514 4.643   1.00 21.50 ? 65  LYS A NZ  1 
ATOM   510  N N   . LEU A 1 66  ? 6.559   -12.903 1.468   1.00 12.08 ? 66  LEU A N   1 
ATOM   511  C CA  . LEU A 1 66  ? 6.488   -11.684 2.268   1.00 12.55 ? 66  LEU A CA  1 
ATOM   512  C C   . LEU A 1 66  ? 5.354   -10.796 1.785   1.00 11.69 ? 66  LEU A C   1 
ATOM   513  O O   . LEU A 1 66  ? 4.622   -10.209 2.589   1.00 12.23 ? 66  LEU A O   1 
ATOM   514  C CB  . LEU A 1 66  ? 7.800   -10.907 2.162   1.00 14.81 ? 66  LEU A CB  1 
ATOM   515  C CG  . LEU A 1 66  ? 9.026   -11.371 2.932   1.00 15.64 ? 66  LEU A CG  1 
ATOM   516  C CD1 . LEU A 1 66  ? 10.170  -10.404 2.658   1.00 20.29 ? 66  LEU A CD1 1 
ATOM   517  C CD2 . LEU A 1 66  ? 8.730   -11.451 4.410   1.00 19.95 ? 66  LEU A CD2 1 
ATOM   518  N N   . PHE A 1 67  ? 5.208   -10.683 0.468   1.00 11.27 ? 67  PHE A N   1 
ATOM   519  C CA  . PHE A 1 67  ? 4.163   -9.853  -0.117  1.00 11.32 ? 67  PHE A CA  1 
ATOM   520  C C   . PHE A 1 67  ? 2.779   -10.344 0.280   1.00 11.59 ? 67  PHE A C   1 
ATOM   521  O O   . PHE A 1 67  ? 1.917   -9.544  0.661   1.00 11.55 ? 67  PHE A O   1 
ATOM   522  C CB  . PHE A 1 67  ? 4.356   -9.862  -1.629  1.00 11.57 ? 67  PHE A CB  1 
ATOM   523  C CG  . PHE A 1 67  ? 3.373   -9.028  -2.406  1.00 11.48 ? 67  PHE A CG  1 
ATOM   524  C CD1 . PHE A 1 67  ? 3.067   -7.718  -2.047  1.00 11.90 ? 67  PHE A CD1 1 
ATOM   525  C CD2 . PHE A 1 67  ? 2.782   -9.556  -3.535  1.00 12.34 ? 67  PHE A CD2 1 
ATOM   526  C CE1 . PHE A 1 67  ? 2.173   -6.969  -2.810  1.00 12.09 ? 67  PHE A CE1 1 
ATOM   527  C CE2 . PHE A 1 67  ? 1.897   -8.809  -4.295  1.00 13.06 ? 67  PHE A CE2 1 
ATOM   528  C CZ  . PHE A 1 67  ? 1.600   -7.514  -3.927  1.00 12.16 ? 67  PHE A CZ  1 
ATOM   529  N N   . ASN A 1 68  ? 2.545   -11.656 0.227   1.00 11.67 ? 68  ASN A N   1 
ATOM   530  C CA  . ASN A 1 68  ? 1.256   -12.179 0.668   1.00 11.78 ? 68  ASN A CA  1 
ATOM   531  C C   . ASN A 1 68  ? 0.989   -11.830 2.126   1.00 11.60 ? 68  ASN A C   1 
ATOM   532  O O   . ASN A 1 68  ? -0.123  -11.427 2.489   1.00 12.14 ? 68  ASN A O   1 
ATOM   533  C CB  . ASN A 1 68  ? 1.217   -13.692 0.463   1.00 14.36 ? 68  ASN A CB  1 
ATOM   534  C CG  . ASN A 1 68  ? -0.192  -14.262 0.465   1.00 16.32 ? 68  ASN A CG  1 
ATOM   535  O OD1 . ASN A 1 68  ? -1.106  -13.717 1.091   1.00 20.20 ? 68  ASN A OD1 1 
ATOM   536  N ND2 . ASN A 1 68  ? -0.366  -15.387 -0.214  1.00 17.99 ? 68  ASN A ND2 1 
ATOM   537  N N   . GLN A 1 69  ? 2.003   -11.979 2.979   1.00 11.54 ? 69  GLN A N   1 
ATOM   538  C CA  . GLN A 1 69  ? 1.846   -11.625 4.383   1.00 11.59 ? 69  GLN A CA  1 
ATOM   539  C C   . GLN A 1 69  ? 1.520   -10.147 4.543   1.00 11.59 ? 69  GLN A C   1 
ATOM   540  O O   . GLN A 1 69  ? 0.680   -9.772  5.369   1.00 12.45 ? 69  GLN A O   1 
ATOM   541  C CB  . GLN A 1 69  ? 3.123   -11.970 5.146   1.00 12.35 ? 69  GLN A CB  1 
ATOM   542  C CG  . GLN A 1 69  ? 3.378   -13.469 5.227   1.00 12.05 ? 69  GLN A CG  1 
ATOM   543  C CD  . GLN A 1 69  ? 4.686   -13.811 5.904   1.00 12.72 ? 69  GLN A CD  1 
ATOM   544  O OE1 . GLN A 1 69  ? 5.514   -12.937 6.189   1.00 14.38 ? 69  GLN A OE1 1 
ATOM   545  N NE2 . GLN A 1 69  ? 4.882   -15.088 6.169   1.00 11.99 ? 69  GLN A NE2 1 
ATOM   546  N N   . ASP A 1 70  ? 2.184   -9.294  3.760   1.00 11.41 ? 70  ASP A N   1 
ATOM   547  C CA  . ASP A 1 70  ? 1.990   -7.853  3.883   1.00 11.72 ? 70  ASP A CA  1 
ATOM   548  C C   . ASP A 1 70  ? 0.605   -7.427  3.406   1.00 11.81 ? 70  ASP A C   1 
ATOM   549  O O   . ASP A 1 70  ? -0.017  -6.550  4.014   1.00 12.86 ? 70  ASP A O   1 
ATOM   550  C CB  . ASP A 1 70  ? 3.073   -7.110  3.099   1.00 12.12 ? 70  ASP A CB  1 
ATOM   551  C CG  . ASP A 1 70  ? 4.461   -7.271  3.693   1.00 13.14 ? 70  ASP A CG  1 
ATOM   552  O OD1 . ASP A 1 70  ? 4.596   -7.661  4.876   1.00 13.43 ? 70  ASP A OD1 1 
ATOM   553  O OD2 . ASP A 1 70  ? 5.430   -6.977  2.953   1.00 13.73 ? 70  ASP A OD2 1 
ATOM   554  N N   . VAL A 1 71  ? 0.116   -8.010  2.306   1.00 11.33 ? 71  VAL A N   1 
ATOM   555  C CA  . VAL A 1 71  ? -1.242  -7.714  1.855   1.00 11.27 ? 71  VAL A CA  1 
ATOM   556  C C   . VAL A 1 71  ? -2.253  -8.153  2.904   1.00 10.92 ? 71  VAL A C   1 
ATOM   557  O O   . VAL A 1 71  ? -3.184  -7.413  3.248   1.00 12.15 ? 71  VAL A O   1 
ATOM   558  C CB  . VAL A 1 71  ? -1.518  -8.361  0.485   1.00 11.80 ? 71  VAL A CB  1 
ATOM   559  C CG1 . VAL A 1 71  ? -3.001  -8.224  0.107   1.00 13.70 ? 71  VAL A CG1 1 
ATOM   560  C CG2 . VAL A 1 71  ? -0.624  -7.751  -0.584  1.00 12.80 ? 71  VAL A CG2 1 
ATOM   561  N N   . ASP A 1 72  ? -2.085  -9.367  3.430   1.00 11.55 ? 72  ASP A N   1 
ATOM   562  C CA  . ASP A 1 72  ? -3.005  -9.854  4.452   1.00 13.03 ? 72  ASP A CA  1 
ATOM   563  C C   . ASP A 1 72  ? -2.983  -8.955  5.680   1.00 12.51 ? 72  ASP A C   1 
ATOM   564  O O   . ASP A 1 72  ? -4.030  -8.689  6.280   1.00 13.45 ? 72  ASP A O   1 
ATOM   565  C CB  . ASP A 1 72  ? -2.645  -11.290 4.840   1.00 13.88 ? 72  ASP A CB  1 
ATOM   566  C CG  . ASP A 1 72  ? -2.958  -12.298 3.744   1.00 16.79 ? 72  ASP A CG  1 
ATOM   567  O OD1 . ASP A 1 72  ? -3.745  -11.985 2.824   1.00 19.49 ? 72  ASP A OD1 1 
ATOM   568  O OD2 . ASP A 1 72  ? -2.410  -13.423 3.808   1.00 20.55 ? 72  ASP A OD2 1 
ATOM   569  N N   . ALA A 1 73  ? -1.801  -8.474  6.067   1.00 13.14 ? 73  ALA A N   1 
ATOM   570  C CA  . ALA A 1 73  ? -1.707  -7.594  7.225   1.00 13.58 ? 73  ALA A CA  1 
ATOM   571  C C   . ALA A 1 73  ? -2.459  -6.291  6.986   1.00 12.86 ? 73  ALA A C   1 
ATOM   572  O O   . ALA A 1 73  ? -3.076  -5.743  7.908   1.00 14.68 ? 73  ALA A O   1 
ATOM   573  C CB  . ALA A 1 73  ? -0.240  -7.315  7.558   1.00 15.98 ? 73  ALA A CB  1 
ATOM   574  N N   . ALA A 1 74  ? -2.413  -5.772  5.757   1.00 12.90 ? 74  ALA A N   1 
ATOM   575  C CA  . ALA A 1 74  ? -3.155  -4.556  5.448   1.00 13.05 ? 74  ALA A CA  1 
ATOM   576  C C   . ALA A 1 74  ? -4.656  -4.790  5.560   1.00 12.21 ? 74  ALA A C   1 
ATOM   577  O O   . ALA A 1 74  ? -5.380  -3.979  6.152   1.00 13.85 ? 74  ALA A O   1 
ATOM   578  C CB  . ALA A 1 74  ? -2.771  -4.058  4.053   1.00 13.39 ? 74  ALA A CB  1 
ATOM   579  N N   . VAL A 1 75  ? -5.135  -5.905  5.007   1.00 12.04 ? 75  VAL A N   1 
ATOM   580  C CA  . VAL A 1 75  ? -6.554  -6.245  5.086   1.00 12.77 ? 75  VAL A CA  1 
ATOM   581  C C   . VAL A 1 75  ? -6.988  -6.387  6.537   1.00 13.44 ? 75  VAL A C   1 
ATOM   582  O O   . VAL A 1 75  ? -8.009  -5.834  6.962   1.00 13.83 ? 75  VAL A O   1 
ATOM   583  C CB  . VAL A 1 75  ? -6.845  -7.527  4.284   1.00 12.82 ? 75  VAL A CB  1 
ATOM   584  C CG1 . VAL A 1 75  ? -8.283  -7.985  4.503   1.00 15.63 ? 75  VAL A CG1 1 
ATOM   585  C CG2 . VAL A 1 75  ? -6.551  -7.318  2.807   1.00 13.93 ? 75  VAL A CG2 1 
ATOM   586  N N   . ARG A 1 76  ? -6.230  -7.158  7.318   1.00 14.90 ? 76  ARG A N   1 
ATOM   587  C CA  . ARG A 1 76  ? -6.618  -7.360  8.708   1.00 17.19 ? 76  ARG A CA  1 
ATOM   588  C C   . ARG A 1 76  ? -6.561  -6.062  9.502   1.00 17.56 ? 76  ARG A C   1 
ATOM   589  O O   . ARG A 1 76  ? -7.378  -5.855  10.406  1.00 18.93 ? 76  ARG A O   1 
ATOM   590  C CB  . ARG A 1 76  ? -5.774  -8.460  9.356   1.00 22.32 ? 76  ARG A CB  1 
ATOM   591  C CG  . ARG A 1 76  ? -5.928  -9.840  8.712   1.00 25.66 ? 76  ARG A CG  1 
ATOM   592  C CD  . ARG A 1 76  ? -7.392  -10.227 8.477   1.00 27.02 ? 76  ARG A CD  1 
ATOM   593  N NE  . ARG A 1 76  ? -8.016  -10.865 9.637   1.00 26.44 ? 76  ARG A NE  1 
ATOM   594  C CZ  . ARG A 1 76  ? -7.837  -12.136 9.992   1.00 30.65 ? 76  ARG A CZ  1 
ATOM   595  N NH1 . ARG A 1 76  ? -7.044  -12.928 9.282   1.00 30.42 ? 76  ARG A NH1 1 
ATOM   596  N NH2 . ARG A 1 76  ? -8.456  -12.616 11.064  1.00 31.95 ? 76  ARG A NH2 1 
ATOM   597  N N   . GLY A 1 77  ? -5.628  -5.168  9.167   1.00 16.77 ? 77  GLY A N   1 
ATOM   598  C CA  . GLY A 1 77  ? -5.591  -3.874  9.826   1.00 17.59 ? 77  GLY A CA  1 
ATOM   599  C C   . GLY A 1 77  ? -6.835  -3.054  9.553   1.00 16.20 ? 77  GLY A C   1 
ATOM   600  O O   . GLY A 1 77  ? -7.369  -2.401  10.454  1.00 18.18 ? 77  GLY A O   1 
ATOM   601  N N   . ILE A 1 78  ? -7.305  -3.068  8.304   1.00 13.68 ? 78  ILE A N   1 
ATOM   602  C CA  . ILE A 1 78  ? -8.568  -2.417  7.974   1.00 13.51 ? 78  ILE A CA  1 
ATOM   603  C C   . ILE A 1 78  ? -9.712  -3.032  8.769   1.00 13.54 ? 78  ILE A C   1 
ATOM   604  O O   . ILE A 1 78  ? -10.525 -2.325  9.379   1.00 14.41 ? 78  ILE A O   1 
ATOM   605  C CB  . ILE A 1 78  ? -8.826  -2.508  6.460   1.00 12.80 ? 78  ILE A CB  1 
ATOM   606  C CG1 . ILE A 1 78  ? -7.867  -1.594  5.697   1.00 13.35 ? 78  ILE A CG1 1 
ATOM   607  C CG2 . ILE A 1 78  ? -10.272 -2.180  6.152   1.00 13.58 ? 78  ILE A CG2 1 
ATOM   608  C CD1 . ILE A 1 78  ? -7.785  -1.880  4.217   1.00 14.46 ? 78  ILE A CD1 1 
ATOM   609  N N   . LEU A 1 79  ? -9.788  -4.362  8.783   1.00 13.38 ? 79  LEU A N   1 
ATOM   610  C CA  . LEU A 1 79  ? -10.934 -5.022  9.399   1.00 14.61 ? 79  LEU A CA  1 
ATOM   611  C C   . LEU A 1 79  ? -10.957 -4.864  10.912  1.00 16.09 ? 79  LEU A C   1 
ATOM   612  O O   . LEU A 1 79  ? -12.032 -4.975  11.515  1.00 18.37 ? 79  LEU A O   1 
ATOM   613  C CB  . LEU A 1 79  ? -10.980 -6.501  9.014   1.00 15.59 ? 79  LEU A CB  1 
ATOM   614  C CG  . LEU A 1 79  ? -11.195 -6.800  7.527   1.00 16.74 ? 79  LEU A CG  1 
ATOM   615  C CD1 . LEU A 1 79  ? -11.153 -8.297  7.249   1.00 19.72 ? 79  LEU A CD1 1 
ATOM   616  C CD2 . LEU A 1 79  ? -12.506 -6.196  7.034   1.00 18.82 ? 79  LEU A CD2 1 
ATOM   617  N N   . ARG A 1 80  ? -9.813  -4.605  11.537  1.00 15.53 ? 80  ARG A N   1 
ATOM   618  C CA  . ARG A 1 80  ? -9.758  -4.404  12.978  1.00 17.11 ? 80  ARG A CA  1 
ATOM   619  C C   . ARG A 1 80  ? -9.977  -2.957  13.382  1.00 17.59 ? 80  ARG A C   1 
ATOM   620  O O   . ARG A 1 80  ? -10.103 -2.675  14.581  1.00 20.44 ? 80  ARG A O   1 
ATOM   621  C CB  . ARG A 1 80  ? -8.406  -4.875  13.530  1.00 20.99 ? 80  ARG A CB  1 
ATOM   622  C CG  . ARG A 1 80  ? -8.171  -6.371  13.438  1.00 27.23 ? 80  ARG A CG  1 
ATOM   623  C CD  . ARG A 1 80  ? -7.085  -6.809  14.410  1.00 31.07 ? 80  ARG A CD  1 
ATOM   624  N NE  . ARG A 1 80  ? -6.171  -7.784  13.825  1.00 36.51 ? 80  ARG A NE  1 
ATOM   625  C CZ  . ARG A 1 80  ? -5.046  -7.469  13.187  1.00 33.84 ? 80  ARG A CZ  1 
ATOM   626  N NH1 . ARG A 1 80  ? -4.691  -6.199  13.046  1.00 33.38 ? 80  ARG A NH1 1 
ATOM   627  N NH2 . ARG A 1 80  ? -4.274  -8.426  12.689  1.00 38.13 ? 80  ARG A NH2 1 
ATOM   628  N N   . ASN A 1 81  ? -10.035 -2.044  12.420  1.00 15.85 ? 81  ASN A N   1 
ATOM   629  C CA  . ASN A 1 81  ? -10.074 -0.615  12.691  1.00 16.63 ? 81  ASN A CA  1 
ATOM   630  C C   . ASN A 1 81  ? -11.516 -0.128  12.596  1.00 16.12 ? 81  ASN A C   1 
ATOM   631  O O   . ASN A 1 81  ? -12.148 -0.245  11.540  1.00 16.41 ? 81  ASN A O   1 
ATOM   632  C CB  . ASN A 1 81  ? -9.189  0.114   11.683  1.00 17.08 ? 81  ASN A CB  1 
ATOM   633  C CG  . ASN A 1 81  ? -9.047  1.583   11.987  1.00 19.13 ? 81  ASN A CG  1 
ATOM   634  O OD1 . ASN A 1 81  ? -10.012 2.338   11.904  1.00 19.61 ? 81  ASN A OD1 1 
ATOM   635  N ND2 . ASN A 1 81  ? -7.831  2.009   12.312  1.00 21.15 ? 81  ASN A ND2 1 
ATOM   636  N N   . ALA A 1 82  ? -12.029 0.432   13.694  1.00 18.37 ? 82  ALA A N   1 
ATOM   637  C CA  . ALA A 1 82  ? -13.437 0.817   13.748  1.00 19.62 ? 82  ALA A CA  1 
ATOM   638  C C   . ALA A 1 82  ? -13.783 1.953   12.793  1.00 17.93 ? 82  ALA A C   1 
ATOM   639  O O   . ALA A 1 82  ? -14.958 2.113   12.440  1.00 19.68 ? 82  ALA A O   1 
ATOM   640  C CB  . ALA A 1 82  ? -13.833 1.182   15.181  1.00 21.99 ? 82  ALA A CB  1 
ATOM   641  N N   . LYS A 1 83  ? -12.805 2.751   12.372  1.00 18.73 ? 83  LYS A N   1 
ATOM   642  C CA  . LYS A 1 83  ? -13.076 3.805   11.401  1.00 19.61 ? 83  LYS A CA  1 
ATOM   643  C C   . LYS A 1 83  ? -12.976 3.307   9.965   1.00 16.68 ? 83  LYS A C   1 
ATOM   644  O O   . LYS A 1 83  ? -13.759 3.728   9.107   1.00 19.26 ? 83  LYS A O   1 
ATOM   645  C CB  . LYS A 1 83  ? -12.120 4.982   11.607  1.00 23.00 ? 83  LYS A CB  1 
ATOM   646  C CG  . LYS A 1 83  ? -12.307 5.710   12.923  1.00 27.60 ? 83  LYS A CG  1 
ATOM   647  C CD  . LYS A 1 83  ? -11.079 6.533   13.273  1.00 35.10 ? 83  LYS A CD  1 
ATOM   648  C CE  . LYS A 1 83  ? -11.046 6.867   14.756  1.00 38.25 ? 83  LYS A CE  1 
ATOM   649  N NZ  . LYS A 1 83  ? -12.181 7.747   15.148  1.00 42.28 ? 83  LYS A NZ  1 
ATOM   650  N N   . LEU A 1 84  ? -12.037 2.400   9.691   1.00 14.28 ? 84  LEU A N   1 
ATOM   651  C CA  . LEU A 1 84  ? -11.795 1.967   8.319   1.00 13.29 ? 84  LEU A CA  1 
ATOM   652  C C   . LEU A 1 84  ? -12.756 0.866   7.891   1.00 13.14 ? 84  LEU A C   1 
ATOM   653  O O   . LEU A 1 84  ? -13.214 0.854   6.742   1.00 13.64 ? 84  LEU A O   1 
ATOM   654  C CB  . LEU A 1 84  ? -10.352 1.491   8.171   1.00 13.77 ? 84  LEU A CB  1 
ATOM   655  C CG  . LEU A 1 84  ? -9.268  2.521   8.481   1.00 14.15 ? 84  LEU A CG  1 
ATOM   656  C CD1 . LEU A 1 84  ? -7.896  1.912   8.229   1.00 16.14 ? 84  LEU A CD1 1 
ATOM   657  C CD2 . LEU A 1 84  ? -9.455  3.786   7.657   1.00 16.93 ? 84  LEU A CD2 1 
ATOM   658  N N   . LYS A 1 85  ? -13.072 -0.059  8.795   1.00 13.41 ? 85  LYS A N   1 
ATOM   659  C CA  . LYS A 1 85  ? -13.906 -1.200  8.421   1.00 14.05 ? 85  LYS A CA  1 
ATOM   660  C C   . LYS A 1 85  ? -15.253 -0.811  7.830   1.00 13.14 ? 85  LYS A C   1 
ATOM   661  O O   . LYS A 1 85  ? -15.624 -1.373  6.787   1.00 13.55 ? 85  LYS A O   1 
ATOM   662  C CB  . LYS A 1 85  ? -14.066 -2.175  9.591   1.00 13.96 ? 85  LYS A CB  1 
ATOM   663  C CG  . LYS A 1 85  ? -14.940 -3.357  9.221   1.00 15.85 ? 85  LYS A CG  1 
ATOM   664  C CD  . LYS A 1 85  ? -15.045 -4.350  10.364  1.00 18.26 ? 85  LYS A CD  1 
ATOM   665  C CE  . LYS A 1 85  ? -15.716 -5.641  9.921   1.00 21.96 ? 85  LYS A CE  1 
ATOM   666  N NZ  . LYS A 1 85  ? -17.131 -5.439  9.515   1.00 29.18 ? 85  LYS A NZ  1 
ATOM   667  N N   . PRO A 1 86  ? -16.032 0.102   8.423   1.00 13.81 ? 86  PRO A N   1 
ATOM   668  C CA  . PRO A 1 86  ? -17.333 0.414   7.813   1.00 15.40 ? 86  PRO A CA  1 
ATOM   669  C C   . PRO A 1 86  ? -17.214 0.975   6.412   1.00 14.26 ? 86  PRO A C   1 
ATOM   670  O O   . PRO A 1 86  ? -18.055 0.679   5.552   1.00 14.67 ? 86  PRO A O   1 
ATOM   671  C CB  . PRO A 1 86  ? -17.963 1.418   8.791   1.00 16.77 ? 86  PRO A CB  1 
ATOM   672  C CG  . PRO A 1 86  ? -16.843 1.910   9.633   1.00 19.97 ? 86  PRO A CG  1 
ATOM   673  C CD  . PRO A 1 86  ? -15.847 0.807   9.704   1.00 15.40 ? 86  PRO A CD  1 
ATOM   674  N N   . VAL A 1 87  ? -16.184 1.781   6.149   1.00 13.23 ? 87  VAL A N   1 
ATOM   675  C CA  . VAL A 1 87  ? -16.009 2.311   4.801   1.00 13.26 ? 87  VAL A CA  1 
ATOM   676  C C   . VAL A 1 87  ? -15.602 1.199   3.843   1.00 12.34 ? 87  VAL A C   1 
ATOM   677  O O   . VAL A 1 87  ? -16.162 1.064   2.750   1.00 12.41 ? 87  VAL A O   1 
ATOM   678  C CB  . VAL A 1 87  ? -15.014 3.484   4.791   1.00 13.86 ? 87  VAL A CB  1 
ATOM   679  C CG1 . VAL A 1 87  ? -14.937 4.081   3.390   1.00 15.03 ? 87  VAL A CG1 1 
ATOM   680  C CG2 . VAL A 1 87  ? -15.419 4.535   5.815   1.00 16.35 ? 87  VAL A CG2 1 
ATOM   681  N N   . TYR A 1 88  ? -14.633 0.379   4.250   1.00 12.56 ? 88  TYR A N   1 
ATOM   682  C CA  . TYR A 1 88  ? -14.208 -0.756  3.434   1.00 12.38 ? 88  TYR A CA  1 
ATOM   683  C C   . TYR A 1 88  ? -15.389 -1.643  3.063   1.00 12.19 ? 88  TYR A C   1 
ATOM   684  O O   . TYR A 1 88  ? -15.555 -2.032  1.898   1.00 12.88 ? 88  TYR A O   1 
ATOM   685  C CB  . TYR A 1 88  ? -13.167 -1.552  4.218   1.00 13.22 ? 88  TYR A CB  1 
ATOM   686  C CG  . TYR A 1 88  ? -12.554 -2.698  3.465   1.00 12.39 ? 88  TYR A CG  1 
ATOM   687  C CD1 . TYR A 1 88  ? -11.548 -2.478  2.532   1.00 12.87 ? 88  TYR A CD1 1 
ATOM   688  C CD2 . TYR A 1 88  ? -12.963 -3.997  3.699   1.00 14.51 ? 88  TYR A CD2 1 
ATOM   689  C CE1 . TYR A 1 88  ? -10.974 -3.523  1.844   1.00 14.52 ? 88  TYR A CE1 1 
ATOM   690  C CE2 . TYR A 1 88  ? -12.388 -5.054  3.023   1.00 14.84 ? 88  TYR A CE2 1 
ATOM   691  C CZ  . TYR A 1 88  ? -11.398 -4.810  2.094   1.00 14.01 ? 88  TYR A CZ  1 
ATOM   692  O OH  . TYR A 1 88  ? -10.823 -5.857  1.409   1.00 17.51 ? 88  TYR A OH  1 
ATOM   693  N N   . ASP A 1 89  ? -16.222 -1.976  4.048   1.00 12.21 ? 89  ASP A N   1 
ATOM   694  C CA  . ASP A 1 89  ? -17.353 -2.861  3.794   1.00 13.74 ? 89  ASP A CA  1 
ATOM   695  C C   . ASP A 1 89  ? -18.394 -2.231  2.882   1.00 13.94 ? 89  ASP A C   1 
ATOM   696  O O   . ASP A 1 89  ? -19.183 -2.957  2.268   1.00 16.17 ? 89  ASP A O   1 
ATOM   697  C CB  . ASP A 1 89  ? -17.998 -3.283  5.110   1.00 15.74 ? 89  ASP A CB  1 
ATOM   698  C CG  . ASP A 1 89  ? -17.204 -4.351  5.834   1.00 21.02 ? 89  ASP A CG  1 
ATOM   699  O OD1 . ASP A 1 89  ? -16.243 -4.885  5.246   1.00 21.74 ? 89  ASP A OD1 1 
ATOM   700  O OD2 . ASP A 1 89  ? -17.546 -4.649  6.994   1.00 25.99 ? 89  ASP A OD2 1 
ATOM   701  N N   . SER A 1 90  ? -18.414 -0.907  2.773   1.00 12.80 ? 90  SER A N   1 
ATOM   702  C CA  . SER A 1 90  ? -19.352 -0.237  1.882   1.00 13.58 ? 90  SER A CA  1 
ATOM   703  C C   . SER A 1 90  ? -18.905 -0.249  0.426   1.00 12.18 ? 90  SER A C   1 
ATOM   704  O O   . SER A 1 90  ? -19.726 0.044   -0.452  1.00 12.88 ? 90  SER A O   1 
ATOM   705  C CB  . SER A 1 90  ? -19.582 1.208   2.342   1.00 13.53 ? 90  SER A CB  1 
ATOM   706  O OG  . SER A 1 90  ? -18.511 2.060   1.971   1.00 13.18 ? 90  SER A OG  1 
ATOM   707  N N   . LEU A 1 91  ? -17.641 -0.580  0.157   1.00 11.94 ? 91  LEU A N   1 
ATOM   708  C CA  . LEU A 1 91  ? -17.071 -0.485  -1.178  1.00 12.78 ? 91  LEU A CA  1 
ATOM   709  C C   . LEU A 1 91  ? -17.261 -1.775  -1.969  1.00 12.67 ? 91  LEU A C   1 
ATOM   710  O O   . LEU A 1 91  ? -17.331 -2.869  -1.404  1.00 14.10 ? 91  LEU A O   1 
ATOM   711  C CB  . LEU A 1 91  ? -15.574 -0.192  -1.090  1.00 12.08 ? 91  LEU A CB  1 
ATOM   712  C CG  . LEU A 1 91  ? -15.157 1.130   -0.454  1.00 13.63 ? 91  LEU A CG  1 
ATOM   713  C CD1 . LEU A 1 91  ? -13.654 1.125   -0.230  1.00 14.30 ? 91  LEU A CD1 1 
ATOM   714  C CD2 . LEU A 1 91  ? -15.558 2.302   -1.325  1.00 14.81 ? 91  LEU A CD2 1 
ATOM   715  N N   . ASP A 1 92  ? -17.307 -1.631  -3.291  1.00 13.12 ? 92  ASP A N   1 
ATOM   716  C CA  . ASP A 1 92  ? -17.225 -2.751  -4.215  1.00 12.87 ? 92  ASP A CA  1 
ATOM   717  C C   . ASP A 1 92  ? -15.794 -3.303  -4.255  1.00 12.43 ? 92  ASP A C   1 
ATOM   718  O O   . ASP A 1 92  ? -14.849 -2.709  -3.720  1.00 12.54 ? 92  ASP A O   1 
ATOM   719  C CB  . ASP A 1 92  ? -17.593 -2.275  -5.613  1.00 13.50 ? 92  ASP A CB  1 
ATOM   720  C CG  . ASP A 1 92  ? -16.707 -1.145  -6.057  1.00 14.38 ? 92  ASP A CG  1 
ATOM   721  O OD1 . ASP A 1 92  ? -17.025 0.016   -5.725  1.00 14.03 ? 92  ASP A OD1 1 
ATOM   722  O OD2 . ASP A 1 92  ? -15.657 -1.430  -6.687  1.00 14.88 ? 92  ASP A OD2 1 
ATOM   723  N N   . ALA A 1 93  ? -15.634 -4.442  -4.939  1.00 13.90 ? 93  ALA A N   1 
ATOM   724  C CA  . ALA A 1 93  ? -14.378 -5.187  -4.874  1.00 14.28 ? 93  ALA A CA  1 
ATOM   725  C C   . ALA A 1 93  ? -13.206 -4.401  -5.456  1.00 13.42 ? 93  ALA A C   1 
ATOM   726  O O   . ALA A 1 93  ? -12.091 -4.460  -4.924  1.00 14.31 ? 93  ALA A O   1 
ATOM   727  C CB  . ALA A 1 93  ? -14.528 -6.539  -5.573  1.00 16.91 ? 93  ALA A CB  1 
ATOM   728  N N   . VAL A 1 94  ? -13.426 -3.676  -6.556  1.00 12.93 ? 94  VAL A N   1 
ATOM   729  C CA  . VAL A 1 94  ? -12.327 -2.935  -7.167  1.00 12.43 ? 94  VAL A CA  1 
ATOM   730  C C   . VAL A 1 94  ? -11.888 -1.799  -6.258  1.00 11.14 ? 94  VAL A C   1 
ATOM   731  O O   . VAL A 1 94  ? -10.689 -1.579  -6.038  1.00 11.83 ? 94  VAL A O   1 
ATOM   732  C CB  . VAL A 1 94  ? -12.728 -2.434  -8.567  1.00 14.01 ? 94  VAL A CB  1 
ATOM   733  C CG1 . VAL A 1 94  ? -11.625 -1.572  -9.157  1.00 14.56 ? 94  VAL A CG1 1 
ATOM   734  C CG2 . VAL A 1 94  ? -13.037 -3.616  -9.476  1.00 16.55 ? 94  VAL A CG2 1 
ATOM   735  N N   . ARG A 1 95  ? -12.848 -1.062  -5.706  1.00 10.83 ? 95  ARG A N   1 
ATOM   736  C CA  . ARG A 1 95  ? -12.490 0.016   -4.797  1.00 11.04 ? 95  ARG A CA  1 
ATOM   737  C C   . ARG A 1 95  ? -11.885 -0.504  -3.497  1.00 10.40 ? 95  ARG A C   1 
ATOM   738  O O   . ARG A 1 95  ? -11.035 0.170   -2.905  1.00 10.52 ? 95  ARG A O   1 
ATOM   739  C CB  . ARG A 1 95  ? -13.706 0.896   -4.550  1.00 11.04 ? 95  ARG A CB  1 
ATOM   740  C CG  . ARG A 1 95  ? -14.115 1.675   -5.797  1.00 11.88 ? 95  ARG A CG  1 
ATOM   741  C CD  . ARG A 1 95  ? -15.221 2.655   -5.486  1.00 12.32 ? 95  ARG A CD  1 
ATOM   742  N NE  . ARG A 1 95  ? -15.535 3.568   -6.592  1.00 12.26 ? 95  ARG A NE  1 
ATOM   743  C CZ  . ARG A 1 95  ? -16.485 3.366   -7.498  1.00 11.68 ? 95  ARG A CZ  1 
ATOM   744  N NH1 . ARG A 1 95  ? -17.214 2.264   -7.465  1.00 13.09 ? 95  ARG A NH1 1 
ATOM   745  N NH2 . ARG A 1 95  ? -16.699 4.277   -8.439  1.00 13.26 ? 95  ARG A NH2 1 
ATOM   746  N N   . ARG A 1 96  ? -12.272 -1.703  -3.050  1.00 11.06 ? 96  ARG A N   1 
ATOM   747  C CA  . ARG A 1 96  ? -11.593 -2.288  -1.897  1.00 10.62 ? 96  ARG A CA  1 
ATOM   748  C C   . ARG A 1 96  ? -10.112 -2.500  -2.173  1.00 10.41 ? 96  ARG A C   1 
ATOM   749  O O   . ARG A 1 96  ? -9.285  -2.371  -1.262  1.00 10.92 ? 96  ARG A O   1 
ATOM   750  C CB  . ARG A 1 96  ? -12.265 -3.603  -1.501  1.00 12.02 ? 96  ARG A CB  1 
ATOM   751  C CG  . ARG A 1 96  ? -13.579 -3.411  -0.757  1.00 12.33 ? 96  ARG A CG  1 
ATOM   752  C CD  . ARG A 1 96  ? -14.164 -4.738  -0.304  1.00 14.16 ? 96  ARG A CD  1 
ATOM   753  N NE  . ARG A 1 96  ? -15.462 -4.580  0.341   1.00 17.75 ? 96  ARG A NE  1 
ATOM   754  C CZ  . ARG A 1 96  ? -16.390 -5.530  0.417   1.00 18.14 ? 96  ARG A CZ  1 
ATOM   755  N NH1 . ARG A 1 96  ? -16.168 -6.727  -0.109  1.00 22.27 ? 96  ARG A NH1 1 
ATOM   756  N NH2 . ARG A 1 96  ? -17.546 -5.280  1.020   1.00 20.17 ? 96  ARG A NH2 1 
ATOM   757  N N   . CYS A 1 97  ? -9.751  -2.823  -3.416  1.00 10.69 ? 97  CYS A N   1 
ATOM   758  C CA  . CYS A 1 97  ? -8.336  -2.936  -3.756  1.00 10.77 ? 97  CYS A CA  1 
ATOM   759  C C   . CYS A 1 97  ? -7.622  -1.603  -3.591  1.00 10.20 ? 97  CYS A C   1 
ATOM   760  O O   . CYS A 1 97  ? -6.494  -1.554  -3.084  1.00 10.82 ? 97  CYS A O   1 
ATOM   761  C CB  . CYS A 1 97  ? -8.158  -3.468  -5.174  1.00 11.10 ? 97  CYS A CB  1 
ATOM   762  S SG  . CYS A 1 97  ? -8.644  -5.180  -5.386  1.00 12.44 ? 97  CYS A SG  1 
ATOM   763  N N   . ALA A 1 98  ? -8.254  -0.508  -4.027  1.00 10.78 ? 98  ALA A N   1 
ATOM   764  C CA  . ALA A 1 98  ? -7.659  0.811   -3.831  1.00 11.28 ? 98  ALA A CA  1 
ATOM   765  C C   . ALA A 1 98  ? -7.464  1.111   -2.347  1.00 9.54  ? 98  ALA A C   1 
ATOM   766  O O   . ALA A 1 98  ? -6.441  1.683   -1.946  1.00 10.55 ? 98  ALA A O   1 
ATOM   767  C CB  . ALA A 1 98  ? -8.521  1.878   -4.511  1.00 11.31 ? 98  ALA A CB  1 
ATOM   768  N N   . ALA A 1 99  ? -8.426  0.704   -1.514  1.00 10.17 ? 99  ALA A N   1 
ATOM   769  C CA  . ALA A 1 99  ? -8.299  0.895   -0.074  1.00 10.87 ? 99  ALA A CA  1 
ATOM   770  C C   . ALA A 1 99  ? -7.111  0.124   0.489   1.00 11.01 ? 99  ALA A C   1 
ATOM   771  O O   . ALA A 1 99  ? -6.319  0.667   1.276   1.00 10.92 ? 99  ALA A O   1 
ATOM   772  C CB  . ALA A 1 99  ? -9.588  0.463   0.618   1.00 11.59 ? 99  ALA A CB  1 
ATOM   773  N N   . ILE A 1 100 ? -6.991  -1.153  0.128   1.00 10.06 ? 100 ILE A N   1 
ATOM   774  C CA  . ILE A 1 100 ? -5.855  -1.940  0.601   1.00 10.28 ? 100 ILE A CA  1 
ATOM   775  C C   . ILE A 1 100 ? -4.547  -1.325  0.133   1.00 10.37 ? 100 ILE A C   1 
ATOM   776  O O   . ILE A 1 100 ? -3.553  -1.299  0.874   1.00 10.98 ? 100 ILE A O   1 
ATOM   777  C CB  . ILE A 1 100 ? -5.974  -3.407  0.150   1.00 10.40 ? 100 ILE A CB  1 
ATOM   778  C CG1 . ILE A 1 100 ? -7.233  -4.060  0.720   1.00 11.35 ? 100 ILE A CG1 1 
ATOM   779  C CG2 . ILE A 1 100 ? -4.720  -4.193  0.540   1.00 11.83 ? 100 ILE A CG2 1 
ATOM   780  C CD1 . ILE A 1 100 ? -7.644  -5.323  -0.011  1.00 13.20 ? 100 ILE A CD1 1 
ATOM   781  N N   . ASN A 1 101 ? -4.516  -0.854  -1.114  1.00 10.20 ? 101 ASN A N   1 
ATOM   782  C CA  . ASN A 1 101 ? -3.303  -0.261  -1.663  1.00 10.14 ? 101 ASN A CA  1 
ATOM   783  C C   . ASN A 1 101 ? -2.817  0.893   -0.784  1.00 9.86  ? 101 ASN A C   1 
ATOM   784  O O   . ASN A 1 101 ? -1.631  0.966   -0.425  1.00 10.47 ? 101 ASN A O   1 
ATOM   785  C CB  . ASN A 1 101 ? -3.619  0.203   -3.087  1.00 10.81 ? 101 ASN A CB  1 
ATOM   786  C CG  . ASN A 1 101 ? -2.395  0.560   -3.889  1.00 9.75  ? 101 ASN A CG  1 
ATOM   787  O OD1 . ASN A 1 101 ? -1.573  1.379   -3.470  1.00 11.02 ? 101 ASN A OD1 1 
ATOM   788  N ND2 . ASN A 1 101 ? -2.275  -0.034  -5.069  1.00 10.75 ? 101 ASN A ND2 1 
ATOM   789  N N   . MET A 1 102 ? -3.735  1.793   -0.404  1.00 9.82  ? 102 MET A N   1 
ATOM   790  C CA  . MET A 1 102 ? -3.358  2.928   0.439   1.00 10.76 ? 102 MET A CA  1 
ATOM   791  C C   . MET A 1 102 ? -2.850  2.479   1.803   1.00 10.90 ? 102 MET A C   1 
ATOM   792  O O   . MET A 1 102 ? -1.875  3.039   2.324   1.00 11.35 ? 102 MET A O   1 
ATOM   793  C CB  . MET A 1 102 ? -4.538  3.881   0.618   1.00 10.88 ? 102 MET A CB  1 
ATOM   794  C CG  . MET A 1 102 ? -4.916  4.614   -0.654  1.00 11.46 ? 102 MET A CG  1 
ATOM   795  S SD  . MET A 1 102 ? -6.150  5.910   -0.390  1.00 12.00 ? 102 MET A SD  1 
ATOM   796  C CE  . MET A 1 102 ? -5.171  7.141   0.463   1.00 13.15 ? 102 MET A CE  1 
ATOM   797  N N   . VAL A 1 103 ? -3.514  1.501   2.421   1.00 11.23 ? 103 VAL A N   1 
ATOM   798  C CA  . VAL A 1 103 ? -3.076  1.034   3.734   1.00 11.61 ? 103 VAL A CA  1 
ATOM   799  C C   . VAL A 1 103 ? -1.737  0.310   3.631   1.00 11.25 ? 103 VAL A C   1 
ATOM   800  O O   . VAL A 1 103 ? -0.881  0.431   4.518   1.00 12.09 ? 103 VAL A O   1 
ATOM   801  C CB  . VAL A 1 103 ? -4.181  0.194   4.397   1.00 12.21 ? 103 VAL A CB  1 
ATOM   802  C CG1 . VAL A 1 103 ? -3.692  -0.463  5.675   1.00 13.51 ? 103 VAL A CG1 1 
ATOM   803  C CG2 . VAL A 1 103 ? -5.398  1.067   4.683   1.00 13.82 ? 103 VAL A CG2 1 
ATOM   804  N N   . PHE A 1 104 ? -1.521  -0.437  2.547   1.00 10.86 ? 104 PHE A N   1 
ATOM   805  C CA  . PHE A 1 104 ? -0.217  -1.049  2.316   1.00 11.06 ? 104 PHE A CA  1 
ATOM   806  C C   . PHE A 1 104 ? 0.874   0.010   2.250   1.00 12.01 ? 104 PHE A C   1 
ATOM   807  O O   . PHE A 1 104 ? 1.943   -0.147  2.852   1.00 12.65 ? 104 PHE A O   1 
ATOM   808  C CB  . PHE A 1 104 ? -0.302  -1.856  1.022   1.00 11.50 ? 104 PHE A CB  1 
ATOM   809  C CG  . PHE A 1 104 ? 0.916   -2.682  0.692   1.00 10.50 ? 104 PHE A CG  1 
ATOM   810  C CD1 . PHE A 1 104 ? 2.014   -2.115  0.076   1.00 12.33 ? 104 PHE A CD1 1 
ATOM   811  C CD2 . PHE A 1 104 ? 0.911   -4.054  0.897   1.00 11.62 ? 104 PHE A CD2 1 
ATOM   812  C CE1 . PHE A 1 104 ? 3.107   -2.886  -0.276  1.00 13.03 ? 104 PHE A CE1 1 
ATOM   813  C CE2 . PHE A 1 104 ? 2.000   -4.827  0.540   1.00 12.45 ? 104 PHE A CE2 1 
ATOM   814  C CZ  . PHE A 1 104 ? 3.097   -4.243  -0.043  1.00 13.60 ? 104 PHE A CZ  1 
ATOM   815  N N   . GLN A 1 105 ? 0.611   1.111   1.548   1.00 11.40 ? 105 GLN A N   1 
ATOM   816  C CA  . GLN A 1 105 ? 1.633   2.132   1.358   1.00 12.21 ? 105 GLN A CA  1 
ATOM   817  C C   . GLN A 1 105 ? 1.875   2.947   2.623   1.00 12.27 ? 105 GLN A C   1 
ATOM   818  O O   . GLN A 1 105 ? 3.031   3.232   2.968   1.00 14.32 ? 105 GLN A O   1 
ATOM   819  C CB  . GLN A 1 105 ? 1.255   3.053   0.195   1.00 12.20 ? 105 GLN A CB  1 
ATOM   820  C CG  . GLN A 1 105 ? 2.339   4.090   -0.102  1.00 13.45 ? 105 GLN A CG  1 
ATOM   821  C CD  . GLN A 1 105 ? 2.021   4.997   -1.286  1.00 12.09 ? 105 GLN A CD  1 
ATOM   822  O OE1 . GLN A 1 105 ? 0.968   4.895   -1.903  1.00 12.53 ? 105 GLN A OE1 1 
ATOM   823  N NE2 . GLN A 1 105 ? 2.941   5.907   -1.594  1.00 14.68 ? 105 GLN A NE2 1 
ATOM   824  N N   . MET A 1 106 ? 0.820   3.341   3.339   1.00 13.27 ? 106 MET A N   1 
ATOM   825  C CA  A MET A 1 106 ? 1.038   4.265   4.441   0.26 14.14 ? 106 MET A CA  1 
ATOM   826  C CA  B MET A 1 106 ? 0.920   4.310   4.426   0.74 14.04 ? 106 MET A CA  1 
ATOM   827  C C   . MET A 1 106 ? 0.614   3.755   5.809   1.00 14.18 ? 106 MET A C   1 
ATOM   828  O O   . MET A 1 106 ? 0.870   4.445   6.806   1.00 16.12 ? 106 MET A O   1 
ATOM   829  C CB  A MET A 1 106 ? 0.435   5.645   4.148   0.26 16.51 ? 106 MET A CB  1 
ATOM   830  C CB  B MET A 1 106 ? -0.013  5.493   4.152   0.74 15.06 ? 106 MET A CB  1 
ATOM   831  C CG  A MET A 1 106 ? -1.040  5.626   3.916   0.26 16.47 ? 106 MET A CG  1 
ATOM   832  C CG  B MET A 1 106 ? 0.454   6.304   2.967   0.74 16.15 ? 106 MET A CG  1 
ATOM   833  S SD  A MET A 1 106 ? -1.629  7.011   2.920   0.26 21.78 ? 106 MET A SD  1 
ATOM   834  S SD  B MET A 1 106 ? -0.602  7.702   2.604   0.74 17.23 ? 106 MET A SD  1 
ATOM   835  C CE  A MET A 1 106 ? -1.509  6.283   1.286   0.26 13.17 ? 106 MET A CE  1 
ATOM   836  C CE  B MET A 1 106 ? -1.840  6.936   1.578   0.74 16.54 ? 106 MET A CE  1 
ATOM   837  N N   . GLY A 1 107 ? 0.036   2.563   5.902   1.00 14.60 ? 107 GLY A N   1 
ATOM   838  C CA  . GLY A 1 107 ? -0.375  2.013   7.177   1.00 15.76 ? 107 GLY A CA  1 
ATOM   839  C C   . GLY A 1 107 ? -1.615  2.692   7.727   1.00 18.44 ? 107 GLY A C   1 
ATOM   840  O O   . GLY A 1 107 ? -2.095  3.697   7.215   1.00 18.16 ? 107 GLY A O   1 
ATOM   841  N N   . GLU A 1 108 ? -2.145  2.122   8.812   1.00 21.21 ? 108 GLU A N   1 
ATOM   842  C CA  . GLU A 1 108 ? -3.307  2.727   9.461   1.00 21.60 ? 108 GLU A CA  1 
ATOM   843  C C   . GLU A 1 108 ? -3.000  4.139   9.949   1.00 21.81 ? 108 GLU A C   1 
ATOM   844  O O   . GLU A 1 108 ? -3.824  5.049   9.800   1.00 23.83 ? 108 GLU A O   1 
ATOM   845  C CB  . GLU A 1 108 ? -3.774  1.863   10.630  1.00 25.36 ? 108 GLU A CB  1 
ATOM   846  C CG  . GLU A 1 108 ? -4.252  0.473   10.253  1.00 26.38 ? 108 GLU A CG  1 
ATOM   847  C CD  . GLU A 1 108 ? -4.667  -0.336  11.471  1.00 28.48 ? 108 GLU A CD  1 
ATOM   848  O OE1 . GLU A 1 108 ? -5.535  0.137   12.233  1.00 26.45 ? 108 GLU A OE1 1 
ATOM   849  O OE2 . GLU A 1 108 ? -4.118  -1.441  11.674  1.00 30.67 ? 108 GLU A OE2 1 
ATOM   850  N N   . THR A 1 109 ? -1.820  4.341   10.539  1.00 23.60 ? 109 THR A N   1 
ATOM   851  C CA  . THR A 1 109 ? -1.450  5.661   11.040  1.00 25.65 ? 109 THR A CA  1 
ATOM   852  C C   . THR A 1 109 ? -1.350  6.677   9.908   1.00 23.76 ? 109 THR A C   1 
ATOM   853  O O   . THR A 1 109 ? -1.768  7.833   10.060  1.00 24.20 ? 109 THR A O   1 
ATOM   854  C CB  . THR A 1 109 ? -0.132  5.559   11.814  1.00 30.05 ? 109 THR A CB  1 
ATOM   855  O OG1 . THR A 1 109 ? -0.387  5.028   13.121  1.00 35.63 ? 109 THR A OG1 1 
ATOM   856  C CG2 . THR A 1 109 ? 0.531   6.924   11.948  1.00 30.97 ? 109 THR A CG2 1 
ATOM   857  N N   . GLY A 1 110 ? -0.810  6.262   8.760   1.00 20.33 ? 110 GLY A N   1 
ATOM   858  C CA  . GLY A 1 110 ? -0.636  7.171   7.642   1.00 22.65 ? 110 GLY A CA  1 
ATOM   859  C C   . GLY A 1 110 ? -1.929  7.623   6.998   1.00 18.94 ? 110 GLY A C   1 
ATOM   860  O O   . GLY A 1 110 ? -1.946  8.677   6.352   1.00 21.67 ? 110 GLY A O   1 
ATOM   861  N N   . VAL A 1 111 ? -3.012  6.859   7.155   1.00 20.18 ? 111 VAL A N   1 
ATOM   862  C CA  . VAL A 1 111 ? -4.311  7.241   6.602   1.00 18.48 ? 111 VAL A CA  1 
ATOM   863  C C   . VAL A 1 111 ? -5.197  7.936   7.629   1.00 17.73 ? 111 VAL A C   1 
ATOM   864  O O   . VAL A 1 111 ? -6.354  8.233   7.329   1.00 19.06 ? 111 VAL A O   1 
ATOM   865  C CB  . VAL A 1 111 ? -5.054  6.070   5.933   1.00 17.92 ? 111 VAL A CB  1 
ATOM   866  C CG1 . VAL A 1 111 ? -4.239  5.465   4.818   1.00 21.08 ? 111 VAL A CG1 1 
ATOM   867  C CG2 . VAL A 1 111 ? -5.443  5.013   6.955   1.00 20.13 ? 111 VAL A CG2 1 
ATOM   868  N N   . ALA A 1 112 ? -4.684  8.198   8.835   1.00 18.74 ? 112 ALA A N   1 
ATOM   869  C CA  . ALA A 1 112 ? -5.527  8.761   9.889   1.00 19.84 ? 112 ALA A CA  1 
ATOM   870  C C   . ALA A 1 112 ? -6.111  10.117  9.505   1.00 19.07 ? 112 ALA A C   1 
ATOM   871  O O   . ALA A 1 112 ? -7.230  10.444  9.915   1.00 20.97 ? 112 ALA A O   1 
ATOM   872  C CB  . ALA A 1 112 ? -4.745  8.862   11.198  1.00 24.08 ? 112 ALA A CB  1 
ATOM   873  N N   . GLY A 1 113 ? -5.381  10.917  8.727   1.00 18.43 ? 113 GLY A N   1 
ATOM   874  C CA  . GLY A 1 113 ? -5.869  12.222  8.330   1.00 19.71 ? 113 GLY A CA  1 
ATOM   875  C C   . GLY A 1 113 ? -6.872  12.229  7.199   1.00 16.95 ? 113 GLY A C   1 
ATOM   876  O O   . GLY A 1 113 ? -7.338  13.302  6.804   1.00 18.53 ? 113 GLY A O   1 
ATOM   877  N N   . PHE A 1 114 ? -7.221  11.053  6.671   1.00 17.56 ? 114 PHE A N   1 
ATOM   878  C CA  . PHE A 1 114 ? -8.130  10.929  5.543   1.00 15.64 ? 114 PHE A CA  1 
ATOM   879  C C   . PHE A 1 114 ? -9.599  10.823  5.967   1.00 15.22 ? 114 PHE A C   1 
ATOM   880  O O   . PHE A 1 114 ? -10.431 10.353  5.186   1.00 15.94 ? 114 PHE A O   1 
ATOM   881  C CB  . PHE A 1 114 ? -7.696  9.770   4.636   1.00 15.28 ? 114 PHE A CB  1 
ATOM   882  C CG  . PHE A 1 114 ? -6.446  10.064  3.827   1.00 15.48 ? 114 PHE A CG  1 
ATOM   883  C CD1 . PHE A 1 114 ? -5.189  9.971   4.404   1.00 18.80 ? 114 PHE A CD1 1 
ATOM   884  C CD2 . PHE A 1 114 ? -6.532  10.443  2.496   1.00 15.93 ? 114 PHE A CD2 1 
ATOM   885  C CE1 . PHE A 1 114 ? -4.040  10.250  3.663   1.00 18.67 ? 114 PHE A CE1 1 
ATOM   886  C CE2 . PHE A 1 114 ? -5.389  10.715  1.749   1.00 15.81 ? 114 PHE A CE2 1 
ATOM   887  C CZ  . PHE A 1 114 ? -4.146  10.619  2.334   1.00 16.94 ? 114 PHE A CZ  1 
ATOM   888  N N   . THR A 1 115 ? -9.934  11.302  7.169   1.00 15.66 ? 115 THR A N   1 
ATOM   889  C CA  . THR A 1 115 ? -11.301 11.241  7.685   1.00 16.39 ? 115 THR A CA  1 
ATOM   890  C C   . THR A 1 115 ? -12.335 11.781  6.698   1.00 15.62 ? 115 THR A C   1 
ATOM   891  O O   . THR A 1 115 ? -13.384 11.162  6.483   1.00 15.89 ? 115 THR A O   1 
ATOM   892  C CB  . THR A 1 115 ? -11.368 12.020  8.997   1.00 18.12 ? 115 THR A CB  1 
ATOM   893  O OG1 . THR A 1 115 ? -10.420 11.471  9.916   1.00 20.94 ? 115 THR A OG1 1 
ATOM   894  C CG2 . THR A 1 115 ? -12.768 11.963  9.595   1.00 20.07 ? 115 THR A CG2 1 
ATOM   895  N N   . ASN A 1 116 ? -12.085 12.962  6.124   1.00 15.24 ? 116 ASN A N   1 
ATOM   896  C CA  . ASN A 1 116 ? -13.060 13.525  5.195   1.00 14.51 ? 116 ASN A CA  1 
ATOM   897  C C   . ASN A 1 116 ? -13.143 12.710  3.911   1.00 13.55 ? 116 ASN A C   1 
ATOM   898  O O   . ASN A 1 116 ? -14.231 12.545  3.349   1.00 14.76 ? 116 ASN A O   1 
ATOM   899  C CB  . ASN A 1 116 ? -12.752 14.995  4.903   1.00 14.73 ? 116 ASN A CB  1 
ATOM   900  C CG  . ASN A 1 116 ? -12.732 15.845  6.157   1.00 16.37 ? 116 ASN A CG  1 
ATOM   901  N N   . SER A 1 117 ? -12.006 12.193  3.429   1.00 13.95 ? 117 SER A N   1 
ATOM   902  C CA  . SER A 1 117 ? -12.032 11.336  2.248   1.00 14.11 ? 117 SER A CA  1 
ATOM   903  C C   . SER A 1 117 ? -12.842 10.076  2.518   1.00 13.14 ? 117 SER A C   1 
ATOM   904  O O   . SER A 1 117 ? -13.619 9.631   1.667   1.00 13.38 ? 117 SER A O   1 
ATOM   905  C CB  . SER A 1 117 ? -10.608 10.941  1.846   1.00 14.91 ? 117 SER A CB  1 
ATOM   906  O OG  . SER A 1 117 ? -9.693  12.023  1.930   1.00 19.38 ? 117 SER A OG  1 
ATOM   907  N N   . LEU A 1 118 ? -12.659 9.491   3.706   1.00 13.53 ? 118 LEU A N   1 
ATOM   908  C CA  . LEU A 1 118 ? -13.394 8.287   4.079   1.00 14.31 ? 118 LEU A CA  1 
ATOM   909  C C   . LEU A 1 118 ? -14.892 8.533   4.068   1.00 13.92 ? 118 LEU A C   1 
ATOM   910  O O   . LEU A 1 118 ? -15.664 7.691   3.594   1.00 14.39 ? 118 LEU A O   1 
ATOM   911  C CB  . LEU A 1 118 ? -12.949 7.827   5.465   1.00 14.48 ? 118 LEU A CB  1 
ATOM   912  C CG  . LEU A 1 118 ? -11.598 7.118   5.514   1.00 15.90 ? 118 LEU A CG  1 
ATOM   913  C CD1 . LEU A 1 118 ? -11.009 7.149   6.910   1.00 17.14 ? 118 LEU A CD1 1 
ATOM   914  C CD2 . LEU A 1 118 ? -11.759 5.688   5.024   1.00 16.03 ? 118 LEU A CD2 1 
ATOM   915  N N   . ARG A 1 119 ? -15.324 9.688   4.585   1.00 13.93 ? 119 ARG A N   1 
ATOM   916  C CA  . ARG A 1 119 ? -16.745 10.010  4.576   1.00 15.01 ? 119 ARG A CA  1 
ATOM   917  C C   . ARG A 1 119 ? -17.267 10.127  3.152   1.00 13.73 ? 119 ARG A C   1 
ATOM   918  O O   . ARG A 1 119 ? -18.328 9.586   2.826   1.00 14.78 ? 119 ARG A O   1 
ATOM   919  C CB  . ARG A 1 119 ? -16.989 11.300  5.355   1.00 16.24 ? 119 ARG A CB  1 
ATOM   920  C CG  . ARG A 1 119 ? -18.441 11.755  5.363   1.00 18.90 ? 119 ARG A CG  1 
ATOM   921  C CD  . ARG A 1 119 ? -18.599 13.082  6.101   1.00 21.77 ? 119 ARG A CD  1 
ATOM   922  N NE  . ARG A 1 119 ? -17.935 13.077  7.403   1.00 26.61 ? 119 ARG A NE  1 
ATOM   923  C CZ  . ARG A 1 119 ? -16.842 13.777  7.696   1.00 25.00 ? 119 ARG A CZ  1 
ATOM   924  N NH1 . ARG A 1 119 ? -16.273 14.541  6.774   1.00 23.46 ? 119 ARG A NH1 1 
ATOM   925  N NH2 . ARG A 1 119 ? -16.313 13.712  8.911   1.00 29.45 ? 119 ARG A NH2 1 
ATOM   926  N N   . MET A 1 120 ? -16.520 10.811  2.280   1.00 13.58 ? 120 MET A N   1 
ATOM   927  C CA  . MET A 1 120 ? -16.959 10.952  0.898   1.00 13.89 ? 120 MET A CA  1 
ATOM   928  C C   . MET A 1 120 ? -17.025 9.600   0.196   1.00 12.69 ? 120 MET A C   1 
ATOM   929  O O   . MET A 1 120 ? -17.945 9.352   -0.587  1.00 13.99 ? 120 MET A O   1 
ATOM   930  C CB  . MET A 1 120 ? -16.043 11.911  0.148   1.00 13.71 ? 120 MET A CB  1 
ATOM   931  C CG  . MET A 1 120 ? -16.097 13.339  0.664   1.00 14.47 ? 120 MET A CG  1 
ATOM   932  S SD  . MET A 1 120 ? -14.900 14.355  -0.194  1.00 16.29 ? 120 MET A SD  1 
ATOM   933  C CE  . MET A 1 120 ? -14.816 15.780  0.886   1.00 18.20 ? 120 MET A CE  1 
ATOM   934  N N   . LEU A 1 121 ? -16.055 8.717   0.462   1.00 12.60 ? 121 LEU A N   1 
ATOM   935  C CA  . LEU A 1 121 ? -16.089 7.378   -0.121  1.00 12.43 ? 121 LEU A CA  1 
ATOM   936  C C   . LEU A 1 121 ? -17.294 6.592   0.373   1.00 12.57 ? 121 LEU A C   1 
ATOM   937  O O   . LEU A 1 121 ? -17.968 5.921   -0.415  1.00 12.99 ? 121 LEU A O   1 
ATOM   938  C CB  . LEU A 1 121 ? -14.791 6.626   0.184   1.00 12.93 ? 121 LEU A CB  1 
ATOM   939  C CG  . LEU A 1 121 ? -13.545 7.156   -0.528  1.00 11.93 ? 121 LEU A CG  1 
ATOM   940  C CD1 . LEU A 1 121 ? -12.291 6.515   0.057   1.00 13.97 ? 121 LEU A CD1 1 
ATOM   941  C CD2 . LEU A 1 121 ? -13.607 6.926   -2.025  1.00 12.87 ? 121 LEU A CD2 1 
ATOM   942  N N   . GLN A 1 122 ? -17.576 6.650   1.675   1.00 13.40 ? 122 GLN A N   1 
ATOM   943  C CA  . GLN A 1 122 ? -18.732 5.926   2.191   1.00 14.95 ? 122 GLN A CA  1 
ATOM   944  C C   . GLN A 1 122 ? -20.027 6.462   1.602   1.00 14.50 ? 122 GLN A C   1 
ATOM   945  O O   . GLN A 1 122 ? -20.973 5.697   1.372   1.00 16.62 ? 122 GLN A O   1 
ATOM   946  C CB  . GLN A 1 122 ? -18.776 5.993   3.714   1.00 17.62 ? 122 GLN A CB  1 
ATOM   947  C CG  . GLN A 1 122 ? -19.961 5.230   4.300   1.00 22.34 ? 122 GLN A CG  1 
ATOM   948  C CD  . GLN A 1 122 ? -19.708 4.680   5.686   1.00 24.36 ? 122 GLN A CD  1 
ATOM   949  O OE1 . GLN A 1 122 ? -18.689 4.968   6.308   1.00 28.39 ? 122 GLN A OE1 1 
ATOM   950  N NE2 . GLN A 1 122 ? -20.652 3.887   6.185   1.00 26.99 ? 122 GLN A NE2 1 
ATOM   951  N N   . GLN A 1 123 ? -20.080 7.764   1.328   1.00 14.35 ? 123 GLN A N   1 
ATOM   952  C CA  . GLN A 1 123 ? -21.227 8.388   0.683   1.00 15.65 ? 123 GLN A CA  1 
ATOM   953  C C   . GLN A 1 123 ? -21.261 8.154   -0.817  1.00 14.89 ? 123 GLN A C   1 
ATOM   954  O O   . GLN A 1 123 ? -22.211 8.596   -1.471  1.00 16.04 ? 123 GLN A O   1 
ATOM   955  C CB  . GLN A 1 123 ? -21.224 9.894   0.946   1.00 17.54 ? 123 GLN A CB  1 
ATOM   956  C CG  . GLN A 1 123 ? -21.508 10.277  2.379   1.00 19.16 ? 123 GLN A CG  1 
ATOM   957  C CD  . GLN A 1 123 ? -21.268 11.753  2.636   1.00 21.76 ? 123 GLN A CD  1 
ATOM   958  O OE1 . GLN A 1 123 ? -20.328 12.341  2.101   1.00 22.87 ? 123 GLN A OE1 1 
ATOM   959  N NE2 . GLN A 1 123 ? -22.111 12.356  3.463   1.00 32.09 ? 123 GLN A NE2 1 
ATOM   960  N N   . LYS A 1 124 ? -20.237 7.502   -1.377  1.00 13.84 ? 124 LYS A N   1 
ATOM   961  C CA  . LYS A 1 124 ? -20.160 7.221   -2.807  1.00 13.69 ? 124 LYS A CA  1 
ATOM   962  C C   . LYS A 1 124 ? -20.138 8.495   -3.645  1.00 13.67 ? 124 LYS A C   1 
ATOM   963  O O   . LYS A 1 124 ? -20.603 8.524   -4.782  1.00 14.64 ? 124 LYS A O   1 
ATOM   964  C CB  . LYS A 1 124 ? -21.210 6.203   -3.258  1.00 13.98 ? 124 LYS A CB  1 
ATOM   965  C CG  . LYS A 1 124 ? -21.092 4.904   -2.459  1.00 13.96 ? 124 LYS A CG  1 
ATOM   966  C CD  . LYS A 1 124 ? -21.902 3.778   -3.076  1.00 15.54 ? 124 LYS A CD  1 
ATOM   967  C CE  . LYS A 1 124 ? -21.689 2.459   -2.350  1.00 16.18 ? 124 LYS A CE  1 
ATOM   968  N NZ  . LYS A 1 124 ? -20.292 1.994   -2.386  1.00 16.47 ? 124 LYS A NZ  1 
ATOM   969  N N   A ARG A 1 125 ? -19.570 9.559   -3.083  0.47 13.21 ? 125 ARG A N   1 
ATOM   970  N N   B ARG A 1 125 ? -19.558 9.552   -3.081  0.53 13.19 ? 125 ARG A N   1 
ATOM   971  C CA  A ARG A 1 125 ? -19.361 10.807  -3.815  0.47 14.01 ? 125 ARG A CA  1 
ATOM   972  C CA  B ARG A 1 125 ? -19.346 10.807  -3.797  0.53 14.02 ? 125 ARG A CA  1 
ATOM   973  C C   A ARG A 1 125 ? -17.972 10.735  -4.440  0.47 12.60 ? 125 ARG A C   1 
ATOM   974  C C   B ARG A 1 125 ? -17.964 10.735  -4.438  0.53 12.59 ? 125 ARG A C   1 
ATOM   975  O O   A ARG A 1 125 ? -17.000 11.312  -3.951  0.47 13.47 ? 125 ARG A O   1 
ATOM   976  O O   B ARG A 1 125 ? -16.988 11.313  -3.959  0.53 13.48 ? 125 ARG A O   1 
ATOM   977  C CB  A ARG A 1 125 ? -19.502 11.999  -2.879  0.47 16.62 ? 125 ARG A CB  1 
ATOM   978  C CB  B ARG A 1 125 ? -19.455 11.982  -2.834  0.53 16.59 ? 125 ARG A CB  1 
ATOM   979  C CG  A ARG A 1 125 ? -20.901 12.177  -2.307  0.47 17.70 ? 125 ARG A CG  1 
ATOM   980  C CG  B ARG A 1 125 ? -20.793 12.074  -2.108  0.53 17.85 ? 125 ARG A CG  1 
ATOM   981  C CD  A ARG A 1 125 ? -20.852 12.941  -0.992  0.47 22.29 ? 125 ARG A CD  1 
ATOM   982  C CD  B ARG A 1 125 ? -21.001 13.457  -1.508  0.53 24.06 ? 125 ARG A CD  1 
ATOM   983  N NE  A ARG A 1 125 ? -21.915 13.937  -0.883  0.47 28.61 ? 125 ARG A NE  1 
ATOM   984  N NE  B ARG A 1 125 ? -20.425 13.584  -0.172  0.53 26.46 ? 125 ARG A NE  1 
ATOM   985  C CZ  A ARG A 1 125 ? -23.101 13.709  -0.326  0.47 29.94 ? 125 ARG A CZ  1 
ATOM   986  C CZ  B ARG A 1 125 ? -19.831 14.682  0.288   0.53 28.54 ? 125 ARG A CZ  1 
ATOM   987  N NH1 A ARG A 1 125 ? -23.382 12.513  0.173   0.47 37.88 ? 125 ARG A NH1 1 
ATOM   988  N NH1 B ARG A 1 125 ? -19.723 15.758  -0.478  0.53 37.66 ? 125 ARG A NH1 1 
ATOM   989  N NH2 A ARG A 1 125 ? -24.005 14.676  -0.267  0.47 31.33 ? 125 ARG A NH2 1 
ATOM   990  N NH2 B ARG A 1 125 ? -19.341 14.703  1.521   0.53 27.39 ? 125 ARG A NH2 1 
ATOM   991  N N   . TRP A 1 126 ? -17.891 9.996   -5.546  1.00 12.56 ? 126 TRP A N   1 
ATOM   992  C CA  . TRP A 1 126 ? -16.590 9.579   -6.071  1.00 12.47 ? 126 TRP A CA  1 
ATOM   993  C C   . TRP A 1 126 ? -15.753 10.754  -6.569  1.00 12.11 ? 126 TRP A C   1 
ATOM   994  O O   . TRP A 1 126 ? -14.544 10.809  -6.310  1.00 12.72 ? 126 TRP A O   1 
ATOM   995  C CB  . TRP A 1 126 ? -16.763 8.545   -7.174  1.00 12.71 ? 126 TRP A CB  1 
ATOM   996  C CG  . TRP A 1 126 ? -17.613 7.373   -6.809  1.00 12.62 ? 126 TRP A CG  1 
ATOM   997  C CD1 . TRP A 1 126 ? -18.715 6.935   -7.488  1.00 12.85 ? 126 TRP A CD1 1 
ATOM   998  C CD2 . TRP A 1 126 ? -17.436 6.463   -5.700  1.00 12.45 ? 126 TRP A CD2 1 
ATOM   999  N NE1 . TRP A 1 126 ? -19.230 5.821   -6.880  1.00 13.26 ? 126 TRP A NE1 1 
ATOM   1000 C CE2 . TRP A 1 126 ? -18.467 5.510   -5.784  1.00 12.69 ? 126 TRP A CE2 1 
ATOM   1001 C CE3 . TRP A 1 126 ? -16.512 6.365   -4.652  1.00 12.89 ? 126 TRP A CE3 1 
ATOM   1002 C CZ2 . TRP A 1 126 ? -18.603 4.472   -4.865  1.00 13.63 ? 126 TRP A CZ2 1 
ATOM   1003 C CZ3 . TRP A 1 126 ? -16.653 5.332   -3.738  1.00 12.22 ? 126 TRP A CZ3 1 
ATOM   1004 C CH2 . TRP A 1 126 ? -17.688 4.397   -3.853  1.00 13.25 ? 126 TRP A CH2 1 
ATOM   1005 N N   . ASP A 1 127 ? -16.353 11.676  -7.328  1.00 13.00 ? 127 ASP A N   1 
ATOM   1006 C CA  . ASP A 1 127 ? -15.556 12.786  -7.843  1.00 13.12 ? 127 ASP A CA  1 
ATOM   1007 C C   . ASP A 1 127 ? -15.067 13.675  -6.709  1.00 12.70 ? 127 ASP A C   1 
ATOM   1008 O O   . ASP A 1 127 ? -13.917 14.139  -6.717  1.00 13.23 ? 127 ASP A O   1 
ATOM   1009 C CB  . ASP A 1 127 ? -16.373 13.617  -8.826  1.00 14.38 ? 127 ASP A CB  1 
ATOM   1010 C CG  . ASP A 1 127 ? -16.498 12.977  -10.183 1.00 15.35 ? 127 ASP A CG  1 
ATOM   1011 O OD1 . ASP A 1 127 ? -16.117 11.804  -10.355 1.00 18.51 ? 127 ASP A OD1 1 
ATOM   1012 O OD2 . ASP A 1 127 ? -17.012 13.658  -11.097 1.00 18.66 ? 127 ASP A OD2 1 
ATOM   1013 N N   . GLU A 1 128 ? -15.924 13.918  -5.721  1.00 12.81 ? 128 GLU A N   1 
ATOM   1014 C CA  . GLU A 1 128 ? -15.516 14.726  -4.581  1.00 14.60 ? 128 GLU A CA  1 
ATOM   1015 C C   . GLU A 1 128 ? -14.430 14.029  -3.782  1.00 12.43 ? 128 GLU A C   1 
ATOM   1016 O O   . GLU A 1 128 ? -13.467 14.668  -3.347  1.00 13.09 ? 128 GLU A O   1 
ATOM   1017 C CB  . GLU A 1 128 ? -16.718 15.029  -3.694  1.00 15.23 ? 128 GLU A CB  1 
ATOM   1018 C CG  . GLU A 1 128 ? -17.750 15.910  -4.364  1.00 19.59 ? 128 GLU A CG  1 
ATOM   1019 C CD  . GLU A 1 128 ? -18.982 16.099  -3.511  1.00 26.20 ? 128 GLU A CD  1 
ATOM   1020 O OE1 . GLU A 1 128 ? -18.955 16.955  -2.600  1.00 33.10 ? 128 GLU A OE1 1 
ATOM   1021 O OE2 . GLU A 1 128 ? -19.974 15.380  -3.743  1.00 28.96 ? 128 GLU A OE2 1 
ATOM   1022 N N   . ALA A 1 129 ? -14.571 12.717  -3.578  1.00 12.03 ? 129 ALA A N   1 
ATOM   1023 C CA  . ALA A 1 129 ? -13.531 11.969  -2.884  1.00 12.42 ? 129 ALA A CA  1 
ATOM   1024 C C   . ALA A 1 129 ? -12.210 12.052  -3.629  1.00 12.14 ? 129 ALA A C   1 
ATOM   1025 O O   . ALA A 1 129 ? -11.157 12.225  -3.011  1.00 12.29 ? 129 ALA A O   1 
ATOM   1026 C CB  . ALA A 1 129 ? -13.960 10.513  -2.713  1.00 13.15 ? 129 ALA A CB  1 
ATOM   1027 N N   . ALA A 1 130 ? -12.247 11.947  -4.957  1.00 12.08 ? 130 ALA A N   1 
ATOM   1028 C CA  . ALA A 1 130 ? -11.022 12.005  -5.747  1.00 12.86 ? 130 ALA A CA  1 
ATOM   1029 C C   . ALA A 1 130 ? -10.321 13.345  -5.577  1.00 12.92 ? 130 ALA A C   1 
ATOM   1030 O O   . ALA A 1 130 ? -9.094  13.398  -5.423  1.00 13.78 ? 130 ALA A O   1 
ATOM   1031 C CB  . ALA A 1 130 ? -11.343 11.750  -7.218  1.00 14.32 ? 130 ALA A CB  1 
ATOM   1032 N N   . VAL A 1 131 ? -11.083 14.442  -5.616  1.00 13.12 ? 131 VAL A N   1 
ATOM   1033 C CA  . VAL A 1 131 ? -10.504 15.764  -5.387  1.00 14.10 ? 131 VAL A CA  1 
ATOM   1034 C C   . VAL A 1 131 ? -9.893  15.843  -3.993  1.00 13.24 ? 131 VAL A C   1 
ATOM   1035 O O   . VAL A 1 131 ? -8.779  16.349  -3.809  1.00 14.98 ? 131 VAL A O   1 
ATOM   1036 C CB  . VAL A 1 131 ? -11.573 16.851  -5.610  1.00 14.12 ? 131 VAL A CB  1 
ATOM   1037 C CG1 . VAL A 1 131 ? -11.089 18.204  -5.091  1.00 16.78 ? 131 VAL A CG1 1 
ATOM   1038 C CG2 . VAL A 1 131 ? -11.947 16.929  -7.081  1.00 17.19 ? 131 VAL A CG2 1 
ATOM   1039 N N   . ASN A 1 132 ? -10.610 15.335  -2.992  1.00 12.82 ? 132 ASN A N   1 
ATOM   1040 C CA  . ASN A 1 132 ? -10.134 15.433  -1.615  1.00 12.77 ? 132 ASN A CA  1 
ATOM   1041 C C   . ASN A 1 132 ? -8.888  14.583  -1.392  1.00 12.27 ? 132 ASN A C   1 
ATOM   1042 O O   . ASN A 1 132 ? -7.958  15.008  -0.694  1.00 13.04 ? 132 ASN A O   1 
ATOM   1043 C CB  . ASN A 1 132 ? -11.246 15.014  -0.661  1.00 13.62 ? 132 ASN A CB  1 
ATOM   1044 C CG  . ASN A 1 132 ? -10.885 15.253  0.789   1.00 15.01 ? 132 ASN A CG  1 
ATOM   1045 O OD1 . ASN A 1 132 ? -10.488 14.334  1.503   1.00 17.11 ? 132 ASN A OD1 1 
ATOM   1046 N ND2 . ASN A 1 132 ? -11.020 16.494  1.233   1.00 17.29 ? 132 ASN A ND2 1 
ATOM   1047 N N   . LEU A 1 133 ? -8.852  13.381  -1.981  1.00 11.92 ? 133 LEU A N   1 
ATOM   1048 C CA  . LEU A 1 133 ? -7.710  12.484  -1.817  1.00 12.14 ? 133 LEU A CA  1 
ATOM   1049 C C   . LEU A 1 133 ? -6.426  13.097  -2.356  1.00 12.25 ? 133 LEU A C   1 
ATOM   1050 O O   . LEU A 1 133 ? -5.340  12.812  -1.837  1.00 13.05 ? 133 LEU A O   1 
ATOM   1051 C CB  . LEU A 1 133 ? -7.985  11.153  -2.522  1.00 12.33 ? 133 LEU A CB  1 
ATOM   1052 C CG  . LEU A 1 133 ? -8.945  10.197  -1.811  1.00 13.05 ? 133 LEU A CG  1 
ATOM   1053 C CD1 . LEU A 1 133 ? -9.487  9.159   -2.777  1.00 14.08 ? 133 LEU A CD1 1 
ATOM   1054 C CD2 . LEU A 1 133 ? -8.270  9.531   -0.622  1.00 14.55 ? 133 LEU A CD2 1 
ATOM   1055 N N   . ALA A 1 134 ? -6.525  13.913  -3.405  1.00 12.47 ? 134 ALA A N   1 
ATOM   1056 C CA  . ALA A 1 134 ? -5.362  14.533  -4.017  1.00 13.19 ? 134 ALA A CA  1 
ATOM   1057 C C   . ALA A 1 134 ? -4.810  15.694  -3.203  1.00 13.12 ? 134 ALA A C   1 
ATOM   1058 O O   . ALA A 1 134 ? -3.679  16.119  -3.457  1.00 14.24 ? 134 ALA A O   1 
ATOM   1059 C CB  . ALA A 1 134 ? -5.704  14.997  -5.437  1.00 14.54 ? 134 ALA A CB  1 
ATOM   1060 N N   . LYS A 1 135 ? -5.559  16.203  -2.229  1.00 12.92 ? 135 LYS A N   1 
ATOM   1061 C CA  . LYS A 1 135 ? -5.074  17.281  -1.366  1.00 13.24 ? 135 LYS A CA  1 
ATOM   1062 C C   . LYS A 1 135 ? -4.320  16.660  -0.193  1.00 12.72 ? 135 LYS A C   1 
ATOM   1063 O O   . LYS A 1 135 ? -4.760  16.672  0.955   1.00 13.44 ? 135 LYS A O   1 
ATOM   1064 C CB  . LYS A 1 135 ? -6.238  18.150  -0.909  1.00 14.52 ? 135 LYS A CB  1 
ATOM   1065 C CG  . LYS A 1 135 ? -6.960  18.836  -2.064  1.00 15.33 ? 135 LYS A CG  1 
ATOM   1066 C CD  . LYS A 1 135 ? -8.226  19.553  -1.611  1.00 17.18 ? 135 LYS A CD  1 
ATOM   1067 C CE  . LYS A 1 135 ? -8.928  20.216  -2.791  1.00 19.12 ? 135 LYS A CE  1 
ATOM   1068 N NZ  . LYS A 1 135 ? -10.257 20.778  -2.414  1.00 20.36 ? 135 LYS A NZ  1 
ATOM   1069 N N   . SER A 1 136 ? -3.162  16.084  -0.508  1.00 12.64 ? 136 SER A N   1 
ATOM   1070 C CA  . SER A 1 136 ? -2.471  15.257  0.468   1.00 12.03 ? 136 SER A CA  1 
ATOM   1071 C C   . SER A 1 136 ? -0.985  15.231  0.160   1.00 11.92 ? 136 SER A C   1 
ATOM   1072 O O   . SER A 1 136 ? -0.573  15.323  -1.001  1.00 12.14 ? 136 SER A O   1 
ATOM   1073 C CB  . SER A 1 136 ? -3.012  13.822  0.432   1.00 11.59 ? 136 SER A CB  1 
ATOM   1074 O OG  . SER A 1 136 ? -2.802  13.212  -0.830  1.00 11.89 ? 136 SER A OG  1 
ATOM   1075 N N   . ARG A 1 137 ? -0.180  15.067  1.213   1.00 11.60 ? 137 ARG A N   1 
ATOM   1076 C CA  . ARG A 1 137 ? 1.235   14.791  1.006   1.00 11.87 ? 137 ARG A CA  1 
ATOM   1077 C C   . ARG A 1 137 ? 1.413   13.553  0.143   1.00 12.00 ? 137 ARG A C   1 
ATOM   1078 O O   . ARG A 1 137 ? 2.285   13.519  -0.737  1.00 12.97 ? 137 ARG A O   1 
ATOM   1079 C CB  . ARG A 1 137 ? 1.964   14.616  2.338   1.00 12.48 ? 137 ARG A CB  1 
ATOM   1080 C CG  . ARG A 1 137 ? 3.453   14.324  2.150   1.00 13.44 ? 137 ARG A CG  1 
ATOM   1081 C CD  . ARG A 1 137 ? 4.240   14.232  3.444   1.00 15.64 ? 137 ARG A CD  1 
ATOM   1082 N NE  . ARG A 1 137 ? 5.676   14.142  3.177   1.00 17.12 ? 137 ARG A NE  1 
ATOM   1083 C CZ  . ARG A 1 137 ? 6.317   13.019  2.861   1.00 17.56 ? 137 ARG A CZ  1 
ATOM   1084 N NH1 . ARG A 1 137 ? 5.657   11.870  2.773   1.00 18.25 ? 137 ARG A NH1 1 
ATOM   1085 N NH2 . ARG A 1 137 ? 7.628   13.043  2.633   1.00 18.18 ? 137 ARG A NH2 1 
ATOM   1086 N N   . TRP A 1 138 ? 0.572   12.537  0.368   1.00 11.90 ? 138 TRP A N   1 
ATOM   1087 C CA  . TRP A 1 138 ? 0.619   11.304  -0.416  1.00 11.64 ? 138 TRP A CA  1 
ATOM   1088 C C   . TRP A 1 138 ? 0.618   11.598  -1.912  1.00 12.90 ? 138 TRP A C   1 
ATOM   1089 O O   . TRP A 1 138 ? 1.500   11.142  -2.654  1.00 13.25 ? 138 TRP A O   1 
ATOM   1090 C CB  . TRP A 1 138 ? -0.594  10.457  -0.044  1.00 12.40 ? 138 TRP A CB  1 
ATOM   1091 C CG  . TRP A 1 138 ? -0.850  9.255   -0.901  1.00 11.46 ? 138 TRP A CG  1 
ATOM   1092 C CD1 . TRP A 1 138 ? 0.000   8.212   -1.127  1.00 12.83 ? 138 TRP A CD1 1 
ATOM   1093 C CD2 . TRP A 1 138 ? -2.066  8.940   -1.585  1.00 11.53 ? 138 TRP A CD2 1 
ATOM   1094 N NE1 . TRP A 1 138 ? -0.606  7.276   -1.936  1.00 12.52 ? 138 TRP A NE1 1 
ATOM   1095 C CE2 . TRP A 1 138 ? -1.880  7.695   -2.216  1.00 11.36 ? 138 TRP A CE2 1 
ATOM   1096 C CE3 . TRP A 1 138 ? -3.291  9.598   -1.731  1.00 12.30 ? 138 TRP A CE3 1 
ATOM   1097 C CZ2 . TRP A 1 138 ? -2.877  7.089   -2.966  1.00 11.33 ? 138 TRP A CZ2 1 
ATOM   1098 C CZ3 . TRP A 1 138 ? -4.275  9.003   -2.476  1.00 12.47 ? 138 TRP A CZ3 1 
ATOM   1099 C CH2 . TRP A 1 138 ? -4.065  7.766   -3.097  1.00 12.61 ? 138 TRP A CH2 1 
ATOM   1100 N N   . TYR A 1 139 ? -0.372  12.366  -2.369  1.00 12.07 ? 139 TYR A N   1 
ATOM   1101 C CA  . TYR A 1 139 ? -0.479  12.671  -3.790  1.00 12.36 ? 139 TYR A CA  1 
ATOM   1102 C C   . TYR A 1 139 ? 0.708   13.498  -4.264  1.00 12.85 ? 139 TYR A C   1 
ATOM   1103 O O   . TYR A 1 139 ? 1.266   13.244  -5.337  1.00 15.48 ? 139 TYR A O   1 
ATOM   1104 C CB  . TYR A 1 139 ? -1.794  13.407  -4.033  1.00 14.33 ? 139 TYR A CB  1 
ATOM   1105 C CG  . TYR A 1 139 ? -2.038  13.910  -5.440  1.00 15.98 ? 139 TYR A CG  1 
ATOM   1106 C CD1 . TYR A 1 139 ? -2.675  13.115  -6.383  1.00 17.82 ? 139 TYR A CD1 1 
ATOM   1107 C CD2 . TYR A 1 139 ? -1.666  15.198  -5.811  1.00 18.70 ? 139 TYR A CD2 1 
ATOM   1108 C CE1 . TYR A 1 139 ? -2.917  13.585  -7.667  1.00 21.86 ? 139 TYR A CE1 1 
ATOM   1109 C CE2 . TYR A 1 139 ? -1.900  15.673  -7.088  1.00 23.29 ? 139 TYR A CE2 1 
ATOM   1110 C CZ  . TYR A 1 139 ? -2.526  14.862  -8.008  1.00 22.28 ? 139 TYR A CZ  1 
ATOM   1111 O OH  . TYR A 1 139 ? -2.760  15.336  -9.280  1.00 27.20 ? 139 TYR A OH  1 
ATOM   1112 N N   . ASN A 1 140 ? 1.122   14.485  -3.474  1.00 12.49 ? 140 ASN A N   1 
ATOM   1113 C CA  . ASN A 1 140 ? 2.214   15.341  -3.921  1.00 13.51 ? 140 ASN A CA  1 
ATOM   1114 C C   . ASN A 1 140 ? 3.538   14.594  -4.009  1.00 13.90 ? 140 ASN A C   1 
ATOM   1115 O O   . ASN A 1 140 ? 4.345   14.868  -4.910  1.00 15.54 ? 140 ASN A O   1 
ATOM   1116 C CB  . ASN A 1 140 ? 2.314   16.563  -3.017  1.00 15.50 ? 140 ASN A CB  1 
ATOM   1117 C CG  . ASN A 1 140 ? 1.232   17.574  -3.308  1.00 15.28 ? 140 ASN A CG  1 
ATOM   1118 O OD1 . ASN A 1 140 ? 0.230   17.662  -2.597  1.00 17.47 ? 140 ASN A OD1 1 
ATOM   1119 N ND2 . ASN A 1 140 ? 1.416   18.331  -4.373  1.00 16.73 ? 140 ASN A ND2 1 
ATOM   1120 N N   . GLN A 1 141 ? 3.776   13.644  -3.115  1.00 13.07 ? 141 GLN A N   1 
ATOM   1121 C CA  . GLN A 1 141 ? 5.062   12.960  -3.109  1.00 12.90 ? 141 GLN A CA  1 
ATOM   1122 C C   . GLN A 1 141 ? 5.115   11.772  -4.062  1.00 13.69 ? 141 GLN A C   1 
ATOM   1123 O O   . GLN A 1 141 ? 6.180   11.493  -4.630  1.00 14.25 ? 141 GLN A O   1 
ATOM   1124 C CB  . GLN A 1 141 ? 5.436   12.531  -1.690  1.00 14.84 ? 141 GLN A CB  1 
ATOM   1125 C CG  . GLN A 1 141 ? 5.534   13.675  -0.678  1.00 15.83 ? 141 GLN A CG  1 
ATOM   1126 C CD  . GLN A 1 141 ? 6.540   14.760  -1.050  1.00 15.11 ? 141 GLN A CD  1 
ATOM   1127 O OE1 . GLN A 1 141 ? 6.224   15.956  -1.019  1.00 18.09 ? 141 GLN A OE1 1 
ATOM   1128 N NE2 . GLN A 1 141 ? 7.756   14.350  -1.394  1.00 17.67 ? 141 GLN A NE2 1 
ATOM   1129 N N   . THR A 1 142 ? 4.009   11.051  -4.259  1.00 12.78 ? 142 THR A N   1 
ATOM   1130 C CA  . THR A 1 142 ? 3.953   9.958   -5.231  1.00 12.32 ? 142 THR A CA  1 
ATOM   1131 C C   . THR A 1 142 ? 2.754   10.169  -6.146  1.00 11.81 ? 142 THR A C   1 
ATOM   1132 O O   . THR A 1 142 ? 1.754   9.442   -6.068  1.00 11.75 ? 142 THR A O   1 
ATOM   1133 C CB  . THR A 1 142 ? 3.927   8.577   -4.565  1.00 12.46 ? 142 THR A CB  1 
ATOM   1134 O OG1 . THR A 1 142 ? 2.852   8.484   -3.618  1.00 14.06 ? 142 THR A OG1 1 
ATOM   1135 C CG2 . THR A 1 142 ? 5.240   8.295   -3.846  1.00 14.79 ? 142 THR A CG2 1 
ATOM   1136 N N   . PRO A 1 143 ? 2.825   11.163  -7.035  1.00 11.56 ? 143 PRO A N   1 
ATOM   1137 C CA  . PRO A 1 143 ? 1.615   11.541  -7.784  1.00 11.80 ? 143 PRO A CA  1 
ATOM   1138 C C   . PRO A 1 143 ? 1.161   10.524  -8.806  1.00 11.84 ? 143 PRO A C   1 
ATOM   1139 O O   . PRO A 1 143 ? -0.047  10.384  -9.014  1.00 11.94 ? 143 PRO A O   1 
ATOM   1140 C CB  . PRO A 1 143 ? 2.000   12.875  -8.435  1.00 12.72 ? 143 PRO A CB  1 
ATOM   1141 C CG  . PRO A 1 143 ? 3.494   12.828  -8.512  1.00 13.15 ? 143 PRO A CG  1 
ATOM   1142 C CD  . PRO A 1 143 ? 3.942   12.088  -7.280  1.00 12.90 ? 143 PRO A CD  1 
ATOM   1143 N N   . ASN A 1 144 ? 2.071   9.824   -9.478  1.00 11.90 ? 144 ASN A N   1 
ATOM   1144 C CA  . ASN A 1 144 ? 1.602   8.876   -10.483 1.00 13.08 ? 144 ASN A CA  1 
ATOM   1145 C C   . ASN A 1 144 ? 0.909   7.689   -9.838  1.00 11.70 ? 144 ASN A C   1 
ATOM   1146 O O   . ASN A 1 144 ? -0.146  7.246   -10.302 1.00 12.74 ? 144 ASN A O   1 
ATOM   1147 C CB  . ASN A 1 144 ? 2.747   8.423   -11.376 1.00 14.75 ? 144 ASN A CB  1 
ATOM   1148 C CG  . ASN A 1 144 ? 3.086   9.452   -12.430 1.00 17.90 ? 144 ASN A CG  1 
ATOM   1149 O OD1 . ASN A 1 144 ? 2.248   10.278  -12.796 1.00 22.43 ? 144 ASN A OD1 1 
ATOM   1150 N ND2 . ASN A 1 144 ? 4.314   9.411   -12.924 1.00 24.49 ? 144 ASN A ND2 1 
ATOM   1151 N N   . ARG A 1 145 ? 1.484   7.171   -8.759  1.00 11.95 ? 145 ARG A N   1 
ATOM   1152 C CA  . ARG A 1 145 ? 0.836   6.080   -8.048  1.00 12.29 ? 145 ARG A CA  1 
ATOM   1153 C C   . ARG A 1 145 ? -0.469  6.542   -7.408  1.00 11.89 ? 145 ARG A C   1 
ATOM   1154 O O   . ARG A 1 145 ? -1.497  5.852   -7.512  1.00 12.03 ? 145 ARG A O   1 
ATOM   1155 C CB  . ARG A 1 145 ? 1.809   5.492   -7.032  1.00 15.60 ? 145 ARG A CB  1 
ATOM   1156 C CG  . ARG A 1 145 ? 1.424   4.098   -6.569  1.00 17.61 ? 145 ARG A CG  1 
ATOM   1157 C CD  . ARG A 1 145 ? 0.958   4.209   -5.165  1.00 18.16 ? 145 ARG A CD  1 
ATOM   1158 N NE  . ARG A 1 145 ? 0.717   2.952   -4.462  1.00 13.41 ? 145 ARG A NE  1 
ATOM   1159 C CZ  . ARG A 1 145 ? 1.651   2.213   -3.882  1.00 12.80 ? 145 ARG A CZ  1 
ATOM   1160 N NH1 . ARG A 1 145 ? 2.933   2.536   -3.987  1.00 15.39 ? 145 ARG A NH1 1 
ATOM   1161 N NH2 . ARG A 1 145 ? 1.292   1.143   -3.195  1.00 12.50 ? 145 ARG A NH2 1 
ATOM   1162 N N   . ALA A 1 146 ? -0.466  7.717   -6.772  1.00 12.12 ? 146 ALA A N   1 
ATOM   1163 C CA  . ALA A 1 146 ? -1.700  8.226   -6.181  1.00 12.70 ? 146 ALA A CA  1 
ATOM   1164 C C   . ALA A 1 146 ? -2.771  8.447   -7.241  1.00 12.04 ? 146 ALA A C   1 
ATOM   1165 O O   . ALA A 1 146 ? -3.945  8.128   -7.013  1.00 12.45 ? 146 ALA A O   1 
ATOM   1166 C CB  . ALA A 1 146 ? -1.436  9.511   -5.394  1.00 13.57 ? 146 ALA A CB  1 
ATOM   1167 N N   . LYS A 1 147 ? -2.389  8.972   -8.411  1.00 12.18 ? 147 LYS A N   1 
ATOM   1168 C CA  . LYS A 1 147 ? -3.362  9.145   -9.487  1.00 12.63 ? 147 LYS A CA  1 
ATOM   1169 C C   . LYS A 1 147 ? -3.987  7.816   -9.897  1.00 11.50 ? 147 LYS A C   1 
ATOM   1170 O O   . LYS A 1 147 ? -5.194  7.750   -10.154 1.00 11.71 ? 147 LYS A O   1 
ATOM   1171 C CB  . LYS A 1 147 ? -2.724  9.843   -10.691 1.00 13.45 ? 147 LYS A CB  1 
ATOM   1172 C CG  . LYS A 1 147 ? -2.552  11.353  -10.553 1.00 15.57 ? 147 LYS A CG  1 
ATOM   1173 C CD  . LYS A 1 147 ? -1.576  11.893  -11.594 1.00 18.69 ? 147 LYS A CD  1 
ATOM   1174 C CE  . LYS A 1 147 ? -1.356  13.387  -11.428 1.00 21.01 ? 147 LYS A CE  1 
ATOM   1175 N NZ  . LYS A 1 147 ? -0.560  13.982  -12.539 1.00 25.77 ? 147 LYS A NZ  1 
ATOM   1176 N N   . ARG A 1 148 ? -3.197  6.745   -9.973  1.00 11.23 ? 148 ARG A N   1 
ATOM   1177 C CA  . ARG A 1 148 ? -3.770  5.449   -10.330 1.00 11.24 ? 148 ARG A CA  1 
ATOM   1178 C C   . ARG A 1 148 ? -4.762  4.989   -9.276  1.00 10.49 ? 148 ARG A C   1 
ATOM   1179 O O   . ARG A 1 148 ? -5.856  4.502   -9.598  1.00 11.27 ? 148 ARG A O   1 
ATOM   1180 C CB  . ARG A 1 148 ? -2.666  4.403   -10.505 1.00 11.02 ? 148 ARG A CB  1 
ATOM   1181 C CG  . ARG A 1 148 ? -1.833  4.574   -11.757 1.00 11.88 ? 148 ARG A CG  1 
ATOM   1182 C CD  . ARG A 1 148 ? -0.984  3.343   -12.057 1.00 12.20 ? 148 ARG A CD  1 
ATOM   1183 N NE  . ARG A 1 148 ? 0.068   3.126   -11.069 1.00 12.52 ? 148 ARG A NE  1 
ATOM   1184 C CZ  . ARG A 1 148 ? 1.254   3.730   -11.086 1.00 12.70 ? 148 ARG A CZ  1 
ATOM   1185 N NH1 . ARG A 1 148 ? 1.555   4.623   -12.027 1.00 14.31 ? 148 ARG A NH1 1 
ATOM   1186 N NH2 . ARG A 1 148 ? 2.142   3.448   -10.145 1.00 14.55 ? 148 ARG A NH2 1 
ATOM   1187 N N   . VAL A 1 149 ? -4.383  5.113   -8.004  1.00 10.55 ? 149 VAL A N   1 
ATOM   1188 C CA  . VAL A 1 149 ? -5.262  4.689   -6.920  1.00 10.90 ? 149 VAL A CA  1 
ATOM   1189 C C   . VAL A 1 149 ? -6.527  5.540   -6.898  1.00 10.80 ? 149 VAL A C   1 
ATOM   1190 O O   . VAL A 1 149 ? -7.649  5.020   -6.764  1.00 10.90 ? 149 VAL A O   1 
ATOM   1191 C CB  . VAL A 1 149 ? -4.497  4.725   -5.583  1.00 10.51 ? 149 VAL A CB  1 
ATOM   1192 C CG1 . VAL A 1 149 ? -5.428  4.432   -4.421  1.00 12.53 ? 149 VAL A CG1 1 
ATOM   1193 C CG2 . VAL A 1 149 ? -3.339  3.730   -5.614  1.00 11.39 ? 149 VAL A CG2 1 
ATOM   1194 N N   . ILE A 1 150 ? -6.371  6.857   -7.051  1.00 10.97 ? 150 ILE A N   1 
ATOM   1195 C CA  . ILE A 1 150 ? -7.523  7.754   -7.053  1.00 11.58 ? 150 ILE A CA  1 
ATOM   1196 C C   . ILE A 1 150 ? -8.447  7.455   -8.226  1.00 11.68 ? 150 ILE A C   1 
ATOM   1197 O O   . ILE A 1 150 ? -9.675  7.448   -8.075  1.00 12.01 ? 150 ILE A O   1 
ATOM   1198 C CB  . ILE A 1 150 ? -7.053  9.219   -7.030  1.00 12.24 ? 150 ILE A CB  1 
ATOM   1199 C CG1 . ILE A 1 150 ? -6.398  9.534   -5.683  1.00 13.11 ? 150 ILE A CG1 1 
ATOM   1200 C CG2 . ILE A 1 150 ? -8.221  10.146  -7.295  1.00 14.03 ? 150 ILE A CG2 1 
ATOM   1201 C CD1 . ILE A 1 150 ? -5.760  10.906  -5.626  1.00 13.82 ? 150 ILE A CD1 1 
ATOM   1202 N N   . THR A 1 151 ? -7.884  7.197   -9.410  1.00 11.73 ? 151 THR A N   1 
ATOM   1203 C CA  . THR A 1 151 ? -8.722  6.842   -10.554 1.00 12.44 ? 151 THR A CA  1 
ATOM   1204 C C   . THR A 1 151 ? -9.507  5.571   -10.282 1.00 11.91 ? 151 THR A C   1 
ATOM   1205 O O   . THR A 1 151 ? -10.670 5.441   -10.699 1.00 12.82 ? 151 THR A O   1 
ATOM   1206 C CB  . THR A 1 151 ? -7.861  6.693   -11.807 1.00 13.91 ? 151 THR A CB  1 
ATOM   1207 O OG1 . THR A 1 151 ? -7.361  7.980   -12.188 1.00 16.53 ? 151 THR A OG1 1 
ATOM   1208 C CG2 . THR A 1 151 ? -8.660  6.087   -12.971 1.00 15.49 ? 151 THR A CG2 1 
ATOM   1209 N N   . THR A 1 152 ? -8.890  4.627   -9.570  1.00 11.50 ? 152 THR A N   1 
ATOM   1210 C CA  . THR A 1 152 ? -9.588  3.406   -9.193  1.00 11.91 ? 152 THR A CA  1 
ATOM   1211 C C   . THR A 1 152 ? -10.764 3.708   -8.262  1.00 11.40 ? 152 THR A C   1 
ATOM   1212 O O   . THR A 1 152 ? -11.871 3.182   -8.454  1.00 12.35 ? 152 THR A O   1 
ATOM   1213 C CB  . THR A 1 152 ? -8.588  2.411   -8.591  1.00 11.63 ? 152 THR A CB  1 
ATOM   1214 O OG1 . THR A 1 152 ? -7.477  2.258   -9.490  1.00 12.02 ? 152 THR A OG1 1 
ATOM   1215 C CG2 . THR A 1 152 ? -9.231  1.056   -8.390  1.00 12.91 ? 152 THR A CG2 1 
ATOM   1216 N N   . PHE A 1 153 ? -10.563 4.586   -7.272  1.00 11.89 ? 153 PHE A N   1 
ATOM   1217 C CA  . PHE A 1 153 ? -11.680 5.012   -6.429  1.00 12.79 ? 153 PHE A CA  1 
ATOM   1218 C C   . PHE A 1 153 ? -12.712 5.813   -7.222  1.00 12.68 ? 153 PHE A C   1 
ATOM   1219 O O   . PHE A 1 153 ? -13.919 5.714   -6.955  1.00 14.30 ? 153 PHE A O   1 
ATOM   1220 C CB  . PHE A 1 153 ? -11.175 5.890   -5.288  1.00 12.41 ? 153 PHE A CB  1 
ATOM   1221 C CG  . PHE A 1 153 ? -10.681 5.152   -4.074  1.00 11.90 ? 153 PHE A CG  1 
ATOM   1222 C CD1 . PHE A 1 153 ? -11.463 4.218   -3.416  1.00 12.37 ? 153 PHE A CD1 1 
ATOM   1223 C CD2 . PHE A 1 153 ? -9.435  5.459   -3.563  1.00 12.92 ? 153 PHE A CD2 1 
ATOM   1224 C CE1 . PHE A 1 153 ? -10.992 3.590   -2.278  1.00 13.53 ? 153 PHE A CE1 1 
ATOM   1225 C CE2 . PHE A 1 153 ? -8.965  4.841   -2.436  1.00 14.42 ? 153 PHE A CE2 1 
ATOM   1226 C CZ  . PHE A 1 153 ? -9.739  3.905   -1.793  1.00 13.58 ? 153 PHE A CZ  1 
ATOM   1227 N N   . ARG A 1 154 ? -12.267 6.651   -8.160  1.00 12.54 ? 154 ARG A N   1 
ATOM   1228 C CA  . ARG A 1 154 ? -13.217 7.503   -8.870  1.00 13.60 ? 154 ARG A CA  1 
ATOM   1229 C C   . ARG A 1 154 ? -14.125 6.681   -9.775  1.00 12.81 ? 154 ARG A C   1 
ATOM   1230 O O   . ARG A 1 154 ? -15.342 6.922   -9.834  1.00 14.53 ? 154 ARG A O   1 
ATOM   1231 C CB  . ARG A 1 154 ? -12.474 8.572   -9.672  1.00 13.84 ? 154 ARG A CB  1 
ATOM   1232 C CG  . ARG A 1 154 ? -13.409 9.587   -10.303 1.00 16.11 ? 154 ARG A CG  1 
ATOM   1233 C CD  . ARG A 1 154 ? -12.671 10.686  -11.052 1.00 18.71 ? 154 ARG A CD  1 
ATOM   1234 N NE  . ARG A 1 154 ? -11.701 10.178  -12.019 1.00 21.30 ? 154 ARG A NE  1 
ATOM   1235 C CZ  . ARG A 1 154 ? -11.998 9.810   -13.263 1.00 22.93 ? 154 ARG A CZ  1 
ATOM   1236 N NH1 . ARG A 1 154 ? -13.249 9.875   -13.703 1.00 25.17 ? 154 ARG A NH1 1 
ATOM   1237 N NH2 . ARG A 1 154 ? -11.043 9.363   -14.067 1.00 27.25 ? 154 ARG A NH2 1 
ATOM   1238 N N   . THR A 1 155 ? -13.559 5.692   -10.472 1.00 14.56 ? 155 THR A N   1 
ATOM   1239 C CA  . THR A 1 155 ? -14.279 4.973   -11.516 1.00 14.75 ? 155 THR A CA  1 
ATOM   1240 C C   . THR A 1 155 ? -14.741 3.578   -11.113 1.00 14.21 ? 155 THR A C   1 
ATOM   1241 O O   . THR A 1 155 ? -15.669 3.055   -11.744 1.00 15.38 ? 155 THR A O   1 
ATOM   1242 C CB  . THR A 1 155 ? -13.399 4.822   -12.764 1.00 14.31 ? 155 THR A CB  1 
ATOM   1243 O OG1 . THR A 1 155 ? -12.306 3.936   -12.469 1.00 13.70 ? 155 THR A OG1 1 
ATOM   1244 C CG2 . THR A 1 155 ? -12.861 6.166   -13.221 1.00 16.55 ? 155 THR A CG2 1 
ATOM   1245 N N   . GLY A 1 156 ? -14.114 2.949   -10.122 1.00 14.01 ? 156 GLY A N   1 
ATOM   1246 C CA  . GLY A 1 156 ? -14.434 1.569   -9.835  1.00 14.00 ? 156 GLY A CA  1 
ATOM   1247 C C   . GLY A 1 156 ? -14.009 0.602   -10.913 1.00 13.77 ? 156 GLY A C   1 
ATOM   1248 O O   . GLY A 1 156 ? -14.539 -0.513  -10.985 1.00 14.54 ? 156 GLY A O   1 
ATOM   1249 N N   . THR A 1 157 ? -13.069 1.009   -11.765 1.00 13.39 ? 157 THR A N   1 
ATOM   1250 C CA  . THR A 1 157 ? -12.528 0.182   -12.835 1.00 12.91 ? 157 THR A CA  1 
ATOM   1251 C C   . THR A 1 157 ? -11.024 0.063   -12.669 1.00 12.34 ? 157 THR A C   1 
ATOM   1252 O O   . THR A 1 157 ? -10.395 0.795   -11.899 1.00 13.26 ? 157 THR A O   1 
ATOM   1253 C CB  . THR A 1 157 ? -12.782 0.793   -14.221 1.00 14.06 ? 157 THR A CB  1 
ATOM   1254 O OG1 . THR A 1 157 ? -11.862 1.875   -14.448 1.00 15.24 ? 157 THR A OG1 1 
ATOM   1255 C CG2 . THR A 1 157 ? -14.222 1.279   -14.374 1.00 16.51 ? 157 THR A CG2 1 
ATOM   1256 N N   . TRP A 1 158 ? -10.448 -0.857  -13.441 1.00 12.55 ? 158 TRP A N   1 
ATOM   1257 C CA  . TRP A 1 158 ? -9.007  -1.044  -13.513 1.00 12.93 ? 158 TRP A CA  1 
ATOM   1258 C C   . TRP A 1 158 ? -8.349  -0.190  -14.592 1.00 14.03 ? 158 TRP A C   1 
ATOM   1259 O O   . TRP A 1 158 ? -7.201  -0.457  -14.964 1.00 14.19 ? 158 TRP A O   1 
ATOM   1260 C CB  . TRP A 1 158 ? -8.691  -2.519  -13.756 1.00 13.71 ? 158 TRP A CB  1 
ATOM   1261 C CG  . TRP A 1 158 ? -8.995  -3.374  -12.590 1.00 12.82 ? 158 TRP A CG  1 
ATOM   1262 C CD1 . TRP A 1 158 ? -9.945  -4.351  -12.509 1.00 15.08 ? 158 TRP A CD1 1 
ATOM   1263 C CD2 . TRP A 1 158 ? -8.337  -3.342  -11.322 1.00 12.66 ? 158 TRP A CD2 1 
ATOM   1264 N NE1 . TRP A 1 158 ? -9.918  -4.932  -11.264 1.00 14.16 ? 158 TRP A NE1 1 
ATOM   1265 C CE2 . TRP A 1 158 ? -8.935  -4.334  -10.517 1.00 13.66 ? 158 TRP A CE2 1 
ATOM   1266 C CE3 . TRP A 1 158 ? -7.293  -2.580  -10.790 1.00 12.86 ? 158 TRP A CE3 1 
ATOM   1267 C CZ2 . TRP A 1 158 ? -8.525  -4.579  -9.209  1.00 14.83 ? 158 TRP A CZ2 1 
ATOM   1268 C CZ3 . TRP A 1 158 ? -6.891  -2.825  -9.490  1.00 14.35 ? 158 TRP A CZ3 1 
ATOM   1269 C CH2 . TRP A 1 158 ? -7.503  -3.818  -8.716  1.00 14.31 ? 158 TRP A CH2 1 
ATOM   1270 N N   . ASP A 1 159 ? -9.035  0.845   -15.082 1.00 14.24 ? 159 ASP A N   1 
ATOM   1271 C CA  . ASP A 1 159 ? -8.555  1.559   -16.263 1.00 14.49 ? 159 ASP A CA  1 
ATOM   1272 C C   . ASP A 1 159 ? -7.150  2.124   -16.073 1.00 14.56 ? 159 ASP A C   1 
ATOM   1273 O O   . ASP A 1 159 ? -6.354  2.152   -17.021 1.00 15.75 ? 159 ASP A O   1 
ATOM   1274 C CB  . ASP A 1 159 ? -9.527  2.676   -16.631 1.00 17.92 ? 159 ASP A CB  1 
ATOM   1275 C CG  . ASP A 1 159 ? -10.773 2.165   -17.329 1.00 18.96 ? 159 ASP A CG  1 
ATOM   1276 O OD1 . ASP A 1 159 ? -10.891 0.944   -17.551 1.00 22.64 ? 159 ASP A OD1 1 
ATOM   1277 O OD2 . ASP A 1 159 ? -11.642 3.003   -17.658 1.00 23.81 ? 159 ASP A OD2 1 
ATOM   1278 N N   . ALA A 1 160 ? -6.829  2.605   -14.869 1.00 14.29 ? 160 ALA A N   1 
ATOM   1279 C CA  . ALA A 1 160 ? -5.520  3.221   -14.664 1.00 14.89 ? 160 ALA A CA  1 
ATOM   1280 C C   . ALA A 1 160 ? -4.393  2.205   -14.755 1.00 15.56 ? 160 ALA A C   1 
ATOM   1281 O O   . ALA A 1 160 ? -3.258  2.572   -15.084 1.00 18.75 ? 160 ALA A O   1 
ATOM   1282 C CB  . ALA A 1 160 ? -5.465  3.949   -13.323 1.00 15.49 ? 160 ALA A CB  1 
ATOM   1283 N N   . TYR A 1 161 ? -4.679  0.942   -14.463 1.00 13.89 ? 161 TYR A N   1 
ATOM   1284 C CA  . TYR A 1 161 ? -3.671  -0.104  -14.480 1.00 15.28 ? 161 TYR A CA  1 
ATOM   1285 C C   . TYR A 1 161 ? -3.565  -0.765  -15.843 1.00 18.08 ? 161 TYR A C   1 
ATOM   1286 O O   . TYR A 1 161 ? -2.459  -1.120  -16.268 1.00 24.00 ? 161 TYR A O   1 
ATOM   1287 C CB  . TYR A 1 161 ? -3.931  -1.101  -13.340 1.00 14.24 ? 161 TYR A CB  1 
ATOM   1288 C CG  . TYR A 1 161 ? -3.615  -0.464  -12.005 1.00 12.60 ? 161 TYR A CG  1 
ATOM   1289 C CD1 . TYR A 1 161 ? -4.559  0.319   -11.351 1.00 12.70 ? 161 TYR A CD1 1 
ATOM   1290 C CD2 . TYR A 1 161 ? -2.348  -0.577  -11.435 1.00 12.48 ? 161 TYR A CD2 1 
ATOM   1291 C CE1 . TYR A 1 161 ? -4.267  0.948   -10.164 1.00 11.57 ? 161 TYR A CE1 1 
ATOM   1292 C CE2 . TYR A 1 161 ? -2.043  0.043   -10.231 1.00 12.34 ? 161 TYR A CE2 1 
ATOM   1293 C CZ  . TYR A 1 161 ? -3.011  0.815   -9.605  1.00 11.45 ? 161 TYR A CZ  1 
ATOM   1294 O OH  . TYR A 1 161 ? -2.748  1.454   -8.416  1.00 12.53 ? 161 TYR A OH  1 
ATOM   1295 N N   . LYS A 1 162 ? -4.683  -0.892  -16.559 1.00 18.77 ? 162 LYS A N   1 
ATOM   1296 C CA  . LYS A 1 162 ? -4.623  -1.342  -17.945 1.00 21.00 ? 162 LYS A CA  1 
ATOM   1297 C C   . LYS A 1 162 ? -3.913  -0.320  -18.823 1.00 23.02 ? 162 LYS A C   1 
ATOM   1298 O O   . LYS A 1 162 ? -3.134  -0.689  -19.708 1.00 26.95 ? 162 LYS A O   1 
ATOM   1299 C CB  . LYS A 1 162 ? -6.033  -1.605  -18.470 1.00 24.48 ? 162 LYS A CB  1 
ATOM   1300 N N   . ASN A 1 163 ? -4.165  0.966   -18.593 1.00 23.26 ? 163 ASN A N   1 
ATOM   1301 C CA  . ASN A 1 163 ? -3.519  2.022   -19.365 1.00 24.93 ? 163 ASN A CA  1 
ATOM   1302 C C   . ASN A 1 163 ? -2.028  2.088   -19.047 1.00 28.94 ? 163 ASN A C   1 
ATOM   1303 O O   . ASN A 1 163 ? -1.202  2.273   -19.941 1.00 32.62 ? 163 ASN A O   1 
ATOM   1304 C CB  . ASN A 1 163 ? -4.178  3.377   -19.086 1.00 25.57 ? 163 ASN A CB  1 
HETATM 1305 C C01 . Y8G B 2 .   ? -8.799  6.978   2.416   1.00 18.79 ? 201 Y8G A C01 1 
HETATM 1306 C C02 . Y8G B 2 .   ? -8.489  6.035   3.578   1.00 17.94 ? 201 Y8G A C02 1 
HETATM 1307 C C03 . Y8G B 2 .   ? -7.481  4.948   3.220   1.00 16.81 ? 201 Y8G A C03 1 
HETATM 1308 C C04 . Y8G B 2 .   ? -8.053  3.821   2.370   1.00 13.24 ? 201 Y8G A C04 1 
HETATM 1309 C C05 . Y8G B 2 .   ? -9.254  3.101   2.978   1.00 13.95 ? 201 Y8G A C05 1 
HETATM 1310 C C06 . Y8G B 2 .   ? -9.343  2.216   4.099   1.00 7.69  ? 201 Y8G A C06 1 
HETATM 1311 C C07 . Y8G B 2 .   ? -10.652 1.773   4.295   1.00 17.73 ? 201 Y8G A C07 1 
HETATM 1312 C C08 . Y8G B 2 .   ? -11.613 2.242   3.420   1.00 17.82 ? 201 Y8G A C08 1 
HETATM 1313 S S09 . Y8G B 2 .   ? -10.822 3.278   2.318   1.00 21.63 ? 201 Y8G A S09 1 
HETATM 1314 C C1  . BME C 3 .   ? 5.802   -3.022  4.491   1.00 18.93 ? 202 BME A C1  1 
HETATM 1315 C C2  . BME C 3 .   ? 4.724   -3.834  3.791   1.00 19.36 ? 202 BME A C2  1 
HETATM 1316 O O1  . BME C 3 .   ? 5.906   -1.821  3.789   1.00 23.29 ? 202 BME A O1  1 
HETATM 1317 S S2  . BME C 3 .   ? 3.203   -2.845  3.762   1.00 31.94 ? 202 BME A S2  1 
HETATM 1318 C C   . TRS D 4 .   ? 6.199   0.939   1.026   1.00 13.49 ? 203 TRS A C   1 
HETATM 1319 C C1  . TRS D 4 .   ? 5.912   2.205   1.832   1.00 16.71 ? 203 TRS A C1  1 
HETATM 1320 C C2  . TRS D 4 .   ? 4.899   0.328   0.509   1.00 14.76 ? 203 TRS A C2  1 
HETATM 1321 C C3  . TRS D 4 .   ? 7.132   1.337   -0.113  1.00 16.16 ? 203 TRS A C3  1 
HETATM 1322 N N   . TRS D 4 .   ? 6.839   -0.064  1.861   1.00 15.20 ? 203 TRS A N   1 
HETATM 1323 O O1  . TRS D 4 .   ? 5.254   1.848   3.014   1.00 19.29 ? 203 TRS A O1  1 
HETATM 1324 O O2  . TRS D 4 .   ? 4.284   1.255   -0.343  1.00 15.14 ? 203 TRS A O2  1 
HETATM 1325 O O3  . TRS D 4 .   ? 7.534   0.202   -0.819  1.00 17.29 ? 203 TRS A O3  1 
HETATM 1326 O O   . HOH E 5 .   ? -8.824  -11.297 12.818  1.00 41.27 ? 301 HOH A O   1 
HETATM 1327 O O   . HOH E 5 .   ? -2.586  -15.019 2.183   1.00 30.37 ? 302 HOH A O   1 
HETATM 1328 O O   . HOH E 5 .   ? 3.274   -17.070 6.418   1.00 19.55 ? 303 HOH A O   1 
HETATM 1329 O O   . HOH E 5 .   ? -15.281 -7.455  -2.432  1.00 22.66 ? 304 HOH A O   1 
HETATM 1330 O O   . HOH E 5 .   ? 10.757  -4.699  10.006  1.00 19.45 ? 305 HOH A O   1 
HETATM 1331 O O   . HOH E 5 .   ? 13.035  -19.353 2.570   1.00 23.31 ? 306 HOH A O   1 
HETATM 1332 O O   . HOH E 5 .   ? 9.272   0.853   2.491   1.00 16.02 ? 307 HOH A O   1 
HETATM 1333 O O   . HOH E 5 .   ? 20.949  -9.864  13.066  1.00 24.28 ? 308 HOH A O   1 
HETATM 1334 O O   . HOH E 5 .   ? -20.500 -0.193  6.112   1.00 23.49 ? 309 HOH A O   1 
HETATM 1335 O O   . HOH E 5 .   ? -2.209  4.973   -15.613 1.00 19.85 ? 310 HOH A O   1 
HETATM 1336 O O   . HOH E 5 .   ? -5.693  18.413  2.765   1.00 18.13 ? 311 HOH A O   1 
HETATM 1337 O O   . HOH E 5 .   ? -16.544 -1.554  -9.219  1.00 18.32 ? 312 HOH A O   1 
HETATM 1338 O O   . HOH E 5 .   ? 6.800   -16.622 7.264   1.00 15.93 ? 313 HOH A O   1 
HETATM 1339 O O   . HOH E 5 .   ? 8.614   -0.691  -3.932  1.00 15.60 ? 314 HOH A O   1 
HETATM 1340 O O   . HOH E 5 .   ? 13.406  -19.644 -2.065  1.00 26.08 ? 315 HOH A O   1 
HETATM 1341 O O   . HOH E 5 .   ? 1.886   12.930  -12.109 1.00 23.35 ? 316 HOH A O   1 
HETATM 1342 O O   . HOH E 5 .   ? 15.667  2.971   6.492   1.00 17.22 ? 317 HOH A O   1 
HETATM 1343 O O   . HOH E 5 .   ? -15.767 10.654  -12.776 1.00 24.57 ? 318 HOH A O   1 
HETATM 1344 O O   . HOH E 5 .   ? 25.468  -5.164  1.790   1.00 34.55 ? 319 HOH A O   1 
HETATM 1345 O O   . HOH E 5 .   ? -17.017 3.963   -13.908 1.00 22.56 ? 320 HOH A O   1 
HETATM 1346 O O   . HOH E 5 .   ? 8.695   12.418  -5.033  1.00 18.05 ? 321 HOH A O   1 
HETATM 1347 O O   . HOH E 5 .   ? 4.553   4.536   -4.852  1.00 25.04 ? 322 HOH A O   1 
HETATM 1348 O O   . HOH E 5 .   ? 20.095  -9.754  5.714   1.00 17.18 ? 323 HOH A O   1 
HETATM 1349 O O   . HOH E 5 .   ? -13.522 -7.241  11.739  1.00 28.80 ? 324 HOH A O   1 
HETATM 1350 O O   . HOH E 5 .   ? -15.419 -2.717  -12.320 1.00 22.53 ? 325 HOH A O   1 
HETATM 1351 O O   . HOH E 5 .   ? -20.848 9.860   -7.141  1.00 19.99 ? 326 HOH A O   1 
HETATM 1352 O O   . HOH E 5 .   ? 4.528   3.173   -8.394  1.00 20.54 ? 327 HOH A O   1 
HETATM 1353 O O   . HOH E 5 .   ? 23.128  1.928   2.181   1.00 30.21 ? 328 HOH A O   1 
HETATM 1354 O O   . HOH E 5 .   ? 5.936   -7.184  0.275   1.00 12.92 ? 329 HOH A O   1 
HETATM 1355 O O   . HOH E 5 .   ? 18.127  -13.599 -5.406  1.00 23.88 ? 330 HOH A O   1 
HETATM 1356 O O   . HOH E 5 .   ? 10.264  -6.841  8.329   1.00 23.55 ? 331 HOH A O   1 
HETATM 1357 O O   . HOH E 5 .   ? -9.564  14.179  5.471   1.00 18.07 ? 332 HOH A O   1 
HETATM 1358 O O   . HOH E 5 .   ? -18.800 3.310   -0.499  1.00 15.08 ? 333 HOH A O   1 
HETATM 1359 O O   . HOH E 5 .   ? 6.268   -2.323  -11.586 1.00 25.22 ? 334 HOH A O   1 
HETATM 1360 O O   . HOH E 5 .   ? -7.999  2.099   -12.264 1.00 15.91 ? 335 HOH A O   1 
HETATM 1361 O O   . HOH E 5 .   ? 19.456  -2.169  -4.303  1.00 26.11 ? 336 HOH A O   1 
HETATM 1362 O O   . HOH E 5 .   ? 18.001  7.283   2.877   1.00 23.46 ? 337 HOH A O   1 
HETATM 1363 O O   . HOH E 5 .   ? -12.056 -8.268  1.905   1.00 28.60 ? 338 HOH A O   1 
HETATM 1364 O O   . HOH E 5 .   ? 3.842   16.181  -7.288  1.00 19.91 ? 339 HOH A O   1 
HETATM 1365 O O   . HOH E 5 .   ? 3.842   18.689  -5.649  1.00 21.44 ? 340 HOH A O   1 
HETATM 1366 O O   . HOH E 5 .   ? 7.766   4.865   3.375   1.00 26.25 ? 341 HOH A O   1 
HETATM 1367 O O   . HOH E 5 .   ? -15.734 5.616   9.558   1.00 26.11 ? 342 HOH A O   1 
HETATM 1368 O O   . HOH E 5 .   ? -9.240  10.560  -10.806 1.00 24.60 ? 343 HOH A O   1 
HETATM 1369 O O   . HOH E 5 .   ? -17.837 7.237   -11.013 1.00 18.24 ? 344 HOH A O   1 
HETATM 1370 O O   . HOH E 5 .   ? 20.829  -18.342 4.120   1.00 22.24 ? 345 HOH A O   1 
HETATM 1371 O O   . HOH E 5 .   ? -2.959  11.062  7.365   1.00 24.21 ? 346 HOH A O   1 
HETATM 1372 O O   . HOH E 5 .   ? 0.028   -11.251 7.634   1.00 23.11 ? 347 HOH A O   1 
HETATM 1373 O O   . HOH E 5 .   ? -1.638  3.976   -2.254  1.00 11.97 ? 348 HOH A O   1 
HETATM 1374 O O   . HOH E 5 .   ? -22.317 3.257   1.541   1.00 21.47 ? 349 HOH A O   1 
HETATM 1375 O O   . HOH E 5 .   ? 10.551  -1.824  -8.225  1.00 32.42 ? 350 HOH A O   1 
HETATM 1376 O O   . HOH E 5 .   ? -14.040 17.356  -2.844  1.00 18.65 ? 351 HOH A O   1 
HETATM 1377 O O   . HOH E 5 .   ? 11.238  -17.935 4.322   1.00 23.26 ? 352 HOH A O   1 
HETATM 1378 O O   . HOH E 5 .   ? 6.048   -17.757 -2.227  1.00 18.98 ? 353 HOH A O   1 
HETATM 1379 O O   . HOH E 5 .   ? -17.211 0.692   13.311  1.00 31.27 ? 354 HOH A O   1 
HETATM 1380 O O   . HOH E 5 .   ? -2.440  -6.256  10.595  1.00 28.36 ? 355 HOH A O   1 
HETATM 1381 O O   . HOH E 5 .   ? 8.039   -8.630  -0.791  1.00 12.34 ? 356 HOH A O   1 
HETATM 1382 O O   . HOH E 5 .   ? 4.804   -0.286  5.877   1.00 30.94 ? 357 HOH A O   1 
HETATM 1383 O O   . HOH E 5 .   ? -2.298  18.834  -3.028  1.00 23.97 ? 358 HOH A O   1 
HETATM 1384 O O   . HOH E 5 .   ? 7.841   -12.855 8.019   1.00 14.05 ? 359 HOH A O   1 
HETATM 1385 O O   . HOH E 5 .   ? 10.498  -3.425  -5.788  1.00 17.20 ? 360 HOH A O   1 
HETATM 1386 O O   . HOH E 5 .   ? -2.918  -14.974 -1.363  1.00 14.64 ? 361 HOH A O   1 
HETATM 1387 O O   . HOH E 5 .   ? -8.085  13.989  -8.000  1.00 20.01 ? 362 HOH A O   1 
HETATM 1388 O O   . HOH E 5 .   ? 12.928  11.000  -0.315  1.00 19.93 ? 363 HOH A O   1 
HETATM 1389 O O   . HOH E 5 .   ? -7.416  -12.606 -10.318 1.00 17.99 ? 364 HOH A O   1 
HETATM 1390 O O   . HOH E 5 .   ? -14.296 15.573  9.640   1.00 25.12 ? 365 HOH A O   1 
HETATM 1391 O O   . HOH E 5 .   ? -11.170 -7.624  -11.099 1.00 20.80 ? 366 HOH A O   1 
HETATM 1392 O O   . HOH E 5 .   ? 2.247   -13.420 -3.330  1.00 18.13 ? 367 HOH A O   1 
HETATM 1393 O O   . HOH E 5 .   ? -15.090 9.686   8.214   1.00 26.02 ? 368 HOH A O   1 
HETATM 1394 O O   . HOH E 5 .   ? 5.732   -10.101 5.968   1.00 19.23 ? 369 HOH A O   1 
HETATM 1395 O O   . HOH E 5 .   ? 9.467   12.076  -1.696  1.00 25.25 ? 370 HOH A O   1 
HETATM 1396 O O   . HOH E 5 .   ? -7.613  18.101  -5.749  1.00 20.89 ? 371 HOH A O   1 
HETATM 1397 O O   . HOH E 5 .   ? 21.945  -5.120  13.388  1.00 25.44 ? 372 HOH A O   1 
HETATM 1398 O O   . HOH E 5 .   ? 16.239  -7.728  -8.147  1.00 22.73 ? 373 HOH A O   1 
HETATM 1399 O O   . HOH E 5 .   ? 11.781  -15.561 12.500  1.00 13.33 ? 374 HOH A O   1 
HETATM 1400 O O   . HOH E 5 .   ? 20.585  -14.841 0.488   1.00 21.39 ? 375 HOH A O   1 
HETATM 1401 O O   . HOH E 5 .   ? 3.536   9.419   -0.975  1.00 20.34 ? 376 HOH A O   1 
HETATM 1402 O O   . HOH E 5 .   ? -0.826  7.811   -13.064 1.00 18.94 ? 377 HOH A O   1 
HETATM 1403 O O   . HOH E 5 .   ? -10.181 0.787   15.903  1.00 27.85 ? 378 HOH A O   1 
HETATM 1404 O O   . HOH E 5 .   ? 9.116   -15.779 5.745   1.00 20.76 ? 379 HOH A O   1 
HETATM 1405 O O   . HOH E 5 .   ? 1.071   -4.163  5.285   1.00 22.15 ? 380 HOH A O   1 
HETATM 1406 O O   . HOH E 5 .   ? 24.952  -0.468  9.219   1.00 25.85 ? 381 HOH A O   1 
HETATM 1407 O O   . HOH E 5 .   ? -0.249  10.687  5.057   1.00 22.91 ? 382 HOH A O   1 
HETATM 1408 O O   . HOH E 5 .   ? 14.680  -16.169 -7.229  1.00 24.60 ? 383 HOH A O   1 
HETATM 1409 O O   . HOH E 5 .   ? 16.091  2.337   -4.542  1.00 26.36 ? 384 HOH A O   1 
HETATM 1410 O O   . HOH E 5 .   ? 12.401  -18.182 -6.101  1.00 21.82 ? 385 HOH A O   1 
HETATM 1411 O O   . HOH E 5 .   ? -6.223  -10.834 -13.854 1.00 26.17 ? 386 HOH A O   1 
HETATM 1412 O O   . HOH E 5 .   ? -12.326 -2.624  -14.863 1.00 19.01 ? 387 HOH A O   1 
HETATM 1413 O O   . HOH E 5 .   ? 0.102   5.683   -14.363 1.00 17.21 ? 388 HOH A O   1 
HETATM 1414 O O   . HOH E 5 .   ? 11.765  1.507   12.001  1.00 25.65 ? 389 HOH A O   1 
HETATM 1415 O O   . HOH E 5 .   ? -6.461  10.457  -10.845 1.00 21.26 ? 390 HOH A O   1 
HETATM 1416 O O   . HOH E 5 .   ? 20.979  -19.106 7.661   1.00 26.03 ? 391 HOH A O   1 
HETATM 1417 O O   . HOH E 5 .   ? -12.751 14.237  -9.451  1.00 22.75 ? 392 HOH A O   1 
HETATM 1418 O O   . HOH E 5 .   ? 21.817  -0.802  14.113  1.00 30.97 ? 393 HOH A O   1 
HETATM 1419 O O   . HOH E 5 .   ? 2.832   11.173  3.536   1.00 24.60 ? 394 HOH A O   1 
HETATM 1420 O O   . HOH E 5 .   ? 5.399   6.183   0.136   1.00 27.67 ? 395 HOH A O   1 
HETATM 1421 O O   . HOH E 5 .   ? 10.522  -3.686  -10.522 1.00 25.84 ? 396 HOH A O   1 
HETATM 1422 O O   . HOH E 5 .   ? 18.571  2.128   -3.009  1.00 27.88 ? 397 HOH A O   1 
HETATM 1423 O O   . HOH E 5 .   ? -12.045 18.561  -1.041  1.00 13.73 ? 398 HOH A O   1 
HETATM 1424 O O   . HOH E 5 .   ? -9.923  22.664  0.126   1.00 30.60 ? 399 HOH A O   1 
HETATM 1425 O O   . HOH E 5 .   ? -2.290  -12.570 -9.203  0.50 18.89 ? 400 HOH A O   1 
HETATM 1426 O O   . HOH E 5 .   ? 23.180  -7.322  10.499  1.00 28.99 ? 401 HOH A O   1 
HETATM 1427 O O   . HOH E 5 .   ? 4.603   8.086   -8.200  1.00 9.77  ? 402 HOH A O   1 
HETATM 1428 O O   . HOH E 5 .   ? 19.145  -15.573 -1.971  1.00 27.67 ? 403 HOH A O   1 
HETATM 1429 O O   . HOH E 5 .   ? -15.747 17.175  -7.383  1.00 27.00 ? 404 HOH A O   1 
HETATM 1430 O O   . HOH E 5 .   ? -16.434 7.621   7.356   1.00 28.07 ? 405 HOH A O   1 
HETATM 1431 O O   . HOH E 5 .   ? 9.362   -18.832 0.432   1.00 29.06 ? 406 HOH A O   1 
HETATM 1432 O O   . HOH E 5 .   ? -3.573  7.090   -13.747 1.00 24.17 ? 407 HOH A O   1 
HETATM 1433 O O   . HOH E 5 .   ? -2.791  19.930  -0.086  1.00 12.24 ? 408 HOH A O   1 
HETATM 1434 O O   . HOH E 5 .   ? 9.480   -16.307 2.998   1.00 24.77 ? 409 HOH A O   1 
HETATM 1435 O O   . HOH E 5 .   ? -10.027 13.433  -9.907  1.00 24.92 ? 410 HOH A O   1 
HETATM 1436 O O   . HOH E 5 .   ? 6.726   -19.756 -0.350  1.00 21.02 ? 411 HOH A O   1 
HETATM 1437 O O   . HOH E 5 .   ? -5.991  12.569  -9.189  1.00 22.73 ? 412 HOH A O   1 
HETATM 1438 O O   . HOH E 5 .   ? 19.938  -15.254 -4.351  1.00 30.96 ? 413 HOH A O   1 
HETATM 1439 O O   . HOH E 5 .   ? -7.768  16.773  -8.170  1.00 26.64 ? 414 HOH A O   1 
HETATM 1440 O O   . HOH E 5 .   ? 5.562   5.347   -7.015  1.00 21.89 ? 415 HOH A O   1 
HETATM 1441 O O   . HOH E 5 .   ? -14.843 18.721  -5.168  1.00 26.69 ? 416 HOH A O   1 
# 
loop_
_pdbx_poly_seq_scheme.asym_id 
_pdbx_poly_seq_scheme.entity_id 
_pdbx_poly_seq_scheme.seq_id 
_pdbx_poly_seq_scheme.mon_id 
_pdbx_poly_seq_scheme.ndb_seq_num 
_pdbx_poly_seq_scheme.pdb_seq_num 
_pdbx_poly_seq_scheme.auth_seq_num 
_pdbx_poly_seq_scheme.pdb_mon_id 
_pdbx_poly_seq_scheme.auth_mon_id 
_pdbx_poly_seq_scheme.pdb_strand_id 
_pdbx_poly_seq_scheme.pdb_ins_code 
_pdbx_poly_seq_scheme.hetero 
A 1 1   MET 1   1   1   MET MET A . n 
A 1 2   ASN 2   2   2   ASN ASN A . n 
A 1 3   ILE 3   3   3   ILE ILE A . n 
A 1 4   PHE 4   4   4   PHE PHE A . n 
A 1 5   GLU 5   5   5   GLU GLU A . n 
A 1 6   MET 6   6   6   MET MET A . n 
A 1 7   LEU 7   7   7   LEU LEU A . n 
A 1 8   ARG 8   8   8   ARG ARG A . n 
A 1 9   ILE 9   9   9   ILE ILE A . n 
A 1 10  ASP 10  10  10  ASP ASP A . n 
A 1 11  GLU 11  11  11  GLU GLU A . n 
A 1 12  GLY 12  12  12  GLY GLY A . n 
A 1 13  LEU 13  13  13  LEU LEU A . n 
A 1 14  ARG 14  14  14  ARG ARG A . n 
A 1 15  LEU 15  15  15  LEU LEU A . n 
A 1 16  LYS 16  16  16  LYS LYS A . n 
A 1 17  ILE 17  17  17  ILE ILE A . n 
A 1 18  TYR 18  18  18  TYR TYR A . n 
A 1 19  LYS 19  19  19  LYS LYS A . n 
A 1 20  ASP 20  20  20  ASP ASP A . n 
A 1 21  THR 21  21  21  THR THR A . n 
A 1 22  GLU 22  22  22  GLU GLU A . n 
A 1 23  GLY 23  23  23  GLY GLY A . n 
A 1 24  TYR 24  24  24  TYR TYR A . n 
A 1 25  TYR 25  25  25  TYR TYR A . n 
A 1 26  THR 26  26  26  THR THR A . n 
A 1 27  ILE 27  27  27  ILE ILE A . n 
A 1 28  GLY 28  28  28  GLY GLY A . n 
A 1 29  ILE 29  29  29  ILE ILE A . n 
A 1 30  GLY 30  30  30  GLY GLY A . n 
A 1 31  HIS 31  31  31  HIS HIS A . n 
A 1 32  LEU 32  32  32  LEU LEU A . n 
A 1 33  LEU 33  33  33  LEU LEU A . n 
A 1 34  THR 34  34  34  THR THR A . n 
A 1 35  LYS 35  35  35  LYS LYS A . n 
A 1 36  SER 36  36  36  SER SER A . n 
A 1 37  PRO 37  37  37  PRO PRO A . n 
A 1 38  SER 38  38  38  SER SER A . n 
A 1 39  LEU 39  39  39  LEU LEU A . n 
A 1 40  ASN 40  40  40  ASN ASN A . n 
A 1 41  ALA 41  41  41  ALA ALA A . n 
A 1 42  ALA 42  42  42  ALA ALA A . n 
A 1 43  LYS 43  43  43  LYS LYS A . n 
A 1 44  SER 44  44  44  SER SER A . n 
A 1 45  GLU 45  45  45  GLU GLU A . n 
A 1 46  LEU 46  46  46  LEU LEU A . n 
A 1 47  ASP 47  47  47  ASP ASP A . n 
A 1 48  LYS 48  48  48  LYS LYS A . n 
A 1 49  ALA 49  49  49  ALA ALA A . n 
A 1 50  ILE 50  50  50  ILE ILE A . n 
A 1 51  GLY 51  51  51  GLY GLY A . n 
A 1 52  ARG 52  52  52  ARG ARG A . n 
A 1 53  ASN 53  53  53  ASN ASN A . n 
A 1 54  CYS 54  54  54  CYS CYS A . n 
A 1 55  ASN 55  55  55  ASN ASN A . n 
A 1 56  GLY 56  56  56  GLY GLY A . n 
A 1 57  VAL 57  57  57  VAL VAL A . n 
A 1 58  ILE 58  58  58  ILE ILE A . n 
A 1 59  THR 59  59  59  THR THR A . n 
A 1 60  LYS 60  60  60  LYS LYS A . n 
A 1 61  ASP 61  61  61  ASP ASP A . n 
A 1 62  GLU 62  62  62  GLU GLU A . n 
A 1 63  ALA 63  63  63  ALA ALA A . n 
A 1 64  GLU 64  64  64  GLU GLU A . n 
A 1 65  LYS 65  65  65  LYS LYS A . n 
A 1 66  LEU 66  66  66  LEU LEU A . n 
A 1 67  PHE 67  67  67  PHE PHE A . n 
A 1 68  ASN 68  68  68  ASN ASN A . n 
A 1 69  GLN 69  69  69  GLN GLN A . n 
A 1 70  ASP 70  70  70  ASP ASP A . n 
A 1 71  VAL 71  71  71  VAL VAL A . n 
A 1 72  ASP 72  72  72  ASP ASP A . n 
A 1 73  ALA 73  73  73  ALA ALA A . n 
A 1 74  ALA 74  74  74  ALA ALA A . n 
A 1 75  VAL 75  75  75  VAL VAL A . n 
A 1 76  ARG 76  76  76  ARG ARG A . n 
A 1 77  GLY 77  77  77  GLY GLY A . n 
A 1 78  ILE 78  78  78  ILE ILE A . n 
A 1 79  LEU 79  79  79  LEU LEU A . n 
A 1 80  ARG 80  80  80  ARG ARG A . n 
A 1 81  ASN 81  81  81  ASN ASN A . n 
A 1 82  ALA 82  82  82  ALA ALA A . n 
A 1 83  LYS 83  83  83  LYS LYS A . n 
A 1 84  LEU 84  84  84  LEU LEU A . n 
A 1 85  LYS 85  85  85  LYS LYS A . n 
A 1 86  PRO 86  86  86  PRO PRO A . n 
A 1 87  VAL 87  87  87  VAL VAL A . n 
A 1 88  TYR 88  88  88  TYR TYR A . n 
A 1 89  ASP 89  89  89  ASP ASP A . n 
A 1 90  SER 90  90  90  SER SER A . n 
A 1 91  LEU 91  91  91  LEU LEU A . n 
A 1 92  ASP 92  92  92  ASP ASP A . n 
A 1 93  ALA 93  93  93  ALA ALA A . n 
A 1 94  VAL 94  94  94  VAL VAL A . n 
A 1 95  ARG 95  95  95  ARG ARG A . n 
A 1 96  ARG 96  96  96  ARG ARG A . n 
A 1 97  CYS 97  97  97  CYS CYS A . n 
A 1 98  ALA 98  98  98  ALA ALA A . n 
A 1 99  ALA 99  99  99  ALA ALA A . n 
A 1 100 ILE 100 100 100 ILE ILE A . n 
A 1 101 ASN 101 101 101 ASN ASN A . n 
A 1 102 MET 102 102 102 MET MET A . n 
A 1 103 VAL 103 103 103 VAL VAL A . n 
A 1 104 PHE 104 104 104 PHE PHE A . n 
A 1 105 GLN 105 105 105 GLN GLN A . n 
A 1 106 MET 106 106 106 MET MET A . n 
A 1 107 GLY 107 107 107 GLY GLY A . n 
A 1 108 GLU 108 108 108 GLU GLU A . n 
A 1 109 THR 109 109 109 THR THR A . n 
A 1 110 GLY 110 110 110 GLY GLY A . n 
A 1 111 VAL 111 111 111 VAL VAL A . n 
A 1 112 ALA 112 112 112 ALA ALA A . n 
A 1 113 GLY 113 113 113 GLY GLY A . n 
A 1 114 PHE 114 114 114 PHE PHE A . n 
A 1 115 THR 115 115 115 THR THR A . n 
A 1 116 ASN 116 116 116 ASN ASN A . n 
A 1 117 SER 117 117 117 SER SER A . n 
A 1 118 LEU 118 118 118 LEU LEU A . n 
A 1 119 ARG 119 119 119 ARG ARG A . n 
A 1 120 MET 120 120 120 MET MET A . n 
A 1 121 LEU 121 121 121 LEU LEU A . n 
A 1 122 GLN 122 122 122 GLN GLN A . n 
A 1 123 GLN 123 123 123 GLN GLN A . n 
A 1 124 LYS 124 124 124 LYS LYS A . n 
A 1 125 ARG 125 125 125 ARG ARG A . n 
A 1 126 TRP 126 126 126 TRP TRP A . n 
A 1 127 ASP 127 127 127 ASP ASP A . n 
A 1 128 GLU 128 128 128 GLU GLU A . n 
A 1 129 ALA 129 129 129 ALA ALA A . n 
A 1 130 ALA 130 130 130 ALA ALA A . n 
A 1 131 VAL 131 131 131 VAL VAL A . n 
A 1 132 ASN 132 132 132 ASN ASN A . n 
A 1 133 LEU 133 133 133 LEU LEU A . n 
A 1 134 ALA 134 134 134 ALA ALA A . n 
A 1 135 LYS 135 135 135 LYS LYS A . n 
A 1 136 SER 136 136 136 SER SER A . n 
A 1 137 ARG 137 137 137 ARG ARG A . n 
A 1 138 TRP 138 138 138 TRP TRP A . n 
A 1 139 TYR 139 139 139 TYR TYR A . n 
A 1 140 ASN 140 140 140 ASN ASN A . n 
A 1 141 GLN 141 141 141 GLN GLN A . n 
A 1 142 THR 142 142 142 THR THR A . n 
A 1 143 PRO 143 143 143 PRO PRO A . n 
A 1 144 ASN 144 144 144 ASN ASN A . n 
A 1 145 ARG 145 145 145 ARG ARG A . n 
A 1 146 ALA 146 146 146 ALA ALA A . n 
A 1 147 LYS 147 147 147 LYS LYS A . n 
A 1 148 ARG 148 148 148 ARG ARG A . n 
A 1 149 VAL 149 149 149 VAL VAL A . n 
A 1 150 ILE 150 150 150 ILE ILE A . n 
A 1 151 THR 151 151 151 THR THR A . n 
A 1 152 THR 152 152 152 THR THR A . n 
A 1 153 PHE 153 153 153 PHE PHE A . n 
A 1 154 ARG 154 154 154 ARG ARG A . n 
A 1 155 THR 155 155 155 THR THR A . n 
A 1 156 GLY 156 156 156 GLY GLY A . n 
A 1 157 THR 157 157 157 THR THR A . n 
A 1 158 TRP 158 158 158 TRP TRP A . n 
A 1 159 ASP 159 159 159 ASP ASP A . n 
A 1 160 ALA 160 160 160 ALA ALA A . n 
A 1 161 TYR 161 161 161 TYR TYR A . n 
A 1 162 LYS 162 162 162 LYS LYS A . n 
A 1 163 ASN 163 163 163 ASN ASN A . n 
A 1 164 LEU 164 164 ?   ?   ?   A . n 
A 1 165 LEU 165 165 ?   ?   ?   A . n 
A 1 166 GLU 166 166 ?   ?   ?   A . n 
A 1 167 HIS 167 167 ?   ?   ?   A . n 
A 1 168 HIS 168 168 ?   ?   ?   A . n 
A 1 169 HIS 169 169 ?   ?   ?   A . n 
A 1 170 HIS 170 170 ?   ?   ?   A . n 
A 1 171 HIS 171 171 ?   ?   ?   A . n 
A 1 172 HIS 172 172 ?   ?   ?   A . n 
# 
loop_
_pdbx_nonpoly_scheme.asym_id 
_pdbx_nonpoly_scheme.entity_id 
_pdbx_nonpoly_scheme.mon_id 
_pdbx_nonpoly_scheme.ndb_seq_num 
_pdbx_nonpoly_scheme.pdb_seq_num 
_pdbx_nonpoly_scheme.auth_seq_num 
_pdbx_nonpoly_scheme.pdb_mon_id 
_pdbx_nonpoly_scheme.auth_mon_id 
_pdbx_nonpoly_scheme.pdb_strand_id 
_pdbx_nonpoly_scheme.pdb_ins_code 
B 2 Y8G 1   201 201 Y8G LIG A . 
C 3 BME 1   202 202 BME BME A . 
D 4 TRS 1   203 210 TRS TRS A . 
E 5 HOH 1   301 103 HOH HOH A . 
E 5 HOH 2   302 32  HOH HOH A . 
E 5 HOH 3   303 47  HOH HOH A . 
E 5 HOH 4   304 102 HOH HOH A . 
E 5 HOH 5   305 33  HOH HOH A . 
E 5 HOH 6   306 66  HOH HOH A . 
E 5 HOH 7   307 30  HOH HOH A . 
E 5 HOH 8   308 96  HOH HOH A . 
E 5 HOH 9   309 46  HOH HOH A . 
E 5 HOH 10  310 22  HOH HOH A . 
E 5 HOH 11  311 59  HOH HOH A . 
E 5 HOH 12  312 39  HOH HOH A . 
E 5 HOH 13  313 26  HOH HOH A . 
E 5 HOH 14  314 24  HOH HOH A . 
E 5 HOH 15  315 58  HOH HOH A . 
E 5 HOH 16  316 91  HOH HOH A . 
E 5 HOH 17  317 19  HOH HOH A . 
E 5 HOH 18  318 73  HOH HOH A . 
E 5 HOH 19  319 111 HOH HOH A . 
E 5 HOH 20  320 45  HOH HOH A . 
E 5 HOH 21  321 23  HOH HOH A . 
E 5 HOH 22  322 68  HOH HOH A . 
E 5 HOH 23  323 14  HOH HOH A . 
E 5 HOH 24  324 108 HOH HOH A . 
E 5 HOH 25  325 64  HOH HOH A . 
E 5 HOH 26  326 62  HOH HOH A . 
E 5 HOH 27  327 50  HOH HOH A . 
E 5 HOH 28  328 109 HOH HOH A . 
E 5 HOH 29  329 2   HOH HOH A . 
E 5 HOH 30  330 63  HOH HOH A . 
E 5 HOH 31  331 80  HOH HOH A . 
E 5 HOH 32  332 18  HOH HOH A . 
E 5 HOH 33  333 11  HOH HOH A . 
E 5 HOH 34  334 65  HOH HOH A . 
E 5 HOH 35  335 6   HOH HOH A . 
E 5 HOH 36  336 107 HOH HOH A . 
E 5 HOH 37  337 72  HOH HOH A . 
E 5 HOH 38  338 88  HOH HOH A . 
E 5 HOH 39  339 56  HOH HOH A . 
E 5 HOH 40  340 71  HOH HOH A . 
E 5 HOH 41  341 87  HOH HOH A . 
E 5 HOH 42  342 60  HOH HOH A . 
E 5 HOH 43  343 82  HOH HOH A . 
E 5 HOH 44  344 16  HOH HOH A . 
E 5 HOH 45  345 76  HOH HOH A . 
E 5 HOH 46  346 54  HOH HOH A . 
E 5 HOH 47  347 17  HOH HOH A . 
E 5 HOH 48  348 12  HOH HOH A . 
E 5 HOH 49  349 55  HOH HOH A . 
E 5 HOH 50  350 78  HOH HOH A . 
E 5 HOH 51  351 15  HOH HOH A . 
E 5 HOH 52  352 86  HOH HOH A . 
E 5 HOH 53  353 41  HOH HOH A . 
E 5 HOH 54  354 34  HOH HOH A . 
E 5 HOH 55  355 89  HOH HOH A . 
E 5 HOH 56  356 3   HOH HOH A . 
E 5 HOH 57  357 97  HOH HOH A . 
E 5 HOH 58  358 95  HOH HOH A . 
E 5 HOH 59  359 4   HOH HOH A . 
E 5 HOH 60  360 20  HOH HOH A . 
E 5 HOH 61  361 9   HOH HOH A . 
E 5 HOH 62  362 35  HOH HOH A . 
E 5 HOH 63  363 21  HOH HOH A . 
E 5 HOH 64  364 36  HOH HOH A . 
E 5 HOH 65  365 117 HOH HOH A . 
E 5 HOH 66  366 51  HOH HOH A . 
E 5 HOH 67  367 31  HOH HOH A . 
E 5 HOH 68  368 105 HOH HOH A . 
E 5 HOH 69  369 27  HOH HOH A . 
E 5 HOH 70  370 110 HOH HOH A . 
E 5 HOH 71  371 37  HOH HOH A . 
E 5 HOH 72  372 69  HOH HOH A . 
E 5 HOH 73  373 29  HOH HOH A . 
E 5 HOH 74  374 10  HOH HOH A . 
E 5 HOH 75  375 28  HOH HOH A . 
E 5 HOH 76  376 77  HOH HOH A . 
E 5 HOH 77  377 40  HOH HOH A . 
E 5 HOH 78  378 85  HOH HOH A . 
E 5 HOH 79  379 13  HOH HOH A . 
E 5 HOH 80  380 61  HOH HOH A . 
E 5 HOH 81  381 101 HOH HOH A . 
E 5 HOH 82  382 25  HOH HOH A . 
E 5 HOH 83  383 75  HOH HOH A . 
E 5 HOH 84  384 57  HOH HOH A . 
E 5 HOH 85  385 44  HOH HOH A . 
E 5 HOH 86  386 49  HOH HOH A . 
E 5 HOH 87  387 8   HOH HOH A . 
E 5 HOH 88  388 7   HOH HOH A . 
E 5 HOH 89  389 70  HOH HOH A . 
E 5 HOH 90  390 92  HOH HOH A . 
E 5 HOH 91  391 48  HOH HOH A . 
E 5 HOH 92  392 38  HOH HOH A . 
E 5 HOH 93  393 113 HOH HOH A . 
E 5 HOH 94  394 52  HOH HOH A . 
E 5 HOH 95  395 106 HOH HOH A . 
E 5 HOH 96  396 53  HOH HOH A . 
E 5 HOH 97  397 114 HOH HOH A . 
E 5 HOH 98  398 1   HOH HOH A . 
E 5 HOH 99  399 93  HOH HOH A . 
E 5 HOH 100 400 67  HOH HOH A . 
E 5 HOH 101 401 98  HOH HOH A . 
E 5 HOH 102 402 115 HOH HOH A . 
E 5 HOH 103 403 94  HOH HOH A . 
E 5 HOH 104 404 118 HOH HOH A . 
E 5 HOH 105 405 100 HOH HOH A . 
E 5 HOH 106 406 112 HOH HOH A . 
E 5 HOH 107 407 74  HOH HOH A . 
E 5 HOH 108 408 116 HOH HOH A . 
E 5 HOH 109 409 42  HOH HOH A . 
E 5 HOH 110 410 90  HOH HOH A . 
E 5 HOH 111 411 43  HOH HOH A . 
E 5 HOH 112 412 84  HOH HOH A . 
E 5 HOH 113 413 104 HOH HOH A . 
E 5 HOH 114 414 79  HOH HOH A . 
E 5 HOH 115 415 81  HOH HOH A . 
E 5 HOH 116 416 99  HOH HOH A . 
# 
_pdbx_struct_assembly.id                   1 
_pdbx_struct_assembly.details              author_and_software_defined_assembly 
_pdbx_struct_assembly.method_details       PISA 
_pdbx_struct_assembly.oligomeric_details   monomeric 
_pdbx_struct_assembly.oligomeric_count     1 
# 
_pdbx_struct_assembly_gen.assembly_id       1 
_pdbx_struct_assembly_gen.oper_expression   1 
_pdbx_struct_assembly_gen.asym_id_list      A,B,C,D,E 
# 
_pdbx_struct_oper_list.id                   1 
_pdbx_struct_oper_list.type                 'identity operation' 
_pdbx_struct_oper_list.name                 1_555 
_pdbx_struct_oper_list.symmetry_operation   x,y,z 
_pdbx_struct_oper_list.matrix[1][1]         1.0000000000 
_pdbx_struct_oper_list.matrix[1][2]         0.0000000000 
_pdbx_struct_oper_list.matrix[1][3]         0.0000000000 
_pdbx_struct_oper_list.vector[1]            0.0000000000 
_pdbx_struct_oper_list.matrix[2][1]         0.0000000000 
_pdbx_struct_oper_list.matrix[2][2]         1.0000000000 
_pdbx_struct_oper_list.matrix[2][3]         0.0000000000 
_pdbx_struct_oper_list.vector[2]            0.0000000000 
_pdbx_struct_oper_list.matrix[3][1]         0.0000000000 
_pdbx_struct_oper_list.matrix[3][2]         0.0000000000 
_pdbx_struct_oper_list.matrix[3][3]         1.0000000000 
_pdbx_struct_oper_list.vector[3]            0.0000000000 
# 
_pdbx_struct_special_symmetry.id              1 
_pdbx_struct_special_symmetry.PDB_model_num   1 
_pdbx_struct_special_symmetry.auth_asym_id    A 
_pdbx_struct_special_symmetry.auth_comp_id    HOH 
_pdbx_struct_special_symmetry.auth_seq_id     400 
_pdbx_struct_special_symmetry.PDB_ins_code    ? 
_pdbx_struct_special_symmetry.label_asym_id   E 
_pdbx_struct_special_symmetry.label_comp_id   HOH 
_pdbx_struct_special_symmetry.label_seq_id    . 
# 
loop_
_pdbx_audit_revision_history.ordinal 
_pdbx_audit_revision_history.data_content_type 
_pdbx_audit_revision_history.major_revision 
_pdbx_audit_revision_history.minor_revision 
_pdbx_audit_revision_history.revision_date 
1 'Structure model' 1 0 2021-05-19 
2 'Structure model' 1 1 2021-12-08 
3 'Structure model' 1 2 2023-10-18 
# 
_pdbx_audit_revision_details.ordinal             1 
_pdbx_audit_revision_details.revision_ordinal    1 
_pdbx_audit_revision_details.data_content_type   'Structure model' 
_pdbx_audit_revision_details.provider            repository 
_pdbx_audit_revision_details.type                'Initial release' 
_pdbx_audit_revision_details.description         ? 
_pdbx_audit_revision_details.details             ? 
# 
loop_
_pdbx_audit_revision_group.ordinal 
_pdbx_audit_revision_group.revision_ordinal 
_pdbx_audit_revision_group.data_content_type 
_pdbx_audit_revision_group.group 
1 2 'Structure model' 'Database references'    
2 3 'Structure model' 'Data collection'        
3 3 'Structure model' 'Refinement description' 
# 
loop_
_pdbx_audit_revision_category.ordinal 
_pdbx_audit_revision_category.revision_ordinal 
_pdbx_audit_revision_category.data_content_type 
_pdbx_audit_revision_category.category 
1 2 'Structure model' citation                      
2 2 'Structure model' citation_author               
3 2 'Structure model' database_2                    
4 3 'Structure model' chem_comp_atom                
5 3 'Structure model' chem_comp_bond                
6 3 'Structure model' pdbx_initial_refinement_model 
# 
loop_
_pdbx_audit_revision_item.ordinal 
_pdbx_audit_revision_item.revision_ordinal 
_pdbx_audit_revision_item.data_content_type 
_pdbx_audit_revision_item.item 
1  2 'Structure model' '_citation.country'                   
2  2 'Structure model' '_citation.journal_abbrev'            
3  2 'Structure model' '_citation.journal_id_ASTM'           
4  2 'Structure model' '_citation.journal_id_CSD'            
5  2 'Structure model' '_citation.journal_id_ISSN'           
6  2 'Structure model' '_citation.journal_volume'            
7  2 'Structure model' '_citation.pdbx_database_id_DOI'      
8  2 'Structure model' '_citation.pdbx_database_id_PubMed'   
9  2 'Structure model' '_citation.title'                     
10 2 'Structure model' '_citation.year'                      
11 2 'Structure model' '_citation_author.identifier_ORCID'   
12 2 'Structure model' '_database_2.pdbx_DOI'                
13 2 'Structure model' '_database_2.pdbx_database_accession' 
# 
_phasing.method   MR 
# 
loop_
_software.citation_id 
_software.classification 
_software.compiler_name 
_software.compiler_version 
_software.contact_author 
_software.contact_author_email 
_software.date 
_software.description 
_software.dependencies 
_software.hardware 
_software.language 
_software.location 
_software.mods 
_software.name 
_software.os 
_software.os_version 
_software.type 
_software.version 
_software.pdbx_ordinal 
? 'data reduction'  ? ? 'Wolfgang Kabsch' Wolfgang.Kabsch@mpimf-heidelberg.mpg.de ?               ? ? ? ?          
http://www.mpimf-heidelberg.mpg.de/~kabsch/xds/     ? XDS         ? ? package .           1 
? 'data scaling'    ? ? 'Phil Evans'      ?                                       29/03/17        ? ? ? ?          
http://www.mrc-lmb.cam.ac.uk/harry/pre/aimless.html ? Aimless     ? ? program 0.5.32      2 
? phasing           ? ? 'Alexei Vaguine'  alexei@ysbl.york.ac.uk                  ?               ? ? ? Fortran_77 
http://www.ccp4.ac.uk/dist/html/molrep.html         ? MOLREP      ? ? program .           3 
? refinement        ? ? 'Paul D. Adams'   PDAdams@lbl.gov                         ?               ? ? ? C++        
http://www.phenix-online.org/                       ? PHENIX      ? ? package 1.11.1_2575 4 
? 'data extraction' ? ? PDB               deposit@deposit.rcsb.org                'Oct. 31, 2020' ? ? ? C++        
http://sw-tools.pdb.org/apps/PDB_EXTRACT/           ? PDB_EXTRACT ? ? package 3.27        5 
# 
_pdbx_entry_details.entry_id                 7LOF 
_pdbx_entry_details.has_ligand_of_interest   Y 
_pdbx_entry_details.compound_details         ? 
_pdbx_entry_details.source_details           ? 
_pdbx_entry_details.nonpolymer_details       ? 
_pdbx_entry_details.sequence_details         ? 
# 
loop_
_pdbx_unobs_or_zero_occ_atoms.id 
_pdbx_unobs_or_zero_occ_atoms.PDB_model_num 
_pdbx_unobs_or_zero_occ_atoms.polymer_flag 
_pdbx_unobs_or_zero_occ_atoms.occupancy_flag 
_pdbx_unobs_or_zero_occ_atoms.auth_asym_id 
_pdbx_unobs_or_zero_occ_atoms.auth_comp_id 
_pdbx_unobs_or_zero_occ_atoms.auth_seq_id 
_pdbx_unobs_or_zero_occ_atoms.PDB_ins_code 
_pdbx_unobs_or_zero_occ_atoms.auth_atom_id 
_pdbx_unobs_or_zero_occ_atoms.label_alt_id 
_pdbx_unobs_or_zero_occ_atoms.label_asym_id 
_pdbx_unobs_or_zero_occ_atoms.label_comp_id 
_pdbx_unobs_or_zero_occ_atoms.label_seq_id 
_pdbx_unobs_or_zero_occ_atoms.label_atom_id 
1 1 Y 1 A ASN 116 ? OD1 ? A ASN 116 OD1 
2 1 Y 1 A ASN 116 ? ND2 ? A ASN 116 ND2 
3 1 Y 1 A LYS 162 ? CG  ? A LYS 162 CG  
4 1 Y 1 A LYS 162 ? CD  ? A LYS 162 CD  
5 1 Y 1 A LYS 162 ? CE  ? A LYS 162 CE  
6 1 Y 1 A LYS 162 ? NZ  ? A LYS 162 NZ  
7 1 Y 1 A ASN 163 ? CG  ? A ASN 163 CG  
8 1 Y 1 A ASN 163 ? OD1 ? A ASN 163 OD1 
9 1 Y 1 A ASN 163 ? ND2 ? A ASN 163 ND2 
# 
loop_
_pdbx_unobs_or_zero_occ_residues.id 
_pdbx_unobs_or_zero_occ_residues.PDB_model_num 
_pdbx_unobs_or_zero_occ_residues.polymer_flag 
_pdbx_unobs_or_zero_occ_residues.occupancy_flag 
_pdbx_unobs_or_zero_occ_residues.auth_asym_id 
_pdbx_unobs_or_zero_occ_residues.auth_comp_id 
_pdbx_unobs_or_zero_occ_residues.auth_seq_id 
_pdbx_unobs_or_zero_occ_residues.PDB_ins_code 
_pdbx_unobs_or_zero_occ_residues.label_asym_id 
_pdbx_unobs_or_zero_occ_residues.label_comp_id 
_pdbx_unobs_or_zero_occ_residues.label_seq_id 
1 1 Y 1 A LEU 164 ? A LEU 164 
2 1 Y 1 A LEU 165 ? A LEU 165 
3 1 Y 1 A GLU 166 ? A GLU 166 
4 1 Y 1 A HIS 167 ? A HIS 167 
5 1 Y 1 A HIS 168 ? A HIS 168 
6 1 Y 1 A HIS 169 ? A HIS 169 
7 1 Y 1 A HIS 170 ? A HIS 170 
8 1 Y 1 A HIS 171 ? A HIS 171 
9 1 Y 1 A HIS 172 ? A HIS 172 
# 
loop_
_chem_comp_atom.comp_id 
_chem_comp_atom.atom_id 
_chem_comp_atom.type_symbol 
_chem_comp_atom.pdbx_aromatic_flag 
_chem_comp_atom.pdbx_stereo_config 
_chem_comp_atom.pdbx_ordinal 
ALA N    N N N 1   
ALA CA   C N S 2   
ALA C    C N N 3   
ALA O    O N N 4   
ALA CB   C N N 5   
ALA OXT  O N N 6   
ALA H    H N N 7   
ALA H2   H N N 8   
ALA HA   H N N 9   
ALA HB1  H N N 10  
ALA HB2  H N N 11  
ALA HB3  H N N 12  
ALA HXT  H N N 13  
ARG N    N N N 14  
ARG CA   C N S 15  
ARG C    C N N 16  
ARG O    O N N 17  
ARG CB   C N N 18  
ARG CG   C N N 19  
ARG CD   C N N 20  
ARG NE   N N N 21  
ARG CZ   C N N 22  
ARG NH1  N N N 23  
ARG NH2  N N N 24  
ARG OXT  O N N 25  
ARG H    H N N 26  
ARG H2   H N N 27  
ARG HA   H N N 28  
ARG HB2  H N N 29  
ARG HB3  H N N 30  
ARG HG2  H N N 31  
ARG HG3  H N N 32  
ARG HD2  H N N 33  
ARG HD3  H N N 34  
ARG HE   H N N 35  
ARG HH11 H N N 36  
ARG HH12 H N N 37  
ARG HH21 H N N 38  
ARG HH22 H N N 39  
ARG HXT  H N N 40  
ASN N    N N N 41  
ASN CA   C N S 42  
ASN C    C N N 43  
ASN O    O N N 44  
ASN CB   C N N 45  
ASN CG   C N N 46  
ASN OD1  O N N 47  
ASN ND2  N N N 48  
ASN OXT  O N N 49  
ASN H    H N N 50  
ASN H2   H N N 51  
ASN HA   H N N 52  
ASN HB2  H N N 53  
ASN HB3  H N N 54  
ASN HD21 H N N 55  
ASN HD22 H N N 56  
ASN HXT  H N N 57  
ASP N    N N N 58  
ASP CA   C N S 59  
ASP C    C N N 60  
ASP O    O N N 61  
ASP CB   C N N 62  
ASP CG   C N N 63  
ASP OD1  O N N 64  
ASP OD2  O N N 65  
ASP OXT  O N N 66  
ASP H    H N N 67  
ASP H2   H N N 68  
ASP HA   H N N 69  
ASP HB2  H N N 70  
ASP HB3  H N N 71  
ASP HD2  H N N 72  
ASP HXT  H N N 73  
BME C1   C N N 74  
BME C2   C N N 75  
BME O1   O N N 76  
BME S2   S N N 77  
BME H11  H N N 78  
BME H12  H N N 79  
BME H21  H N N 80  
BME H22  H N N 81  
BME HO1  H N N 82  
BME HS2  H N N 83  
CYS N    N N N 84  
CYS CA   C N R 85  
CYS C    C N N 86  
CYS O    O N N 87  
CYS CB   C N N 88  
CYS SG   S N N 89  
CYS OXT  O N N 90  
CYS H    H N N 91  
CYS H2   H N N 92  
CYS HA   H N N 93  
CYS HB2  H N N 94  
CYS HB3  H N N 95  
CYS HG   H N N 96  
CYS HXT  H N N 97  
GLN N    N N N 98  
GLN CA   C N S 99  
GLN C    C N N 100 
GLN O    O N N 101 
GLN CB   C N N 102 
GLN CG   C N N 103 
GLN CD   C N N 104 
GLN OE1  O N N 105 
GLN NE2  N N N 106 
GLN OXT  O N N 107 
GLN H    H N N 108 
GLN H2   H N N 109 
GLN HA   H N N 110 
GLN HB2  H N N 111 
GLN HB3  H N N 112 
GLN HG2  H N N 113 
GLN HG3  H N N 114 
GLN HE21 H N N 115 
GLN HE22 H N N 116 
GLN HXT  H N N 117 
GLU N    N N N 118 
GLU CA   C N S 119 
GLU C    C N N 120 
GLU O    O N N 121 
GLU CB   C N N 122 
GLU CG   C N N 123 
GLU CD   C N N 124 
GLU OE1  O N N 125 
GLU OE2  O N N 126 
GLU OXT  O N N 127 
GLU H    H N N 128 
GLU H2   H N N 129 
GLU HA   H N N 130 
GLU HB2  H N N 131 
GLU HB3  H N N 132 
GLU HG2  H N N 133 
GLU HG3  H N N 134 
GLU HE2  H N N 135 
GLU HXT  H N N 136 
GLY N    N N N 137 
GLY CA   C N N 138 
GLY C    C N N 139 
GLY O    O N N 140 
GLY OXT  O N N 141 
GLY H    H N N 142 
GLY H2   H N N 143 
GLY HA2  H N N 144 
GLY HA3  H N N 145 
GLY HXT  H N N 146 
HIS N    N N N 147 
HIS CA   C N S 148 
HIS C    C N N 149 
HIS O    O N N 150 
HIS CB   C N N 151 
HIS CG   C Y N 152 
HIS ND1  N Y N 153 
HIS CD2  C Y N 154 
HIS CE1  C Y N 155 
HIS NE2  N Y N 156 
HIS OXT  O N N 157 
HIS H    H N N 158 
HIS H2   H N N 159 
HIS HA   H N N 160 
HIS HB2  H N N 161 
HIS HB3  H N N 162 
HIS HD1  H N N 163 
HIS HD2  H N N 164 
HIS HE1  H N N 165 
HIS HE2  H N N 166 
HIS HXT  H N N 167 
HOH O    O N N 168 
HOH H1   H N N 169 
HOH H2   H N N 170 
ILE N    N N N 171 
ILE CA   C N S 172 
ILE C    C N N 173 
ILE O    O N N 174 
ILE CB   C N S 175 
ILE CG1  C N N 176 
ILE CG2  C N N 177 
ILE CD1  C N N 178 
ILE OXT  O N N 179 
ILE H    H N N 180 
ILE H2   H N N 181 
ILE HA   H N N 182 
ILE HB   H N N 183 
ILE HG12 H N N 184 
ILE HG13 H N N 185 
ILE HG21 H N N 186 
ILE HG22 H N N 187 
ILE HG23 H N N 188 
ILE HD11 H N N 189 
ILE HD12 H N N 190 
ILE HD13 H N N 191 
ILE HXT  H N N 192 
LEU N    N N N 193 
LEU CA   C N S 194 
LEU C    C N N 195 
LEU O    O N N 196 
LEU CB   C N N 197 
LEU CG   C N N 198 
LEU CD1  C N N 199 
LEU CD2  C N N 200 
LEU OXT  O N N 201 
LEU H    H N N 202 
LEU H2   H N N 203 
LEU HA   H N N 204 
LEU HB2  H N N 205 
LEU HB3  H N N 206 
LEU HG   H N N 207 
LEU HD11 H N N 208 
LEU HD12 H N N 209 
LEU HD13 H N N 210 
LEU HD21 H N N 211 
LEU HD22 H N N 212 
LEU HD23 H N N 213 
LEU HXT  H N N 214 
LYS N    N N N 215 
LYS CA   C N S 216 
LYS C    C N N 217 
LYS O    O N N 218 
LYS CB   C N N 219 
LYS CG   C N N 220 
LYS CD   C N N 221 
LYS CE   C N N 222 
LYS NZ   N N N 223 
LYS OXT  O N N 224 
LYS H    H N N 225 
LYS H2   H N N 226 
LYS HA   H N N 227 
LYS HB2  H N N 228 
LYS HB3  H N N 229 
LYS HG2  H N N 230 
LYS HG3  H N N 231 
LYS HD2  H N N 232 
LYS HD3  H N N 233 
LYS HE2  H N N 234 
LYS HE3  H N N 235 
LYS HZ1  H N N 236 
LYS HZ2  H N N 237 
LYS HZ3  H N N 238 
LYS HXT  H N N 239 
MET N    N N N 240 
MET CA   C N S 241 
MET C    C N N 242 
MET O    O N N 243 
MET CB   C N N 244 
MET CG   C N N 245 
MET SD   S N N 246 
MET CE   C N N 247 
MET OXT  O N N 248 
MET H    H N N 249 
MET H2   H N N 250 
MET HA   H N N 251 
MET HB2  H N N 252 
MET HB3  H N N 253 
MET HG2  H N N 254 
MET HG3  H N N 255 
MET HE1  H N N 256 
MET HE2  H N N 257 
MET HE3  H N N 258 
MET HXT  H N N 259 
PHE N    N N N 260 
PHE CA   C N S 261 
PHE C    C N N 262 
PHE O    O N N 263 
PHE CB   C N N 264 
PHE CG   C Y N 265 
PHE CD1  C Y N 266 
PHE CD2  C Y N 267 
PHE CE1  C Y N 268 
PHE CE2  C Y N 269 
PHE CZ   C Y N 270 
PHE OXT  O N N 271 
PHE H    H N N 272 
PHE H2   H N N 273 
PHE HA   H N N 274 
PHE HB2  H N N 275 
PHE HB3  H N N 276 
PHE HD1  H N N 277 
PHE HD2  H N N 278 
PHE HE1  H N N 279 
PHE HE2  H N N 280 
PHE HZ   H N N 281 
PHE HXT  H N N 282 
PRO N    N N N 283 
PRO CA   C N S 284 
PRO C    C N N 285 
PRO O    O N N 286 
PRO CB   C N N 287 
PRO CG   C N N 288 
PRO CD   C N N 289 
PRO OXT  O N N 290 
PRO H    H N N 291 
PRO HA   H N N 292 
PRO HB2  H N N 293 
PRO HB3  H N N 294 
PRO HG2  H N N 295 
PRO HG3  H N N 296 
PRO HD2  H N N 297 
PRO HD3  H N N 298 
PRO HXT  H N N 299 
SER N    N N N 300 
SER CA   C N S 301 
SER C    C N N 302 
SER O    O N N 303 
SER CB   C N N 304 
SER OG   O N N 305 
SER OXT  O N N 306 
SER H    H N N 307 
SER H2   H N N 308 
SER HA   H N N 309 
SER HB2  H N N 310 
SER HB3  H N N 311 
SER HG   H N N 312 
SER HXT  H N N 313 
THR N    N N N 314 
THR CA   C N S 315 
THR C    C N N 316 
THR O    O N N 317 
THR CB   C N R 318 
THR OG1  O N N 319 
THR CG2  C N N 320 
THR OXT  O N N 321 
THR H    H N N 322 
THR H2   H N N 323 
THR HA   H N N 324 
THR HB   H N N 325 
THR HG1  H N N 326 
THR HG21 H N N 327 
THR HG22 H N N 328 
THR HG23 H N N 329 
THR HXT  H N N 330 
TRP N    N N N 331 
TRP CA   C N S 332 
TRP C    C N N 333 
TRP O    O N N 334 
TRP CB   C N N 335 
TRP CG   C Y N 336 
TRP CD1  C Y N 337 
TRP CD2  C Y N 338 
TRP NE1  N Y N 339 
TRP CE2  C Y N 340 
TRP CE3  C Y N 341 
TRP CZ2  C Y N 342 
TRP CZ3  C Y N 343 
TRP CH2  C Y N 344 
TRP OXT  O N N 345 
TRP H    H N N 346 
TRP H2   H N N 347 
TRP HA   H N N 348 
TRP HB2  H N N 349 
TRP HB3  H N N 350 
TRP HD1  H N N 351 
TRP HE1  H N N 352 
TRP HE3  H N N 353 
TRP HZ2  H N N 354 
TRP HZ3  H N N 355 
TRP HH2  H N N 356 
TRP HXT  H N N 357 
TRS C    C N N 358 
TRS C1   C N N 359 
TRS C2   C N N 360 
TRS C3   C N N 361 
TRS N    N N N 362 
TRS O1   O N N 363 
TRS O2   O N N 364 
TRS O3   O N N 365 
TRS H11  H N N 366 
TRS H12  H N N 367 
TRS H21  H N N 368 
TRS H22  H N N 369 
TRS H31  H N N 370 
TRS H32  H N N 371 
TRS HN1  H N N 372 
TRS HN2  H N N 373 
TRS HN3  H N N 374 
TRS HO1  H N N 375 
TRS HO2  H N N 376 
TRS HO3  H N N 377 
TYR N    N N N 378 
TYR CA   C N S 379 
TYR C    C N N 380 
TYR O    O N N 381 
TYR CB   C N N 382 
TYR CG   C Y N 383 
TYR CD1  C Y N 384 
TYR CD2  C Y N 385 
TYR CE1  C Y N 386 
TYR CE2  C Y N 387 
TYR CZ   C Y N 388 
TYR OH   O N N 389 
TYR OXT  O N N 390 
TYR H    H N N 391 
TYR H2   H N N 392 
TYR HA   H N N 393 
TYR HB2  H N N 394 
TYR HB3  H N N 395 
TYR HD1  H N N 396 
TYR HD2  H N N 397 
TYR HE1  H N N 398 
TYR HE2  H N N 399 
TYR HH   H N N 400 
TYR HXT  H N N 401 
VAL N    N N N 402 
VAL CA   C N S 403 
VAL C    C N N 404 
VAL O    O N N 405 
VAL CB   C N N 406 
VAL CG1  C N N 407 
VAL CG2  C N N 408 
VAL OXT  O N N 409 
VAL H    H N N 410 
VAL H2   H N N 411 
VAL HA   H N N 412 
VAL HB   H N N 413 
VAL HG11 H N N 414 
VAL HG12 H N N 415 
VAL HG13 H N N 416 
VAL HG21 H N N 417 
VAL HG22 H N N 418 
VAL HG23 H N N 419 
VAL HXT  H N N 420 
Y8G C01  C N N 421 
Y8G C02  C N N 422 
Y8G C03  C N N 423 
Y8G C04  C N N 424 
Y8G C05  C Y N 425 
Y8G C06  C Y N 426 
Y8G C07  C Y N 427 
Y8G C08  C Y N 428 
Y8G S09  S Y N 429 
Y8G H1   H N N 430 
Y8G H2   H N N 431 
Y8G H3   H N N 432 
Y8G H4   H N N 433 
Y8G H5   H N N 434 
Y8G H6   H N N 435 
Y8G H7   H N N 436 
Y8G H8   H N N 437 
Y8G H9   H N N 438 
Y8G H10  H N N 439 
Y8G H11  H N N 440 
Y8G H12  H N N 441 
# 
loop_
_chem_comp_bond.comp_id 
_chem_comp_bond.atom_id_1 
_chem_comp_bond.atom_id_2 
_chem_comp_bond.value_order 
_chem_comp_bond.pdbx_aromatic_flag 
_chem_comp_bond.pdbx_stereo_config 
_chem_comp_bond.pdbx_ordinal 
ALA N   CA   sing N N 1   
ALA N   H    sing N N 2   
ALA N   H2   sing N N 3   
ALA CA  C    sing N N 4   
ALA CA  CB   sing N N 5   
ALA CA  HA   sing N N 6   
ALA C   O    doub N N 7   
ALA C   OXT  sing N N 8   
ALA CB  HB1  sing N N 9   
ALA CB  HB2  sing N N 10  
ALA CB  HB3  sing N N 11  
ALA OXT HXT  sing N N 12  
ARG N   CA   sing N N 13  
ARG N   H    sing N N 14  
ARG N   H2   sing N N 15  
ARG CA  C    sing N N 16  
ARG CA  CB   sing N N 17  
ARG CA  HA   sing N N 18  
ARG C   O    doub N N 19  
ARG C   OXT  sing N N 20  
ARG CB  CG   sing N N 21  
ARG CB  HB2  sing N N 22  
ARG CB  HB3  sing N N 23  
ARG CG  CD   sing N N 24  
ARG CG  HG2  sing N N 25  
ARG CG  HG3  sing N N 26  
ARG CD  NE   sing N N 27  
ARG CD  HD2  sing N N 28  
ARG CD  HD3  sing N N 29  
ARG NE  CZ   sing N N 30  
ARG NE  HE   sing N N 31  
ARG CZ  NH1  sing N N 32  
ARG CZ  NH2  doub N N 33  
ARG NH1 HH11 sing N N 34  
ARG NH1 HH12 sing N N 35  
ARG NH2 HH21 sing N N 36  
ARG NH2 HH22 sing N N 37  
ARG OXT HXT  sing N N 38  
ASN N   CA   sing N N 39  
ASN N   H    sing N N 40  
ASN N   H2   sing N N 41  
ASN CA  C    sing N N 42  
ASN CA  CB   sing N N 43  
ASN CA  HA   sing N N 44  
ASN C   O    doub N N 45  
ASN C   OXT  sing N N 46  
ASN CB  CG   sing N N 47  
ASN CB  HB2  sing N N 48  
ASN CB  HB3  sing N N 49  
ASN CG  OD1  doub N N 50  
ASN CG  ND2  sing N N 51  
ASN ND2 HD21 sing N N 52  
ASN ND2 HD22 sing N N 53  
ASN OXT HXT  sing N N 54  
ASP N   CA   sing N N 55  
ASP N   H    sing N N 56  
ASP N   H2   sing N N 57  
ASP CA  C    sing N N 58  
ASP CA  CB   sing N N 59  
ASP CA  HA   sing N N 60  
ASP C   O    doub N N 61  
ASP C   OXT  sing N N 62  
ASP CB  CG   sing N N 63  
ASP CB  HB2  sing N N 64  
ASP CB  HB3  sing N N 65  
ASP CG  OD1  doub N N 66  
ASP CG  OD2  sing N N 67  
ASP OD2 HD2  sing N N 68  
ASP OXT HXT  sing N N 69  
BME C1  C2   sing N N 70  
BME C1  O1   sing N N 71  
BME C1  H11  sing N N 72  
BME C1  H12  sing N N 73  
BME C2  S2   sing N N 74  
BME C2  H21  sing N N 75  
BME C2  H22  sing N N 76  
BME O1  HO1  sing N N 77  
BME S2  HS2  sing N N 78  
CYS N   CA   sing N N 79  
CYS N   H    sing N N 80  
CYS N   H2   sing N N 81  
CYS CA  C    sing N N 82  
CYS CA  CB   sing N N 83  
CYS CA  HA   sing N N 84  
CYS C   O    doub N N 85  
CYS C   OXT  sing N N 86  
CYS CB  SG   sing N N 87  
CYS CB  HB2  sing N N 88  
CYS CB  HB3  sing N N 89  
CYS SG  HG   sing N N 90  
CYS OXT HXT  sing N N 91  
GLN N   CA   sing N N 92  
GLN N   H    sing N N 93  
GLN N   H2   sing N N 94  
GLN CA  C    sing N N 95  
GLN CA  CB   sing N N 96  
GLN CA  HA   sing N N 97  
GLN C   O    doub N N 98  
GLN C   OXT  sing N N 99  
GLN CB  CG   sing N N 100 
GLN CB  HB2  sing N N 101 
GLN CB  HB3  sing N N 102 
GLN CG  CD   sing N N 103 
GLN CG  HG2  sing N N 104 
GLN CG  HG3  sing N N 105 
GLN CD  OE1  doub N N 106 
GLN CD  NE2  sing N N 107 
GLN NE2 HE21 sing N N 108 
GLN NE2 HE22 sing N N 109 
GLN OXT HXT  sing N N 110 
GLU N   CA   sing N N 111 
GLU N   H    sing N N 112 
GLU N   H2   sing N N 113 
GLU CA  C    sing N N 114 
GLU CA  CB   sing N N 115 
GLU CA  HA   sing N N 116 
GLU C   O    doub N N 117 
GLU C   OXT  sing N N 118 
GLU CB  CG   sing N N 119 
GLU CB  HB2  sing N N 120 
GLU CB  HB3  sing N N 121 
GLU CG  CD   sing N N 122 
GLU CG  HG2  sing N N 123 
GLU CG  HG3  sing N N 124 
GLU CD  OE1  doub N N 125 
GLU CD  OE2  sing N N 126 
GLU OE2 HE2  sing N N 127 
GLU OXT HXT  sing N N 128 
GLY N   CA   sing N N 129 
GLY N   H    sing N N 130 
GLY N   H2   sing N N 131 
GLY CA  C    sing N N 132 
GLY CA  HA2  sing N N 133 
GLY CA  HA3  sing N N 134 
GLY C   O    doub N N 135 
GLY C   OXT  sing N N 136 
GLY OXT HXT  sing N N 137 
HIS N   CA   sing N N 138 
HIS N   H    sing N N 139 
HIS N   H2   sing N N 140 
HIS CA  C    sing N N 141 
HIS CA  CB   sing N N 142 
HIS CA  HA   sing N N 143 
HIS C   O    doub N N 144 
HIS C   OXT  sing N N 145 
HIS CB  CG   sing N N 146 
HIS CB  HB2  sing N N 147 
HIS CB  HB3  sing N N 148 
HIS CG  ND1  sing Y N 149 
HIS CG  CD2  doub Y N 150 
HIS ND1 CE1  doub Y N 151 
HIS ND1 HD1  sing N N 152 
HIS CD2 NE2  sing Y N 153 
HIS CD2 HD2  sing N N 154 
HIS CE1 NE2  sing Y N 155 
HIS CE1 HE1  sing N N 156 
HIS NE2 HE2  sing N N 157 
HIS OXT HXT  sing N N 158 
HOH O   H1   sing N N 159 
HOH O   H2   sing N N 160 
ILE N   CA   sing N N 161 
ILE N   H    sing N N 162 
ILE N   H2   sing N N 163 
ILE CA  C    sing N N 164 
ILE CA  CB   sing N N 165 
ILE CA  HA   sing N N 166 
ILE C   O    doub N N 167 
ILE C   OXT  sing N N 168 
ILE CB  CG1  sing N N 169 
ILE CB  CG2  sing N N 170 
ILE CB  HB   sing N N 171 
ILE CG1 CD1  sing N N 172 
ILE CG1 HG12 sing N N 173 
ILE CG1 HG13 sing N N 174 
ILE CG2 HG21 sing N N 175 
ILE CG2 HG22 sing N N 176 
ILE CG2 HG23 sing N N 177 
ILE CD1 HD11 sing N N 178 
ILE CD1 HD12 sing N N 179 
ILE CD1 HD13 sing N N 180 
ILE OXT HXT  sing N N 181 
LEU N   CA   sing N N 182 
LEU N   H    sing N N 183 
LEU N   H2   sing N N 184 
LEU CA  C    sing N N 185 
LEU CA  CB   sing N N 186 
LEU CA  HA   sing N N 187 
LEU C   O    doub N N 188 
LEU C   OXT  sing N N 189 
LEU CB  CG   sing N N 190 
LEU CB  HB2  sing N N 191 
LEU CB  HB3  sing N N 192 
LEU CG  CD1  sing N N 193 
LEU CG  CD2  sing N N 194 
LEU CG  HG   sing N N 195 
LEU CD1 HD11 sing N N 196 
LEU CD1 HD12 sing N N 197 
LEU CD1 HD13 sing N N 198 
LEU CD2 HD21 sing N N 199 
LEU CD2 HD22 sing N N 200 
LEU CD2 HD23 sing N N 201 
LEU OXT HXT  sing N N 202 
LYS N   CA   sing N N 203 
LYS N   H    sing N N 204 
LYS N   H2   sing N N 205 
LYS CA  C    sing N N 206 
LYS CA  CB   sing N N 207 
LYS CA  HA   sing N N 208 
LYS C   O    doub N N 209 
LYS C   OXT  sing N N 210 
LYS CB  CG   sing N N 211 
LYS CB  HB2  sing N N 212 
LYS CB  HB3  sing N N 213 
LYS CG  CD   sing N N 214 
LYS CG  HG2  sing N N 215 
LYS CG  HG3  sing N N 216 
LYS CD  CE   sing N N 217 
LYS CD  HD2  sing N N 218 
LYS CD  HD3  sing N N 219 
LYS CE  NZ   sing N N 220 
LYS CE  HE2  sing N N 221 
LYS CE  HE3  sing N N 222 
LYS NZ  HZ1  sing N N 223 
LYS NZ  HZ2  sing N N 224 
LYS NZ  HZ3  sing N N 225 
LYS OXT HXT  sing N N 226 
MET N   CA   sing N N 227 
MET N   H    sing N N 228 
MET N   H2   sing N N 229 
MET CA  C    sing N N 230 
MET CA  CB   sing N N 231 
MET CA  HA   sing N N 232 
MET C   O    doub N N 233 
MET C   OXT  sing N N 234 
MET CB  CG   sing N N 235 
MET CB  HB2  sing N N 236 
MET CB  HB3  sing N N 237 
MET CG  SD   sing N N 238 
MET CG  HG2  sing N N 239 
MET CG  HG3  sing N N 240 
MET SD  CE   sing N N 241 
MET CE  HE1  sing N N 242 
MET CE  HE2  sing N N 243 
MET CE  HE3  sing N N 244 
MET OXT HXT  sing N N 245 
PHE N   CA   sing N N 246 
PHE N   H    sing N N 247 
PHE N   H2   sing N N 248 
PHE CA  C    sing N N 249 
PHE CA  CB   sing N N 250 
PHE CA  HA   sing N N 251 
PHE C   O    doub N N 252 
PHE C   OXT  sing N N 253 
PHE CB  CG   sing N N 254 
PHE CB  HB2  sing N N 255 
PHE CB  HB3  sing N N 256 
PHE CG  CD1  doub Y N 257 
PHE CG  CD2  sing Y N 258 
PHE CD1 CE1  sing Y N 259 
PHE CD1 HD1  sing N N 260 
PHE CD2 CE2  doub Y N 261 
PHE CD2 HD2  sing N N 262 
PHE CE1 CZ   doub Y N 263 
PHE CE1 HE1  sing N N 264 
PHE CE2 CZ   sing Y N 265 
PHE CE2 HE2  sing N N 266 
PHE CZ  HZ   sing N N 267 
PHE OXT HXT  sing N N 268 
PRO N   CA   sing N N 269 
PRO N   CD   sing N N 270 
PRO N   H    sing N N 271 
PRO CA  C    sing N N 272 
PRO CA  CB   sing N N 273 
PRO CA  HA   sing N N 274 
PRO C   O    doub N N 275 
PRO C   OXT  sing N N 276 
PRO CB  CG   sing N N 277 
PRO CB  HB2  sing N N 278 
PRO CB  HB3  sing N N 279 
PRO CG  CD   sing N N 280 
PRO CG  HG2  sing N N 281 
PRO CG  HG3  sing N N 282 
PRO CD  HD2  sing N N 283 
PRO CD  HD3  sing N N 284 
PRO OXT HXT  sing N N 285 
SER N   CA   sing N N 286 
SER N   H    sing N N 287 
SER N   H2   sing N N 288 
SER CA  C    sing N N 289 
SER CA  CB   sing N N 290 
SER CA  HA   sing N N 291 
SER C   O    doub N N 292 
SER C   OXT  sing N N 293 
SER CB  OG   sing N N 294 
SER CB  HB2  sing N N 295 
SER CB  HB3  sing N N 296 
SER OG  HG   sing N N 297 
SER OXT HXT  sing N N 298 
THR N   CA   sing N N 299 
THR N   H    sing N N 300 
THR N   H2   sing N N 301 
THR CA  C    sing N N 302 
THR CA  CB   sing N N 303 
THR CA  HA   sing N N 304 
THR C   O    doub N N 305 
THR C   OXT  sing N N 306 
THR CB  OG1  sing N N 307 
THR CB  CG2  sing N N 308 
THR CB  HB   sing N N 309 
THR OG1 HG1  sing N N 310 
THR CG2 HG21 sing N N 311 
THR CG2 HG22 sing N N 312 
THR CG2 HG23 sing N N 313 
THR OXT HXT  sing N N 314 
TRP N   CA   sing N N 315 
TRP N   H    sing N N 316 
TRP N   H2   sing N N 317 
TRP CA  C    sing N N 318 
TRP CA  CB   sing N N 319 
TRP CA  HA   sing N N 320 
TRP C   O    doub N N 321 
TRP C   OXT  sing N N 322 
TRP CB  CG   sing N N 323 
TRP CB  HB2  sing N N 324 
TRP CB  HB3  sing N N 325 
TRP CG  CD1  doub Y N 326 
TRP CG  CD2  sing Y N 327 
TRP CD1 NE1  sing Y N 328 
TRP CD1 HD1  sing N N 329 
TRP CD2 CE2  doub Y N 330 
TRP CD2 CE3  sing Y N 331 
TRP NE1 CE2  sing Y N 332 
TRP NE1 HE1  sing N N 333 
TRP CE2 CZ2  sing Y N 334 
TRP CE3 CZ3  doub Y N 335 
TRP CE3 HE3  sing N N 336 
TRP CZ2 CH2  doub Y N 337 
TRP CZ2 HZ2  sing N N 338 
TRP CZ3 CH2  sing Y N 339 
TRP CZ3 HZ3  sing N N 340 
TRP CH2 HH2  sing N N 341 
TRP OXT HXT  sing N N 342 
TRS C   C1   sing N N 343 
TRS C   C2   sing N N 344 
TRS C   C3   sing N N 345 
TRS C   N    sing N N 346 
TRS C1  O1   sing N N 347 
TRS C1  H11  sing N N 348 
TRS C1  H12  sing N N 349 
TRS C2  O2   sing N N 350 
TRS C2  H21  sing N N 351 
TRS C2  H22  sing N N 352 
TRS C3  O3   sing N N 353 
TRS C3  H31  sing N N 354 
TRS C3  H32  sing N N 355 
TRS N   HN1  sing N N 356 
TRS N   HN2  sing N N 357 
TRS N   HN3  sing N N 358 
TRS O1  HO1  sing N N 359 
TRS O2  HO2  sing N N 360 
TRS O3  HO3  sing N N 361 
TYR N   CA   sing N N 362 
TYR N   H    sing N N 363 
TYR N   H2   sing N N 364 
TYR CA  C    sing N N 365 
TYR CA  CB   sing N N 366 
TYR CA  HA   sing N N 367 
TYR C   O    doub N N 368 
TYR C   OXT  sing N N 369 
TYR CB  CG   sing N N 370 
TYR CB  HB2  sing N N 371 
TYR CB  HB3  sing N N 372 
TYR CG  CD1  doub Y N 373 
TYR CG  CD2  sing Y N 374 
TYR CD1 CE1  sing Y N 375 
TYR CD1 HD1  sing N N 376 
TYR CD2 CE2  doub Y N 377 
TYR CD2 HD2  sing N N 378 
TYR CE1 CZ   doub Y N 379 
TYR CE1 HE1  sing N N 380 
TYR CE2 CZ   sing Y N 381 
TYR CE2 HE2  sing N N 382 
TYR CZ  OH   sing N N 383 
TYR OH  HH   sing N N 384 
TYR OXT HXT  sing N N 385 
VAL N   CA   sing N N 386 
VAL N   H    sing N N 387 
VAL N   H2   sing N N 388 
VAL CA  C    sing N N 389 
VAL CA  CB   sing N N 390 
VAL CA  HA   sing N N 391 
VAL C   O    doub N N 392 
VAL C   OXT  sing N N 393 
VAL CB  CG1  sing N N 394 
VAL CB  CG2  sing N N 395 
VAL CB  HB   sing N N 396 
VAL CG1 HG11 sing N N 397 
VAL CG1 HG12 sing N N 398 
VAL CG1 HG13 sing N N 399 
VAL CG2 HG21 sing N N 400 
VAL CG2 HG22 sing N N 401 
VAL CG2 HG23 sing N N 402 
VAL OXT HXT  sing N N 403 
Y8G C06 C07  sing Y N 404 
Y8G C06 C05  doub Y N 405 
Y8G C07 C08  doub Y N 406 
Y8G C05 C04  sing N N 407 
Y8G C05 S09  sing Y N 408 
Y8G C08 S09  sing Y N 409 
Y8G C04 C03  sing N N 410 
Y8G C03 C02  sing N N 411 
Y8G C02 C01  sing N N 412 
Y8G C01 H1   sing N N 413 
Y8G C01 H2   sing N N 414 
Y8G C01 H3   sing N N 415 
Y8G C02 H4   sing N N 416 
Y8G C02 H5   sing N N 417 
Y8G C03 H6   sing N N 418 
Y8G C03 H7   sing N N 419 
Y8G C04 H8   sing N N 420 
Y8G C04 H9   sing N N 421 
Y8G C06 H10  sing N N 422 
Y8G C07 H11  sing N N 423 
Y8G C08 H12  sing N N 424 
# 
_pdbx_audit_support.funding_organization   
'National Institutes of Health/National Institute of General Medical Sciences (NIH/NIGMS)' 
_pdbx_audit_support.country                'United States' 
_pdbx_audit_support.grant_number           ? 
_pdbx_audit_support.ordinal                1 
# 
_pdbx_entity_instance_feature.ordinal        1 
_pdbx_entity_instance_feature.comp_id        Y8G 
_pdbx_entity_instance_feature.asym_id        ? 
_pdbx_entity_instance_feature.seq_num        ? 
_pdbx_entity_instance_feature.auth_comp_id   Y8G 
_pdbx_entity_instance_feature.auth_asym_id   ? 
_pdbx_entity_instance_feature.auth_seq_num   ? 
_pdbx_entity_instance_feature.feature_type   'SUBJECT OF INVESTIGATION' 
_pdbx_entity_instance_feature.details        ? 
# 
loop_
_pdbx_entity_nonpoly.entity_id 
_pdbx_entity_nonpoly.name 
_pdbx_entity_nonpoly.comp_id 
2 2-butylthiophene                         Y8G 
3 BETA-MERCAPTOETHANOL                     BME 
4 2-AMINO-2-HYDROXYMETHYL-PROPANE-1,3-DIOL TRS 
5 water                                    HOH 
# 
_pdbx_initial_refinement_model.id               1 
_pdbx_initial_refinement_model.entity_id_list   ? 
_pdbx_initial_refinement_model.type             'experimental model' 
_pdbx_initial_refinement_model.source_name      PDB 
_pdbx_initial_refinement_model.accession_code   4W57 
_pdbx_initial_refinement_model.details          ? 
# 
_pdbx_struct_assembly_auth_evidence.id                     1 
_pdbx_struct_assembly_auth_evidence.assembly_id            1 
_pdbx_struct_assembly_auth_evidence.experimental_support   none 
_pdbx_struct_assembly_auth_evidence.details                ? 
# 
